data_6PCI
#
_entry.id   6PCI
#
_cell.length_a   1.00
_cell.length_b   1.00
_cell.length_c   1.00
_cell.angle_alpha   90.00
_cell.angle_beta   90.00
_cell.angle_gamma   90.00
#
_symmetry.space_group_name_H-M   'P 1'
#
loop_
_entity.id
_entity.type
_entity.pdbx_description
1 polymer 'Virion spike glycoprotein'
2 polymer 'rEBOV-548 Fab heavy chain'
3 polymer 'rEBOV-548 Fab light chain'
4 polymer 'Virion spike glycoprotein,Virion spike glycoprotein,Ebola Virus (Makona) GP2'
5 polymer 'rEBOV-520 Fab light chain'
6 polymer 'rEBOV-520 Fab heavy chain'
7 branched alpha-D-mannopyranose-(1-3)-[alpha-D-mannopyranose-(1-6)]beta-D-mannopyranose-(1-4)-2-acetamido-2-deoxy-beta-D-glucopyranose-(1-4)-2-acetamido-2-deoxy-beta-D-glucopyranose
8 non-polymer 2-acetamido-2-deoxy-beta-D-glucopyranose
#
loop_
_entity_poly.entity_id
_entity_poly.type
_entity_poly.pdbx_seq_one_letter_code
_entity_poly.pdbx_strand_id
1 'polypeptide(L)'
;SIPLGVIHNSTLQVSDVDKLVCRDKLSSTNQLRSVGLNLEGNGVATDVPSVTKRWGFRSGVPPKVVNYEAGEWAENCYNL
EIKKPDGSECLPAAPDGIRGFPRCRYVHKVSGTGPCAGDFAFHKEGAFFLYDRLASTVIYRGTTFAEGVVAFLILPQAKK
DFFSSHPLREPVNATEDPSSGYYSTTIRYQATGFGTNETEYLFEVDNLTYVQLESRFTPQFLLQLNETIYASGKRSNTTG
KLIWKVNPEIDTTIGEWAFWETKKNLTRKIRSEELSFT
;
A,B,C
2 'polypeptide(L)'
;QVQVEESGGGVVQPGGSLRLSCAASGFMFSNYGMHWVRQAPGKGLEWMAFIRYDDSKKFYADSVKGRFTISRDNSKNTLY
LQMNSLRAEDTALYYCAKELLQVYTSAWGEGHSYYYALDVWGLGTAVTVSSASFKGPSVFPLAPSSKSTSGGTAALGCLV
KDYFPEPVTVSWNSGALTSGVHTFPAVLQSSGLYSLSSVVTVPSSSLGTQTYICNVNHKPSNTKVDKKVEPKSC
;
H,I,J
3 'polypeptide(L)'
;DIQMTQSPSSVSASVGDRVTITCRASQDISNWLAWYQQKPGKAPELLIYTASILQSGVSSRFSGSGSGTDFTLTISSLQP
EDSATYYCQQGKSFPYTFGQGTKLEIKRTAAAPSVFIFPPSDEQLKSGTASVVCLLNNFYPREAKVQWKVDNALQSGNSQ
ESVTEQDSKDSTYSLSSTLTLSKADYEKHKVYACEVTHQGLSSPVTKSFNRGEC
;
K,L,M
4 'polypeptide(L)'
;NNNTHHQDTGEESASSGKLGLITNTIAGVAGLITGGRRTRREVIVNAQPKCNPNLHFWTTQDEGAAIGLAWIPYFGPAAE
GIYTEGLMHNQDGLICGLRQLANETTQALQLFLRATTELRTFSILNRKAIDFLLQRWGGTCHILGPDCCIEPHDWTKNIT
DKIDQIIHDDDDKAGWSHPQFEKGGGSGGGSGGGSWSHPQFEK
;
D,E,F
5 'polypeptide(L)'
;EIVLTQSPGTLSLSPGERATLSCRASQSVSSSYFAWYQQKPGQAPRLLISGTSTRAPGIPDRFSGSGSGTDFTLTISRLE
PEDFAVYFCQQYGNSLYTFGQGTKLEIKRTAAAPSVFIFPPSDEQLKSGTASVVCLLNNFYPREAKVQWKVDNALQSGNS
QESVTEQDSKDSTYSLSSTLTLSKADYEKHKVYACEVTHQGLSSPVTKSFNRGEC
;
Q,R,S
6 'polypeptide(L)'
;QVQLQESGPGLGKPSETLSLSCTVSGASIRGYFWNWIRQPPGKGLEWIGYIHSTGSTNYNPSLKSRVTISVDTSKNQVSL
NVNSVTAADTAVYFCARGAWNVATVYYYYGMDVWGQGTLVTVSSASFKGPSVFPLAPSSKSTSGGTAALGCLVKDYFPEP
VTVSWNSGALTSGVHTFPAVLQSSGLYSLSSVVTVPSSSLGTQTYICNVNHKPSNTKVDKKVEPKSC
;
N,O,P
#
# COMPACT_ATOMS: atom_id res chain seq x y z
N SER A 1 12.47 7.68 -31.01
CA SER A 1 12.26 7.00 -29.74
C SER A 1 13.45 7.15 -28.82
N ILE A 2 13.48 6.33 -27.78
CA ILE A 2 14.56 6.32 -26.80
C ILE A 2 15.84 5.85 -27.47
N PRO A 3 16.89 6.66 -27.45
CA PRO A 3 18.12 6.26 -28.13
C PRO A 3 18.85 5.18 -27.35
N LEU A 4 19.85 4.62 -28.00
CA LEU A 4 20.48 3.39 -27.56
C LEU A 4 21.89 3.34 -28.10
N GLY A 5 22.79 2.71 -27.36
CA GLY A 5 24.18 2.64 -27.74
C GLY A 5 24.58 1.24 -28.13
N VAL A 6 25.83 1.10 -28.58
CA VAL A 6 26.36 -0.18 -29.02
C VAL A 6 27.88 -0.15 -28.91
N ILE A 7 28.46 -1.27 -28.50
CA ILE A 7 29.90 -1.42 -28.40
C ILE A 7 30.36 -2.20 -29.62
N HIS A 8 31.41 -1.74 -30.27
CA HIS A 8 31.89 -2.37 -31.50
C HIS A 8 33.38 -2.08 -31.66
N ASN A 9 34.21 -3.12 -31.47
CA ASN A 9 35.67 -3.01 -31.39
C ASN A 9 36.09 -1.95 -30.38
N SER A 10 35.44 -2.00 -29.21
CA SER A 10 35.63 -1.05 -28.11
C SER A 10 35.42 0.40 -28.55
N THR A 11 34.36 0.63 -29.30
CA THR A 11 34.00 1.96 -29.78
C THR A 11 32.50 2.15 -29.67
N LEU A 12 32.10 3.23 -29.01
CA LEU A 12 30.69 3.47 -28.71
C LEU A 12 30.01 4.17 -29.86
N GLN A 13 28.95 3.57 -30.38
CA GLN A 13 28.15 4.17 -31.43
C GLN A 13 26.71 4.26 -30.98
N VAL A 14 25.99 5.23 -31.53
CA VAL A 14 24.54 5.25 -31.37
C VAL A 14 23.96 4.03 -32.06
N SER A 15 23.21 3.23 -31.32
CA SER A 15 22.58 2.04 -31.89
C SER A 15 21.48 2.50 -32.83
N ASP A 16 21.83 2.63 -34.09
CA ASP A 16 20.89 3.12 -35.09
C ASP A 16 19.96 1.97 -35.45
N VAL A 17 18.75 1.98 -34.87
CA VAL A 17 17.69 1.08 -35.28
C VAL A 17 16.82 1.72 -36.36
N ASP A 18 16.97 3.02 -36.59
CA ASP A 18 16.32 3.68 -37.70
C ASP A 18 16.93 3.26 -39.03
N LYS A 19 18.26 3.29 -39.13
CA LYS A 19 19.01 2.69 -40.22
C LYS A 19 19.77 1.52 -39.60
N LEU A 20 19.27 0.31 -39.82
CA LEU A 20 19.72 -0.86 -39.08
C LEU A 20 21.17 -1.20 -39.37
N VAL A 21 21.93 -1.37 -38.30
CA VAL A 21 23.34 -1.74 -38.38
C VAL A 21 23.37 -3.26 -38.28
N CYS A 22 23.27 -3.94 -39.41
CA CYS A 22 23.09 -5.38 -39.44
C CYS A 22 24.34 -6.14 -39.06
N ARG A 23 25.50 -5.48 -39.07
CA ARG A 23 26.77 -6.12 -38.81
C ARG A 23 26.97 -6.50 -37.34
N ASP A 24 26.14 -5.97 -36.44
CA ASP A 24 26.31 -6.16 -35.00
C ASP A 24 25.17 -7.01 -34.50
N LYS A 25 25.46 -8.26 -34.16
CA LYS A 25 24.45 -9.24 -33.88
C LYS A 25 24.09 -9.25 -32.41
N LEU A 26 22.80 -9.33 -32.14
CA LEU A 26 22.24 -9.33 -30.80
C LEU A 26 21.77 -10.75 -30.51
N SER A 27 22.52 -11.46 -29.68
CA SER A 27 22.30 -12.90 -29.57
C SER A 27 21.61 -13.33 -28.29
N SER A 28 21.59 -12.50 -27.27
CA SER A 28 21.01 -12.91 -26.00
C SER A 28 20.55 -11.69 -25.22
N THR A 29 19.61 -11.91 -24.30
CA THR A 29 19.21 -10.84 -23.41
C THR A 29 20.23 -10.53 -22.33
N ASN A 30 21.22 -11.40 -22.15
CA ASN A 30 22.35 -11.04 -21.30
C ASN A 30 23.17 -9.91 -21.89
N GLN A 31 23.15 -9.75 -23.20
CA GLN A 31 23.86 -8.69 -23.89
C GLN A 31 23.25 -7.33 -23.65
N LEU A 32 22.13 -7.23 -22.95
CA LEU A 32 21.54 -5.95 -22.64
C LEU A 32 21.77 -5.60 -21.18
N ARG A 33 22.39 -4.46 -20.96
CA ARG A 33 22.52 -3.91 -19.63
C ARG A 33 21.93 -2.53 -19.65
N SER A 34 21.64 -2.03 -18.46
CA SER A 34 21.09 -0.70 -18.28
C SER A 34 21.86 -0.06 -17.14
N VAL A 35 22.68 0.93 -17.46
CA VAL A 35 23.68 1.43 -16.54
C VAL A 35 23.27 2.83 -16.11
N GLY A 36 23.65 3.21 -14.89
CA GLY A 36 23.39 4.54 -14.39
C GLY A 36 24.67 5.26 -14.08
N LEU A 37 24.77 6.55 -14.42
CA LEU A 37 26.01 7.28 -14.29
C LEU A 37 25.79 8.57 -13.52
N ASN A 38 26.73 8.89 -12.64
CA ASN A 38 26.53 9.98 -11.69
C ASN A 38 26.85 11.33 -12.29
N LEU A 39 26.22 12.36 -11.74
CA LEU A 39 26.53 13.74 -12.06
C LEU A 39 27.84 14.20 -11.45
N GLU A 40 28.48 13.40 -10.60
CA GLU A 40 29.85 13.69 -10.18
C GLU A 40 30.80 13.60 -11.35
N GLY A 41 30.50 12.75 -12.32
CA GLY A 41 31.35 12.63 -13.48
C GLY A 41 31.40 13.86 -14.34
N ASN A 42 30.27 14.53 -14.55
CA ASN A 42 30.24 15.69 -15.41
C ASN A 42 30.93 16.88 -14.79
N GLY A 43 31.05 16.92 -13.47
CA GLY A 43 31.74 18.03 -12.86
C GLY A 43 30.84 19.10 -12.27
N VAL A 44 29.59 18.78 -11.97
CA VAL A 44 28.74 19.74 -11.29
C VAL A 44 29.23 19.88 -9.85
N ALA A 45 29.00 21.05 -9.26
CA ALA A 45 29.40 21.28 -7.89
C ALA A 45 28.59 20.39 -6.95
N THR A 46 29.24 19.94 -5.89
CA THR A 46 28.66 18.89 -5.05
C THR A 46 28.38 19.33 -3.63
N ASP A 47 28.82 20.49 -3.21
CA ASP A 47 28.54 20.88 -1.84
C ASP A 47 27.11 21.40 -1.73
N VAL A 48 26.53 21.19 -0.55
CA VAL A 48 25.09 21.41 -0.31
C VAL A 48 24.56 22.80 -0.69
N PRO A 49 25.24 23.92 -0.39
CA PRO A 49 24.73 25.21 -0.87
C PRO A 49 24.75 25.36 -2.36
N SER A 50 25.56 24.59 -3.08
CA SER A 50 25.41 24.51 -4.51
C SER A 50 24.38 23.48 -4.93
N VAL A 51 24.10 22.52 -4.06
CA VAL A 51 23.18 21.44 -4.41
C VAL A 51 21.76 21.93 -4.43
N THR A 52 21.28 22.48 -3.32
CA THR A 52 19.84 22.64 -3.18
C THR A 52 19.28 23.83 -3.92
N LYS A 53 20.05 24.45 -4.80
CA LYS A 53 19.46 25.29 -5.82
C LYS A 53 19.00 24.49 -7.02
N ARG A 54 19.49 23.25 -7.18
CA ARG A 54 19.04 22.43 -8.29
C ARG A 54 17.75 21.70 -7.98
N TRP A 55 17.24 21.81 -6.77
CA TRP A 55 16.06 21.08 -6.37
C TRP A 55 14.91 22.05 -6.21
N GLY A 56 13.70 21.53 -6.22
CA GLY A 56 12.56 22.42 -6.16
C GLY A 56 11.29 21.63 -6.00
N PHE A 57 10.24 22.33 -5.60
CA PHE A 57 8.99 21.69 -5.24
C PHE A 57 7.92 21.98 -6.27
N ARG A 58 6.97 21.06 -6.40
CA ARG A 58 5.95 21.11 -7.43
C ARG A 58 4.80 20.24 -6.98
N SER A 59 3.59 20.61 -7.38
CA SER A 59 2.43 19.78 -7.18
C SER A 59 1.77 19.50 -8.51
N GLY A 60 0.91 18.48 -8.52
CA GLY A 60 0.10 18.21 -9.68
C GLY A 60 0.72 17.31 -10.73
N VAL A 61 1.88 16.72 -10.47
CA VAL A 61 2.57 15.86 -11.40
C VAL A 61 2.82 14.52 -10.70
N PRO A 62 2.52 13.39 -11.33
CA PRO A 62 2.77 12.12 -10.67
C PRO A 62 4.25 11.74 -10.76
N PRO A 63 4.74 10.97 -9.80
CA PRO A 63 6.14 10.55 -9.84
C PRO A 63 6.31 9.28 -10.64
N LYS A 64 7.54 9.04 -11.08
CA LYS A 64 7.82 7.85 -11.86
C LYS A 64 9.14 7.23 -11.43
N VAL A 65 9.30 5.94 -11.74
CA VAL A 65 10.42 5.12 -11.30
C VAL A 65 10.80 4.14 -12.41
N VAL A 66 12.08 4.12 -12.76
CA VAL A 66 12.62 3.18 -13.72
C VAL A 66 13.82 2.50 -13.10
N ASN A 67 14.07 1.24 -13.47
CA ASN A 67 15.21 0.52 -12.92
C ASN A 67 16.38 0.49 -13.89
N TYR A 68 17.53 0.13 -13.36
CA TYR A 68 18.75 -0.04 -14.12
C TYR A 68 19.45 -1.26 -13.55
N GLU A 69 20.70 -1.48 -13.95
CA GLU A 69 21.35 -2.72 -13.56
C GLU A 69 22.76 -2.57 -13.02
N ALA A 70 23.41 -1.43 -13.24
CA ALA A 70 24.71 -1.17 -12.63
C ALA A 70 24.92 0.33 -12.58
N GLY A 71 25.77 0.76 -11.65
CA GLY A 71 25.94 2.19 -11.47
C GLY A 71 27.37 2.52 -11.12
N GLU A 72 27.65 3.81 -11.08
CA GLU A 72 28.96 4.23 -10.63
C GLU A 72 29.05 4.10 -9.13
N TRP A 73 30.25 3.81 -8.67
CA TRP A 73 30.64 4.15 -7.31
C TRP A 73 30.52 5.65 -7.15
N ALA A 74 30.02 6.09 -6.02
CA ALA A 74 29.73 7.50 -5.82
C ALA A 74 30.67 8.09 -4.80
N GLU A 75 30.78 9.42 -4.82
CA GLU A 75 31.60 10.09 -3.84
C GLU A 75 30.74 10.86 -2.86
N ASN A 76 29.55 11.29 -3.28
CA ASN A 76 28.67 12.04 -2.40
C ASN A 76 27.25 11.50 -2.50
N CYS A 77 26.67 11.20 -1.37
CA CYS A 77 25.29 10.75 -1.31
C CYS A 77 24.52 11.63 -0.33
N TYR A 78 23.26 11.84 -0.60
CA TYR A 78 22.47 12.83 0.13
C TYR A 78 21.33 12.14 0.84
N ASN A 79 20.69 12.85 1.76
CA ASN A 79 19.56 12.31 2.48
C ASN A 79 18.80 13.50 3.05
N LEU A 80 17.48 13.41 3.15
CA LEU A 80 16.68 14.54 3.59
C LEU A 80 15.61 14.12 4.58
N GLU A 81 15.30 15.03 5.51
CA GLU A 81 14.13 14.98 6.39
C GLU A 81 13.69 16.43 6.60
N ILE A 82 12.76 16.90 5.81
CA ILE A 82 12.35 18.30 5.88
C ILE A 82 10.92 18.38 6.35
N LYS A 83 10.70 19.19 7.39
CA LYS A 83 9.36 19.37 7.94
C LYS A 83 8.77 20.68 7.47
N LYS A 84 7.47 20.64 7.16
CA LYS A 84 6.70 21.85 6.95
C LYS A 84 6.62 22.62 8.26
N PRO A 85 6.43 23.94 8.21
CA PRO A 85 6.42 24.73 9.45
C PRO A 85 5.24 24.42 10.35
N ASP A 86 4.17 23.83 9.85
CA ASP A 86 3.11 23.38 10.73
C ASP A 86 3.34 22.01 11.30
N GLY A 87 4.54 21.45 11.14
CA GLY A 87 4.91 20.22 11.79
C GLY A 87 4.76 18.97 10.96
N SER A 88 4.29 19.07 9.73
CA SER A 88 4.14 17.89 8.90
C SER A 88 5.34 17.74 7.97
N GLU A 89 5.44 16.56 7.36
CA GLU A 89 6.57 16.25 6.50
C GLU A 89 6.36 16.75 5.09
N CYS A 90 7.39 17.39 4.56
CA CYS A 90 7.38 17.81 3.17
C CYS A 90 7.51 16.62 2.25
N LEU A 91 8.32 15.66 2.65
CA LEU A 91 8.60 14.66 1.65
C LEU A 91 7.78 13.42 1.91
N PRO A 92 7.30 12.76 0.86
CA PRO A 92 6.53 11.53 1.07
C PRO A 92 7.45 10.43 1.54
N ALA A 93 6.88 9.53 2.34
CA ALA A 93 7.62 8.37 2.79
C ALA A 93 7.86 7.42 1.64
N ALA A 94 8.91 6.61 1.77
CA ALA A 94 9.29 5.74 0.68
C ALA A 94 8.37 4.53 0.61
N PRO A 95 7.80 4.25 -0.56
CA PRO A 95 7.10 2.98 -0.75
C PRO A 95 8.10 1.84 -0.79
N ASP A 96 7.58 0.62 -0.67
CA ASP A 96 8.45 -0.50 -0.41
C ASP A 96 9.14 -0.92 -1.70
N GLY A 97 10.24 -1.64 -1.54
CA GLY A 97 11.12 -1.91 -2.65
C GLY A 97 12.19 -0.86 -2.85
N ILE A 98 12.20 0.15 -2.02
CA ILE A 98 13.23 1.18 -2.07
C ILE A 98 14.23 0.92 -0.97
N ARG A 99 15.48 0.79 -1.35
CA ARG A 99 16.58 0.83 -0.40
C ARG A 99 17.50 1.97 -0.80
N GLY A 100 18.41 2.32 0.09
CA GLY A 100 19.30 3.43 -0.18
C GLY A 100 20.30 3.12 -1.28
N PHE A 101 20.98 4.15 -1.72
CA PHE A 101 22.01 3.95 -2.72
C PHE A 101 23.21 3.31 -2.04
N PRO A 102 23.71 2.19 -2.54
CA PRO A 102 24.41 1.25 -1.68
C PRO A 102 25.91 1.48 -1.55
N ARG A 103 26.55 2.12 -2.51
CA ARG A 103 27.99 2.37 -2.41
C ARG A 103 28.21 3.87 -2.36
N CYS A 104 28.48 4.40 -1.18
CA CYS A 104 28.66 5.84 -1.01
C CYS A 104 29.90 6.09 -0.19
N ARG A 105 30.65 7.11 -0.58
CA ARG A 105 31.71 7.56 0.30
C ARG A 105 31.15 8.31 1.50
N TYR A 106 30.53 9.45 1.25
CA TYR A 106 30.01 10.28 2.33
C TYR A 106 28.51 10.49 2.18
N VAL A 107 27.84 10.57 3.31
CA VAL A 107 26.40 10.79 3.36
C VAL A 107 26.15 12.17 3.94
N HIS A 108 25.58 13.05 3.15
CA HIS A 108 25.25 14.39 3.61
C HIS A 108 23.83 14.38 4.14
N LYS A 109 23.64 13.87 5.34
CA LYS A 109 22.33 13.81 5.97
C LYS A 109 21.92 15.21 6.36
N VAL A 110 20.78 15.66 5.86
CA VAL A 110 20.33 17.03 6.01
C VAL A 110 18.91 17.04 6.55
N SER A 111 18.71 17.72 7.66
CA SER A 111 17.38 17.90 8.21
C SER A 111 17.08 19.38 8.37
N GLY A 112 15.87 19.66 8.82
CA GLY A 112 15.49 21.05 9.05
C GLY A 112 14.12 21.33 8.46
N THR A 113 13.87 22.61 8.21
CA THR A 113 12.56 23.06 7.78
C THR A 113 12.66 23.95 6.56
N GLY A 114 11.50 24.19 5.95
CA GLY A 114 11.38 25.04 4.80
C GLY A 114 9.92 25.32 4.53
N PRO A 115 9.63 26.23 3.60
CA PRO A 115 8.23 26.54 3.30
C PRO A 115 7.48 25.39 2.65
N CYS A 116 8.10 24.69 1.72
CA CYS A 116 7.58 23.48 1.09
C CYS A 116 6.27 23.74 0.35
N ALA A 117 6.37 24.62 -0.65
CA ALA A 117 5.21 24.97 -1.47
C ALA A 117 5.07 23.97 -2.62
N GLY A 118 4.41 22.86 -2.31
CA GLY A 118 4.16 21.86 -3.33
C GLY A 118 4.07 20.49 -2.71
N ASP A 119 3.89 19.50 -3.57
CA ASP A 119 3.77 18.13 -3.08
C ASP A 119 5.10 17.40 -3.05
N PHE A 120 5.83 17.41 -4.16
CA PHE A 120 6.98 16.54 -4.36
C PHE A 120 8.22 17.39 -4.54
N ALA A 121 9.36 16.72 -4.65
CA ALA A 121 10.63 17.39 -4.87
C ALA A 121 11.20 16.94 -6.21
N PHE A 122 11.29 17.84 -7.18
CA PHE A 122 11.76 17.46 -8.50
C PHE A 122 13.15 18.01 -8.72
N HIS A 123 13.83 17.46 -9.72
CA HIS A 123 15.14 17.95 -10.09
C HIS A 123 15.02 18.95 -11.22
N LYS A 124 15.58 20.14 -11.02
CA LYS A 124 15.34 21.23 -11.97
C LYS A 124 15.99 21.00 -13.32
N GLU A 125 17.07 20.24 -13.38
CA GLU A 125 17.67 19.92 -14.66
C GLU A 125 17.18 18.59 -15.20
N GLY A 126 16.15 18.02 -14.61
CA GLY A 126 15.57 16.82 -15.15
C GLY A 126 16.40 15.58 -14.95
N ALA A 127 17.36 15.62 -14.05
CA ALA A 127 18.13 14.42 -13.78
C ALA A 127 17.31 13.43 -12.98
N PHE A 128 17.90 12.29 -12.70
CA PHE A 128 17.26 11.31 -11.86
C PHE A 128 17.81 11.36 -10.45
N PHE A 129 17.09 10.72 -9.54
CA PHE A 129 17.55 10.53 -8.19
C PHE A 129 17.80 9.05 -7.99
N LEU A 130 19.07 8.67 -7.90
CA LEU A 130 19.45 7.27 -7.99
C LEU A 130 19.32 6.62 -6.63
N TYR A 131 18.41 5.67 -6.53
CA TYR A 131 18.23 4.81 -5.38
C TYR A 131 18.88 3.47 -5.67
N ASP A 132 18.57 2.47 -4.83
CA ASP A 132 19.08 1.12 -5.04
C ASP A 132 18.49 0.50 -6.29
N ARG A 133 19.24 0.55 -7.39
CA ARG A 133 18.88 -0.05 -8.68
C ARG A 133 17.54 0.45 -9.20
N LEU A 134 17.14 1.65 -8.78
CA LEU A 134 15.86 2.23 -9.14
C LEU A 134 16.01 3.73 -9.24
N ALA A 135 16.14 4.23 -10.45
CA ALA A 135 16.16 5.67 -10.66
C ALA A 135 14.74 6.17 -10.46
N SER A 136 14.59 7.23 -9.68
CA SER A 136 13.30 7.86 -9.52
C SER A 136 13.41 9.31 -9.97
N THR A 137 12.28 10.00 -9.95
CA THR A 137 12.29 11.43 -10.19
C THR A 137 11.76 12.24 -9.05
N VAL A 138 11.70 11.67 -7.84
CA VAL A 138 11.31 12.40 -6.65
C VAL A 138 12.25 12.02 -5.53
N ILE A 139 12.17 12.76 -4.44
CA ILE A 139 12.94 12.43 -3.25
C ILE A 139 12.04 11.80 -2.22
N TYR A 140 12.38 10.60 -1.80
CA TYR A 140 11.66 9.99 -0.71
C TYR A 140 12.32 10.39 0.61
N ARG A 141 11.51 10.45 1.66
CA ARG A 141 12.01 10.86 2.96
C ARG A 141 12.93 9.81 3.53
N GLY A 142 14.12 10.24 3.93
CA GLY A 142 14.97 9.39 4.72
C GLY A 142 15.65 8.27 3.97
N THR A 143 15.80 8.38 2.66
CA THR A 143 16.43 7.33 1.90
C THR A 143 17.62 7.88 1.13
N THR A 144 18.79 7.32 1.40
CA THR A 144 20.02 7.91 0.91
C THR A 144 20.19 7.65 -0.58
N PHE A 145 20.33 8.72 -1.35
CA PHE A 145 20.38 8.63 -2.79
C PHE A 145 21.66 9.26 -3.30
N ALA A 146 21.80 9.23 -4.61
CA ALA A 146 22.82 10.00 -5.29
C ALA A 146 22.23 10.55 -6.58
N GLU A 147 22.89 11.56 -7.15
CA GLU A 147 22.36 12.18 -8.36
C GLU A 147 23.01 11.61 -9.60
N GLY A 148 22.25 11.56 -10.68
CA GLY A 148 22.82 11.15 -11.94
C GLY A 148 21.76 10.73 -12.92
N VAL A 149 22.21 10.16 -14.03
CA VAL A 149 21.34 9.79 -15.14
C VAL A 149 21.62 8.35 -15.54
N VAL A 150 20.88 7.89 -16.56
CA VAL A 150 20.86 6.50 -16.98
C VAL A 150 21.16 6.43 -18.46
N ALA A 151 22.10 5.57 -18.84
CA ALA A 151 22.36 5.27 -20.25
C ALA A 151 22.04 3.81 -20.53
N PHE A 152 21.63 3.54 -21.76
CA PHE A 152 21.28 2.21 -22.21
C PHE A 152 22.37 1.66 -23.10
N LEU A 153 22.54 0.34 -23.10
CA LEU A 153 23.67 -0.25 -23.80
C LEU A 153 23.27 -1.53 -24.51
N ILE A 154 24.14 -1.94 -25.42
CA ILE A 154 24.14 -3.27 -26.00
C ILE A 154 25.57 -3.79 -25.92
N LEU A 155 25.76 -4.92 -25.26
CA LEU A 155 27.10 -5.36 -24.89
C LEU A 155 27.73 -6.23 -25.98
N PRO A 156 29.06 -6.23 -26.08
CA PRO A 156 29.73 -7.14 -27.00
C PRO A 156 29.93 -8.49 -26.37
N GLN A 157 30.53 -9.39 -27.14
CA GLN A 157 30.90 -10.70 -26.61
C GLN A 157 32.34 -11.05 -26.94
N TYR A 183 31.44 1.08 6.00
CA TYR A 183 32.10 1.64 4.83
C TYR A 183 32.01 3.16 4.82
N SER A 184 30.80 3.65 4.99
CA SER A 184 30.49 5.04 4.72
C SER A 184 30.84 5.93 5.91
N THR A 185 30.48 7.20 5.79
CA THR A 185 30.73 8.21 6.81
C THR A 185 29.61 9.23 6.78
N THR A 186 29.01 9.47 7.94
CA THR A 186 27.80 10.28 8.02
C THR A 186 28.15 11.70 8.44
N ILE A 187 27.64 12.68 7.71
CA ILE A 187 27.82 14.08 8.06
C ILE A 187 26.45 14.74 8.17
N ARG A 188 26.13 15.27 9.33
CA ARG A 188 24.79 15.79 9.59
C ARG A 188 24.77 17.30 9.47
N TYR A 189 23.73 17.82 8.82
CA TYR A 189 23.53 19.26 8.70
C TYR A 189 22.23 19.66 9.36
N GLN A 190 21.96 20.96 9.33
CA GLN A 190 20.63 21.50 9.55
C GLN A 190 20.39 22.64 8.58
N ALA A 191 19.12 22.95 8.36
CA ALA A 191 18.77 23.96 7.38
C ALA A 191 17.47 24.64 7.78
N THR A 192 17.40 25.93 7.53
CA THR A 192 16.20 26.69 7.83
C THR A 192 15.81 27.48 6.59
N GLY A 193 14.54 27.39 6.23
CA GLY A 193 14.10 28.00 5.00
C GLY A 193 14.54 27.24 3.77
N PHE A 194 14.43 25.92 3.81
CA PHE A 194 14.94 25.06 2.75
C PHE A 194 14.20 25.28 1.44
N GLY A 195 14.95 25.29 0.35
CA GLY A 195 14.39 25.45 -0.97
C GLY A 195 14.59 26.83 -1.57
N THR A 196 14.40 27.88 -0.79
CA THR A 196 14.56 29.24 -1.26
C THR A 196 16.03 29.58 -1.45
N ASN A 197 16.30 30.77 -1.93
CA ASN A 197 17.67 31.21 -2.10
C ASN A 197 18.27 31.83 -0.84
N GLU A 198 17.55 31.79 0.26
CA GLU A 198 18.00 32.37 1.52
C GLU A 198 18.14 31.34 2.61
N THR A 199 18.44 30.09 2.27
CA THR A 199 18.48 29.03 3.24
C THR A 199 19.79 29.01 3.99
N GLU A 200 19.74 29.05 5.31
CA GLU A 200 20.95 29.02 6.12
C GLU A 200 21.31 27.59 6.46
N TYR A 201 22.61 27.33 6.62
CA TYR A 201 23.13 25.99 6.78
C TYR A 201 24.00 25.90 8.02
N LEU A 202 23.80 24.83 8.77
CA LEU A 202 24.49 24.58 10.01
C LEU A 202 25.18 23.23 9.95
N PHE A 203 26.26 23.08 10.70
CA PHE A 203 26.84 21.78 10.93
C PHE A 203 26.09 21.16 12.10
N GLU A 204 26.49 19.98 12.52
CA GLU A 204 26.03 19.40 13.77
C GLU A 204 27.16 18.62 14.40
N VAL A 205 27.50 18.96 15.63
CA VAL A 205 28.43 18.18 16.44
C VAL A 205 27.68 17.20 17.32
N ASP A 206 26.74 17.68 18.12
CA ASP A 206 25.72 16.83 18.70
C ASP A 206 24.39 17.55 18.59
N ASN A 207 23.39 17.06 19.31
CA ASN A 207 22.06 17.64 19.19
C ASN A 207 21.92 18.98 19.91
N LEU A 208 22.99 19.48 20.53
CA LEU A 208 22.96 20.85 21.03
C LEU A 208 24.09 21.70 20.51
N THR A 209 25.28 21.14 20.30
CA THR A 209 26.45 21.91 19.91
C THR A 209 26.63 21.83 18.40
N TYR A 210 26.84 22.97 17.76
CA TYR A 210 27.17 23.01 16.35
C TYR A 210 27.79 24.35 15.99
N VAL A 211 27.94 24.56 14.68
CA VAL A 211 28.74 25.64 14.13
C VAL A 211 28.24 25.99 12.75
N GLN A 212 28.13 27.29 12.47
CA GLN A 212 27.61 27.76 11.20
C GLN A 212 28.58 27.48 10.08
N LEU A 213 28.05 27.14 8.90
CA LEU A 213 28.86 26.82 7.74
C LEU A 213 29.22 28.07 6.96
N GLU A 214 30.38 28.00 6.32
CA GLU A 214 30.78 28.97 5.30
C GLU A 214 31.23 28.19 4.08
N SER A 215 31.26 28.89 2.95
CA SER A 215 31.47 28.24 1.67
C SER A 215 32.88 27.68 1.51
N ARG A 216 33.86 28.23 2.21
CA ARG A 216 35.25 27.83 2.02
C ARG A 216 35.63 26.58 2.81
N PHE A 217 34.68 25.74 3.18
CA PHE A 217 34.93 24.67 4.15
C PHE A 217 34.93 23.32 3.46
N THR A 218 36.06 22.66 3.49
CA THR A 218 36.16 21.26 3.14
C THR A 218 35.51 20.44 4.24
N PRO A 219 35.05 19.23 3.92
CA PRO A 219 34.53 18.37 4.98
C PRO A 219 35.61 17.83 5.91
N GLN A 220 36.85 17.73 5.43
CA GLN A 220 37.95 17.30 6.31
C GLN A 220 38.22 18.33 7.38
N PHE A 221 38.01 19.60 7.04
CA PHE A 221 38.06 20.68 8.03
C PHE A 221 37.02 20.45 9.10
N LEU A 222 35.85 19.95 8.72
CA LEU A 222 34.81 19.66 9.69
C LEU A 222 35.13 18.40 10.49
N LEU A 223 35.86 17.46 9.89
CA LEU A 223 36.25 16.27 10.63
C LEU A 223 37.29 16.59 11.68
N GLN A 224 38.24 17.44 11.32
CA GLN A 224 39.13 18.00 12.33
C GLN A 224 38.37 18.84 13.34
N LEU A 225 37.24 19.41 12.95
CA LEU A 225 36.51 20.26 13.86
C LEU A 225 35.78 19.45 14.94
N ASN A 226 35.05 18.37 14.58
CA ASN A 226 34.45 17.58 15.67
C ASN A 226 35.50 16.84 16.47
N GLU A 227 36.62 16.46 15.84
CA GLU A 227 37.64 15.81 16.64
C GLU A 227 38.29 16.80 17.60
N THR A 228 38.47 18.04 17.15
CA THR A 228 38.99 19.10 18.00
C THR A 228 38.04 19.42 19.13
N ILE A 229 36.74 19.42 18.85
CA ILE A 229 35.78 19.82 19.85
C ILE A 229 35.58 18.71 20.87
N TYR A 230 35.62 17.45 20.42
CA TYR A 230 35.55 16.36 21.39
C TYR A 230 36.84 16.23 22.17
N ALA A 231 37.95 16.70 21.62
CA ALA A 231 39.18 16.73 22.39
C ALA A 231 39.15 17.84 23.43
N SER A 232 38.89 19.08 23.00
CA SER A 232 38.89 20.24 23.86
C SER A 232 37.62 20.37 24.68
N GLY A 233 36.66 19.47 24.49
CA GLY A 233 35.47 19.47 25.33
C GLY A 233 34.56 20.65 25.16
N LYS A 234 34.63 21.35 24.03
CA LYS A 234 33.85 22.57 23.82
C LYS A 234 32.46 22.23 23.30
N ARG A 235 31.73 21.49 24.11
CA ARG A 235 30.42 20.97 23.77
C ARG A 235 29.38 21.69 24.60
N SER A 236 28.15 21.21 24.52
CA SER A 236 27.13 21.67 25.44
C SER A 236 27.33 21.06 26.82
N ASN A 237 27.46 21.91 27.82
CA ASN A 237 27.24 21.47 29.19
C ASN A 237 26.01 22.16 29.77
N THR A 238 25.12 22.61 28.89
CA THR A 238 23.87 23.26 29.25
C THR A 238 22.69 22.57 28.60
N THR A 239 21.53 23.23 28.60
CA THR A 239 20.35 22.71 27.95
C THR A 239 19.98 23.44 26.67
N GLY A 240 20.73 24.45 26.27
CA GLY A 240 20.39 25.23 25.09
C GLY A 240 21.13 24.78 23.85
N LYS A 241 20.84 25.48 22.75
CA LYS A 241 21.48 25.19 21.47
C LYS A 241 22.70 26.08 21.35
N LEU A 242 23.66 25.60 20.56
CA LEU A 242 24.99 26.17 20.51
C LEU A 242 25.39 26.37 19.06
N ILE A 243 25.72 27.61 18.70
CA ILE A 243 26.15 27.96 17.36
C ILE A 243 27.48 28.70 17.48
N TRP A 244 28.55 28.02 17.07
CA TRP A 244 29.83 28.67 16.90
C TRP A 244 29.84 29.38 15.57
N LYS A 245 30.83 30.23 15.37
CA LYS A 245 31.26 30.56 14.03
C LYS A 245 32.73 30.16 13.92
N VAL A 246 33.29 30.40 12.77
CA VAL A 246 34.68 30.06 12.52
C VAL A 246 35.46 31.36 12.40
N ASN A 247 36.70 31.35 12.90
CA ASN A 247 37.74 32.35 12.76
C ASN A 247 37.76 32.90 11.33
N PRO A 248 37.52 34.19 11.14
CA PRO A 248 37.45 34.72 9.78
C PRO A 248 38.79 34.83 9.09
N GLU A 249 39.88 34.64 9.81
CA GLU A 249 41.23 34.65 9.26
C GLU A 249 41.91 33.35 9.63
N ILE A 250 41.65 32.31 8.85
CA ILE A 250 42.24 31.01 9.11
C ILE A 250 42.25 30.20 7.82
N GLN B 1 22.96 48.13 36.23
CA GLN B 1 23.94 48.26 35.15
C GLN B 1 23.33 47.91 33.81
N VAL B 2 22.66 46.76 33.76
CA VAL B 2 21.99 46.32 32.54
C VAL B 2 20.77 47.20 32.33
N GLN B 3 20.88 48.13 31.39
CA GLN B 3 19.86 49.16 31.23
C GLN B 3 19.16 49.03 29.90
N VAL B 4 17.87 48.74 29.99
CA VAL B 4 16.96 48.68 28.84
C VAL B 4 15.82 49.63 29.14
N GLU B 5 15.61 50.61 28.27
CA GLU B 5 14.65 51.66 28.58
C GLU B 5 13.96 52.13 27.32
N GLU B 6 12.64 52.20 27.36
CA GLU B 6 11.84 52.65 26.23
C GLU B 6 11.76 54.16 26.17
N SER B 7 11.64 54.68 24.95
CA SER B 7 11.43 56.09 24.72
C SER B 7 10.87 56.28 23.31
N GLY B 8 10.24 57.44 23.11
CA GLY B 8 9.69 57.78 21.82
C GLY B 8 8.19 57.59 21.67
N GLY B 9 7.45 57.50 22.76
CA GLY B 9 6.02 57.27 22.70
C GLY B 9 5.24 58.52 22.34
N GLY B 10 3.93 58.42 22.45
CA GLY B 10 3.06 59.54 22.22
C GLY B 10 1.80 59.13 21.49
N VAL B 11 1.13 60.11 20.89
CA VAL B 11 -0.07 59.87 20.10
C VAL B 11 0.20 60.30 18.66
N VAL B 12 -0.16 59.43 17.72
CA VAL B 12 0.05 59.65 16.29
C VAL B 12 -1.28 59.38 15.60
N GLN B 13 -1.57 60.13 14.54
CA GLN B 13 -2.76 59.94 13.73
C GLN B 13 -2.78 58.55 13.07
N PRO B 14 -3.96 58.02 12.74
CA PRO B 14 -4.02 56.75 12.03
C PRO B 14 -3.43 56.86 10.63
N GLY B 15 -2.66 55.84 10.26
CA GLY B 15 -1.83 55.90 9.09
C GLY B 15 -0.52 56.62 9.29
N GLY B 16 -0.27 57.16 10.48
CA GLY B 16 0.88 57.98 10.74
C GLY B 16 2.13 57.16 10.98
N SER B 17 3.14 57.83 11.52
CA SER B 17 4.46 57.24 11.69
C SER B 17 5.07 57.70 13.01
N LEU B 18 5.98 56.88 13.51
CA LEU B 18 6.67 57.15 14.76
C LEU B 18 7.90 56.25 14.81
N ARG B 19 9.00 56.75 15.34
CA ARG B 19 10.15 55.93 15.62
C ARG B 19 10.35 55.83 17.13
N LEU B 20 10.39 54.61 17.64
CA LEU B 20 10.75 54.42 19.03
C LEU B 20 12.26 54.41 19.19
N SER B 21 12.70 54.60 20.43
CA SER B 21 14.11 54.55 20.76
C SER B 21 14.28 53.79 22.07
N CYS B 22 14.80 52.57 21.97
CA CYS B 22 15.13 51.76 23.13
C CYS B 22 16.64 51.85 23.34
N ALA B 23 17.05 52.63 24.32
CA ALA B 23 18.47 52.80 24.59
C ALA B 23 19.01 51.59 25.34
N ALA B 24 20.33 51.43 25.28
CA ALA B 24 20.98 50.29 25.90
C ALA B 24 22.22 50.72 26.65
N SER B 25 22.47 50.06 27.78
CA SER B 25 23.66 50.29 28.59
C SER B 25 23.93 49.06 29.44
N GLY B 26 25.21 48.69 29.53
CA GLY B 26 25.65 47.70 30.48
C GLY B 26 26.04 46.36 29.90
N PHE B 27 25.83 46.11 28.62
CA PHE B 27 26.16 44.82 28.02
C PHE B 27 26.69 45.04 26.62
N MET B 28 27.18 43.96 26.02
CA MET B 28 27.64 44.00 24.64
C MET B 28 26.40 44.08 23.76
N PHE B 29 26.01 45.31 23.44
CA PHE B 29 24.85 45.55 22.58
C PHE B 29 25.09 45.06 21.16
N SER B 30 26.34 45.17 20.70
CA SER B 30 26.69 44.67 19.38
C SER B 30 26.88 43.17 19.33
N ASN B 31 26.55 42.45 20.40
CA ASN B 31 26.69 41.01 20.44
C ASN B 31 25.35 40.34 20.70
N TYR B 32 24.35 41.08 21.17
CA TYR B 32 23.11 40.45 21.56
C TYR B 32 22.01 40.91 20.61
N GLY B 33 21.14 39.99 20.22
CA GLY B 33 19.98 40.33 19.42
C GLY B 33 18.83 40.85 20.29
N MET B 34 17.97 41.65 19.67
CA MET B 34 16.96 42.36 20.44
C MET B 34 15.58 42.06 19.90
N HIS B 35 14.57 42.41 20.70
CA HIS B 35 13.19 42.01 20.48
C HIS B 35 12.25 43.18 20.74
N TRP B 36 11.06 43.09 20.17
CA TRP B 36 9.94 43.93 20.54
C TRP B 36 8.72 43.04 20.76
N VAL B 37 7.95 43.33 21.80
CA VAL B 37 6.68 42.64 22.04
C VAL B 37 5.61 43.70 22.24
N ARG B 38 4.37 43.24 22.38
CA ARG B 38 3.25 44.14 22.53
C ARG B 38 2.24 43.57 23.51
N GLN B 39 1.92 44.35 24.53
CA GLN B 39 0.83 44.02 25.43
C GLN B 39 -0.34 44.93 25.10
N ALA B 40 -1.50 44.31 24.89
CA ALA B 40 -2.73 45.07 24.73
C ALA B 40 -3.03 45.82 26.03
N PRO B 41 -3.69 46.98 25.96
CA PRO B 41 -3.84 47.83 27.16
C PRO B 41 -4.62 47.21 28.31
N GLY B 42 -5.49 46.24 28.03
CA GLY B 42 -6.21 45.60 29.11
C GLY B 42 -6.29 44.10 28.97
N LYS B 43 -5.41 43.53 28.16
CA LYS B 43 -5.48 42.11 27.82
C LYS B 43 -4.08 41.52 27.94
N GLY B 44 -3.91 40.30 27.42
CA GLY B 44 -2.67 39.56 27.58
C GLY B 44 -1.52 40.11 26.76
N LEU B 45 -0.37 39.46 26.90
CA LEU B 45 0.86 39.86 26.23
C LEU B 45 1.12 39.00 25.00
N GLU B 46 1.54 39.63 23.92
CA GLU B 46 1.89 38.93 22.70
C GLU B 46 3.21 39.48 22.15
N TRP B 47 3.74 38.77 21.16
CA TRP B 47 5.06 39.06 20.58
C TRP B 47 4.92 39.91 19.34
N MET B 48 5.96 40.69 19.01
CA MET B 48 6.01 41.41 17.76
C MET B 48 7.13 40.96 16.84
N ALA B 49 8.39 41.09 17.25
CA ALA B 49 9.43 41.22 16.25
C ALA B 49 10.79 41.06 16.90
N PHE B 50 11.78 40.72 16.08
CA PHE B 50 13.16 40.76 16.55
C PHE B 50 14.09 41.09 15.41
N ILE B 51 15.35 41.26 15.78
CA ILE B 51 16.45 41.37 14.84
C ILE B 51 17.62 40.58 15.41
N ARG B 52 18.39 39.97 14.53
CA ARG B 52 19.60 39.28 14.92
C ARG B 52 20.72 40.30 15.09
N TYR B 53 21.72 39.93 15.89
CA TYR B 53 22.72 40.91 16.31
C TYR B 53 23.65 41.29 15.17
N ASP B 54 23.91 40.37 14.25
CA ASP B 54 24.76 40.64 13.10
C ASP B 54 24.07 41.46 12.03
N ASP B 55 22.79 41.83 12.25
CA ASP B 55 21.90 42.39 11.24
C ASP B 55 21.80 41.49 10.01
N SER B 56 21.17 40.32 10.18
CA SER B 56 20.97 39.41 9.07
C SER B 56 19.51 39.10 8.85
N LYS B 57 18.64 39.42 9.80
CA LYS B 57 17.24 39.07 9.71
C LYS B 57 16.43 40.10 10.47
N LYS B 58 15.37 40.59 9.85
CA LYS B 58 14.46 41.52 10.48
C LYS B 58 13.08 40.87 10.45
N PHE B 59 12.80 40.05 11.44
CA PHE B 59 11.64 39.17 11.41
C PHE B 59 10.51 39.76 12.23
N TYR B 60 9.29 39.66 11.69
CA TYR B 60 8.14 40.42 12.14
C TYR B 60 6.98 39.47 12.37
N ALA B 61 6.01 39.90 13.18
CA ALA B 61 4.81 39.08 13.35
C ALA B 61 3.89 39.24 12.15
N ASP B 62 2.79 38.48 12.17
CA ASP B 62 1.88 38.45 11.03
C ASP B 62 1.06 39.72 10.93
N SER B 63 0.90 40.43 12.05
CA SER B 63 0.03 41.60 12.07
C SER B 63 0.65 42.79 11.36
N VAL B 64 1.97 42.91 11.36
CA VAL B 64 2.61 44.16 10.97
C VAL B 64 3.57 43.96 9.80
N LYS B 65 3.36 42.93 8.99
CA LYS B 65 4.16 42.79 7.79
C LYS B 65 3.78 43.85 6.78
N GLY B 66 4.76 44.68 6.42
CA GLY B 66 4.48 45.86 5.65
C GLY B 66 4.09 47.08 6.46
N ARG B 67 4.14 46.98 7.79
CA ARG B 67 3.83 48.12 8.64
C ARG B 67 5.08 48.67 9.33
N PHE B 68 5.82 47.83 10.04
CA PHE B 68 6.86 48.31 10.92
C PHE B 68 8.22 47.98 10.33
N THR B 69 9.26 48.59 10.88
CA THR B 69 10.63 48.34 10.44
C THR B 69 11.55 48.46 11.64
N ILE B 70 12.38 47.43 11.83
CA ILE B 70 13.43 47.46 12.84
C ILE B 70 14.72 47.88 12.16
N SER B 71 15.39 48.88 12.73
CA SER B 71 16.81 49.06 12.54
C SER B 71 17.45 49.02 13.93
N ARG B 72 18.77 48.98 13.94
CA ARG B 72 19.52 49.07 15.19
C ARG B 72 20.87 49.68 14.89
N ASP B 73 21.38 50.43 15.87
CA ASP B 73 22.66 51.11 15.72
C ASP B 73 23.57 50.65 16.86
N ASN B 74 24.55 49.82 16.52
CA ASN B 74 25.52 49.38 17.51
C ASN B 74 26.53 50.47 17.87
N SER B 75 26.60 51.54 17.09
CA SER B 75 27.41 52.69 17.47
C SER B 75 26.81 53.44 18.65
N LYS B 76 25.57 53.88 18.54
CA LYS B 76 24.88 54.59 19.59
C LYS B 76 24.47 53.71 20.75
N ASN B 77 24.54 52.38 20.57
CA ASN B 77 23.98 51.40 21.49
C ASN B 77 22.50 51.69 21.76
N THR B 78 21.73 51.78 20.68
CA THR B 78 20.32 52.11 20.78
C THR B 78 19.52 51.28 19.80
N LEU B 79 18.52 50.57 20.32
CA LEU B 79 17.58 49.81 19.52
C LEU B 79 16.54 50.75 18.93
N TYR B 80 16.24 50.57 17.65
CA TYR B 80 15.25 51.38 16.96
C TYR B 80 14.06 50.54 16.55
N LEU B 81 12.92 51.20 16.42
CA LEU B 81 11.73 50.62 15.83
C LEU B 81 10.99 51.71 15.10
N GLN B 82 11.03 51.67 13.78
CA GLN B 82 10.31 52.62 12.94
C GLN B 82 8.91 52.07 12.71
N MET B 83 7.89 52.87 13.05
CA MET B 83 6.52 52.49 12.79
C MET B 83 5.96 53.31 11.64
N ASN B 84 5.11 52.69 10.84
CA ASN B 84 4.52 53.31 9.68
C ASN B 84 3.11 52.78 9.48
N SER B 85 2.24 53.65 8.99
CA SER B 85 0.85 53.35 8.63
C SER B 85 0.08 52.76 9.80
N LEU B 86 -0.07 53.57 10.84
CA LEU B 86 -0.57 53.07 12.11
C LEU B 86 -2.09 52.87 12.07
N ARG B 87 -2.55 51.89 12.85
CA ARG B 87 -3.96 51.54 12.92
C ARG B 87 -4.41 51.51 14.36
N ALA B 88 -5.74 51.47 14.54
CA ALA B 88 -6.33 51.68 15.87
C ALA B 88 -6.03 50.54 16.82
N GLU B 89 -5.76 49.34 16.30
CA GLU B 89 -5.38 48.24 17.16
C GLU B 89 -3.99 48.39 17.75
N ASP B 90 -3.16 49.26 17.18
CA ASP B 90 -1.80 49.46 17.66
C ASP B 90 -1.74 50.31 18.92
N THR B 91 -2.86 50.86 19.37
CA THR B 91 -2.91 51.52 20.66
C THR B 91 -2.71 50.48 21.75
N ALA B 92 -1.52 50.45 22.32
CA ALA B 92 -1.11 49.31 23.14
C ALA B 92 0.10 49.68 23.97
N LEU B 93 0.58 48.70 24.73
CA LEU B 93 1.78 48.81 25.53
C LEU B 93 2.92 48.11 24.82
N TYR B 94 4.08 48.75 24.80
CA TYR B 94 5.23 48.31 24.01
C TYR B 94 6.43 48.08 24.90
N TYR B 95 7.07 46.92 24.75
CA TYR B 95 8.28 46.59 25.46
C TYR B 95 9.40 46.32 24.47
N CYS B 96 10.62 46.70 24.86
CA CYS B 96 11.82 46.21 24.22
C CYS B 96 12.58 45.34 25.22
N ALA B 97 13.05 44.18 24.76
CA ALA B 97 13.57 43.19 25.69
C ALA B 97 14.87 42.59 25.18
N LYS B 98 15.75 42.24 26.11
CA LYS B 98 17.03 41.64 25.79
C LYS B 98 16.87 40.12 25.81
N GLU B 99 17.64 39.44 24.98
CA GLU B 99 17.58 37.99 24.90
C GLU B 99 18.55 37.34 25.88
N LEU B 100 18.25 36.09 26.22
CA LEU B 100 19.04 35.33 27.19
C LEU B 100 20.16 34.63 26.43
N LEU B 101 21.39 35.04 26.70
CA LEU B 101 22.48 34.76 25.79
C LEU B 101 23.81 34.81 26.50
N GLN B 102 24.64 33.80 26.25
CA GLN B 102 26.00 33.74 26.79
C GLN B 102 26.98 33.45 25.67
N VAL B 103 28.12 34.12 25.69
CA VAL B 103 29.07 34.07 24.59
C VAL B 103 30.39 33.52 25.10
N TYR B 104 30.86 32.42 24.49
CA TYR B 104 32.15 31.85 24.83
C TYR B 104 33.09 31.97 23.63
N THR B 105 34.37 32.16 23.87
CA THR B 105 35.32 32.30 22.77
C THR B 105 36.48 31.32 22.88
N SER B 106 36.47 30.44 23.87
CA SER B 106 37.70 29.81 24.32
C SER B 106 38.15 28.63 23.47
N ALA B 107 37.57 28.42 22.30
CA ALA B 107 37.98 27.26 21.51
C ALA B 107 39.05 27.62 20.48
N TRP B 108 38.86 28.70 19.74
CA TRP B 108 39.87 29.25 18.84
C TRP B 108 39.53 30.72 18.71
N GLY B 109 40.07 31.34 17.67
CA GLY B 109 39.74 32.72 17.38
C GLY B 109 38.39 32.97 16.74
N GLU B 110 37.32 32.43 17.33
CA GLU B 110 35.97 32.90 17.03
C GLU B 110 35.02 32.53 18.18
N GLY B 111 34.09 33.45 18.46
CA GLY B 111 33.16 33.30 19.55
C GLY B 111 31.97 32.41 19.22
N HIS B 112 30.82 32.78 19.79
CA HIS B 112 29.71 31.86 19.95
C HIS B 112 28.48 32.64 20.41
N SER B 113 27.32 31.97 20.47
CA SER B 113 26.15 32.45 21.17
C SER B 113 25.37 31.28 21.76
N TYR B 114 25.05 31.36 23.06
CA TYR B 114 24.19 30.39 23.75
C TYR B 114 22.74 30.82 23.66
N TYR B 115 22.04 30.42 22.61
CA TYR B 115 20.66 30.83 22.40
C TYR B 115 19.73 30.10 23.34
N TYR B 116 19.09 30.86 24.25
CA TYR B 116 18.06 30.29 25.11
C TYR B 116 16.68 30.91 24.91
N ALA B 117 16.58 32.21 25.22
CA ALA B 117 15.32 32.87 25.53
C ALA B 117 15.49 34.38 25.65
N LEU B 118 14.50 35.07 26.24
CA LEU B 118 14.56 36.50 26.53
C LEU B 118 14.55 36.71 28.05
N ASP B 119 15.41 37.62 28.52
CA ASP B 119 15.57 37.76 29.97
C ASP B 119 15.33 39.14 30.55
N VAL B 120 15.83 40.22 29.95
CA VAL B 120 15.86 41.53 30.60
C VAL B 120 15.02 42.48 29.78
N TRP B 121 14.11 43.17 30.46
CA TRP B 121 13.05 43.94 29.83
C TRP B 121 13.31 45.43 29.98
N GLY B 122 12.47 46.21 29.31
CA GLY B 122 12.40 47.64 29.55
C GLY B 122 11.17 47.96 30.37
N LEU B 123 11.03 49.25 30.69
CA LEU B 123 9.90 49.73 31.46
C LEU B 123 8.60 49.64 30.68
N GLY B 124 8.53 50.30 29.54
CA GLY B 124 7.39 50.15 28.67
C GLY B 124 6.66 51.45 28.44
N THR B 125 6.83 52.00 27.24
CA THR B 125 6.07 53.15 26.81
C THR B 125 4.85 52.65 26.06
N ALA B 126 3.82 53.49 26.03
CA ALA B 126 2.59 53.17 25.33
C ALA B 126 2.32 54.24 24.29
N VAL B 127 1.85 53.80 23.13
CA VAL B 127 1.54 54.68 22.02
C VAL B 127 0.05 54.53 21.74
N THR B 128 -0.63 55.65 21.50
CA THR B 128 -2.03 55.66 21.13
C THR B 128 -2.15 56.12 19.69
N VAL B 129 -2.85 55.35 18.87
CA VAL B 129 -3.03 55.68 17.47
C VAL B 129 -4.36 56.42 17.36
N SER B 130 -4.28 57.74 17.26
CA SER B 130 -5.48 58.57 17.22
C SER B 130 -5.14 59.91 16.57
N SER B 131 -6.08 60.43 15.80
CA SER B 131 -5.86 61.69 15.09
C SER B 131 -5.87 62.89 16.03
N ALA B 132 -6.47 62.74 17.23
CA ALA B 132 -6.54 63.76 18.29
C ALA B 132 -7.15 65.08 17.80
N ILE C 2 1.78 28.98 15.07
CA ILE C 2 1.99 28.37 16.36
C ILE C 2 0.97 28.87 17.39
N GLN C 3 0.38 27.91 18.10
CA GLN C 3 -0.73 28.19 19.02
C GLN C 3 -0.42 27.59 20.37
N MET C 4 -0.52 28.44 21.40
CA MET C 4 -0.28 28.04 22.77
C MET C 4 -1.50 28.40 23.60
N THR C 5 -1.82 27.55 24.56
CA THR C 5 -3.03 27.71 25.36
C THR C 5 -2.74 27.31 26.80
N GLN C 6 -2.88 28.28 27.71
CA GLN C 6 -2.69 28.05 29.13
C GLN C 6 -3.96 27.46 29.71
N SER C 7 -3.79 26.47 30.59
CA SER C 7 -4.92 25.82 31.21
C SER C 7 -4.52 25.45 32.62
N PRO C 8 -5.25 25.90 33.65
CA PRO C 8 -6.49 26.69 33.63
C PRO C 8 -6.28 28.20 33.46
N SER C 9 -7.38 28.94 33.43
CA SER C 9 -7.32 30.35 33.06
C SER C 9 -7.11 31.29 34.24
N SER C 10 -7.67 30.98 35.42
CA SER C 10 -7.55 31.87 36.56
C SER C 10 -7.64 31.06 37.85
N VAL C 11 -6.58 31.14 38.66
CA VAL C 11 -6.46 30.38 39.88
C VAL C 11 -6.38 31.36 41.05
N SER C 12 -7.13 31.07 42.11
CA SER C 12 -7.06 31.85 43.35
C SER C 12 -6.82 30.89 44.49
N ALA C 13 -5.76 31.14 45.27
CA ALA C 13 -5.41 30.28 46.39
C ALA C 13 -4.66 31.10 47.44
N SER C 14 -4.60 30.56 48.65
CA SER C 14 -4.00 31.25 49.78
C SER C 14 -2.48 31.07 49.79
N VAL C 15 -1.85 31.63 50.81
CA VAL C 15 -0.40 31.60 50.90
C VAL C 15 0.07 30.20 51.30
N GLY C 16 1.03 29.66 50.56
CA GLY C 16 1.59 28.36 50.83
C GLY C 16 0.95 27.22 50.07
N ASP C 17 0.00 27.51 49.19
CA ASP C 17 -0.71 26.48 48.46
C ASP C 17 0.12 26.09 47.23
N ARG C 18 -0.34 25.07 46.51
CA ARG C 18 0.43 24.49 45.41
C ARG C 18 -0.28 24.75 44.08
N VAL C 19 0.37 25.52 43.21
CA VAL C 19 -0.18 25.95 41.93
C VAL C 19 0.55 25.23 40.80
N THR C 20 -0.22 24.51 39.98
CA THR C 20 0.28 23.85 38.77
C THR C 20 -0.47 24.40 37.56
N ILE C 21 0.26 25.04 36.65
CA ILE C 21 -0.29 25.53 35.40
C ILE C 21 0.42 24.81 34.27
N THR C 22 -0.36 24.21 33.38
CA THR C 22 0.15 23.50 32.22
C THR C 22 -0.10 24.34 30.97
N CYS C 23 0.96 24.58 30.21
CA CYS C 23 0.83 25.16 28.88
C CYS C 23 0.80 24.03 27.85
N ARG C 24 0.13 24.29 26.74
CA ARG C 24 0.00 23.34 25.65
C ARG C 24 0.54 23.98 24.39
N ALA C 25 0.88 23.15 23.42
CA ALA C 25 1.38 23.61 22.14
C ALA C 25 0.71 22.85 21.01
N SER C 26 0.44 23.56 19.92
CA SER C 26 -0.16 22.92 18.76
C SER C 26 0.82 21.99 18.04
N GLN C 27 2.11 22.22 18.20
CA GLN C 27 3.12 21.37 17.57
C GLN C 27 4.31 21.22 18.50
N ASP C 28 5.23 20.35 18.09
CA ASP C 28 6.28 19.90 18.99
C ASP C 28 7.37 20.94 19.14
N ILE C 29 7.74 21.25 20.39
CA ILE C 29 8.89 22.09 20.69
C ILE C 29 9.83 21.50 21.73
N SER C 30 9.32 20.63 22.60
CA SER C 30 10.03 19.60 23.38
C SER C 30 10.93 20.05 24.54
N ASN C 31 11.42 21.30 24.57
CA ASN C 31 11.70 21.97 25.84
C ASN C 31 11.64 23.48 25.73
N TRP C 32 11.35 24.00 24.54
CA TRP C 32 11.62 25.41 24.25
C TRP C 32 10.46 26.28 24.73
N LEU C 33 10.50 26.59 26.03
CA LEU C 33 9.54 27.48 26.65
C LEU C 33 10.21 28.17 27.83
N ALA C 34 9.84 29.43 28.06
CA ALA C 34 10.32 30.17 29.22
C ALA C 34 9.13 30.63 30.04
N TRP C 35 9.31 30.62 31.36
CA TRP C 35 8.24 30.95 32.30
C TRP C 35 8.39 32.36 32.83
N TYR C 36 7.31 33.12 32.72
CA TYR C 36 7.31 34.50 33.13
C TYR C 36 6.37 34.70 34.32
N GLN C 37 6.63 35.77 35.07
CA GLN C 37 5.76 36.21 36.16
C GLN C 37 5.59 37.72 36.07
N GLN C 38 4.41 38.17 35.70
CA GLN C 38 4.15 39.61 35.69
C GLN C 38 3.21 39.92 36.84
N LYS C 39 3.80 40.35 37.95
CA LYS C 39 3.09 41.13 38.94
C LYS C 39 2.46 42.35 38.25
N PRO C 40 1.20 42.66 38.57
CA PRO C 40 0.49 43.73 37.84
C PRO C 40 1.12 45.10 38.06
N GLY C 41 1.34 45.80 36.96
CA GLY C 41 2.09 47.04 36.97
C GLY C 41 3.57 46.87 36.77
N LYS C 42 4.10 45.66 36.91
CA LYS C 42 5.51 45.39 36.77
C LYS C 42 5.81 44.77 35.40
N ALA C 43 7.07 44.47 35.19
CA ALA C 43 7.47 43.73 34.01
C ALA C 43 7.34 42.24 34.30
N PRO C 44 7.12 41.42 33.26
CA PRO C 44 7.17 39.98 33.45
C PRO C 44 8.56 39.49 33.82
N GLU C 45 8.68 38.94 35.01
CA GLU C 45 9.95 38.40 35.49
C GLU C 45 10.11 36.97 35.02
N LEU C 46 11.24 36.69 34.39
CA LEU C 46 11.53 35.33 33.93
C LEU C 46 11.75 34.40 35.12
N LEU C 47 11.04 33.28 35.11
CA LEU C 47 11.09 32.33 36.21
C LEU C 47 11.88 31.08 35.85
N ILE C 48 11.43 30.35 34.84
CA ILE C 48 12.08 29.13 34.40
C ILE C 48 12.20 29.20 32.89
N TYR C 49 13.43 29.20 32.40
CA TYR C 49 13.71 29.16 30.98
C TYR C 49 14.07 27.73 30.60
N THR C 50 13.81 27.41 29.32
CA THR C 50 13.93 26.07 28.72
C THR C 50 13.10 25.03 29.46
N ALA C 51 12.01 25.47 30.08
CA ALA C 51 10.94 24.67 30.69
C ALA C 51 11.37 23.84 31.90
N SER C 52 12.65 23.84 32.27
CA SER C 52 13.02 23.11 33.49
C SER C 52 14.15 23.77 34.28
N ILE C 53 14.64 24.92 33.83
CA ILE C 53 15.80 25.54 34.45
C ILE C 53 15.41 26.87 35.07
N LEU C 54 15.59 26.97 36.38
CA LEU C 54 15.15 28.14 37.14
C LEU C 54 16.05 29.34 36.90
N GLN C 55 15.45 30.52 36.78
CA GLN C 55 16.20 31.75 36.66
C GLN C 55 16.88 32.09 37.98
N SER C 56 18.11 32.59 37.90
CA SER C 56 18.78 33.11 39.08
C SER C 56 18.09 34.38 39.56
N GLY C 57 18.06 34.57 40.87
CA GLY C 57 17.31 35.64 41.48
C GLY C 57 15.89 35.26 41.85
N VAL C 58 15.46 34.04 41.51
CA VAL C 58 14.13 33.55 41.81
C VAL C 58 14.28 32.33 42.70
N SER C 59 13.47 32.25 43.76
CA SER C 59 13.56 31.19 44.74
C SER C 59 13.10 29.86 44.15
N SER C 60 13.45 28.77 44.85
CA SER C 60 13.23 27.44 44.33
C SER C 60 11.81 26.93 44.55
N ARG C 61 10.89 27.79 44.98
CA ARG C 61 9.50 27.35 45.14
C ARG C 61 8.83 27.09 43.80
N PHE C 62 9.38 27.63 42.71
CA PHE C 62 8.80 27.51 41.39
C PHE C 62 9.47 26.34 40.67
N SER C 63 8.67 25.36 40.26
CA SER C 63 9.20 24.15 39.63
C SER C 63 8.26 23.77 38.48
N GLY C 64 8.39 22.55 38.00
CA GLY C 64 7.56 22.08 36.92
C GLY C 64 8.37 21.72 35.68
N SER C 65 7.83 20.82 34.86
CA SER C 65 8.55 20.40 33.66
C SER C 65 7.55 19.94 32.62
N GLY C 66 8.08 19.38 31.54
CA GLY C 66 7.23 18.88 30.47
C GLY C 66 8.06 18.37 29.32
N SER C 67 7.37 17.77 28.36
CA SER C 67 8.03 17.13 27.22
C SER C 67 7.10 17.23 26.02
N GLY C 68 7.70 17.48 24.87
CA GLY C 68 6.91 17.49 23.64
C GLY C 68 6.15 18.78 23.48
N THR C 69 4.83 18.72 23.67
CA THR C 69 3.96 19.90 23.58
C THR C 69 3.28 20.19 24.90
N ASP C 70 3.71 19.57 25.99
CA ASP C 70 2.89 19.47 27.19
C ASP C 70 3.70 19.93 28.38
N PHE C 71 3.73 21.23 28.62
CA PHE C 71 4.69 21.84 29.52
C PHE C 71 3.98 22.43 30.72
N THR C 72 4.55 22.23 31.91
CA THR C 72 3.89 22.58 33.15
C THR C 72 4.81 23.41 34.04
N LEU C 73 4.26 24.44 34.66
CA LEU C 73 4.87 25.12 35.79
C LEU C 73 4.23 24.57 37.05
N THR C 74 5.01 24.48 38.13
CA THR C 74 4.49 24.08 39.43
C THR C 74 5.05 24.99 40.50
N ILE C 75 4.17 25.62 41.27
CA ILE C 75 4.56 26.39 42.44
C ILE C 75 4.40 25.47 43.65
N SER C 76 5.51 25.18 44.32
CA SER C 76 5.46 24.26 45.46
C SER C 76 4.83 24.92 46.69
N SER C 77 4.96 26.24 46.82
CA SER C 77 4.38 26.96 47.95
C SER C 77 4.16 28.41 47.54
N LEU C 78 2.96 28.93 47.81
CA LEU C 78 2.62 30.28 47.39
C LEU C 78 3.13 31.33 48.37
N GLN C 79 3.42 32.50 47.83
CA GLN C 79 3.80 33.69 48.56
C GLN C 79 2.73 34.76 48.38
N PRO C 80 2.64 35.74 49.29
CA PRO C 80 1.75 36.88 49.03
C PRO C 80 2.21 37.77 47.88
N GLU C 81 3.47 37.70 47.49
CA GLU C 81 3.96 38.43 46.33
C GLU C 81 3.71 37.68 45.02
N ASP C 82 3.05 36.53 45.07
CA ASP C 82 2.78 35.74 43.88
C ASP C 82 1.47 36.11 43.21
N SER C 83 0.83 37.19 43.61
CA SER C 83 -0.37 37.65 42.93
C SER C 83 0.04 38.26 41.60
N ALA C 84 -0.10 37.49 40.52
CA ALA C 84 0.48 37.87 39.25
C ALA C 84 -0.24 37.14 38.13
N THR C 85 -0.03 37.64 36.91
CA THR C 85 -0.50 36.99 35.71
C THR C 85 0.64 36.18 35.11
N TYR C 86 0.39 34.91 34.83
CA TYR C 86 1.46 33.98 34.47
C TYR C 86 1.48 33.71 32.98
N TYR C 87 2.68 33.60 32.43
CA TYR C 87 2.89 33.65 31.01
C TYR C 87 3.74 32.48 30.52
N CYS C 88 3.43 32.07 29.30
CA CYS C 88 4.27 31.15 28.53
C CYS C 88 4.87 31.88 27.35
N GLN C 89 5.99 31.34 26.86
CA GLN C 89 6.73 31.87 25.73
C GLN C 89 7.05 30.73 24.78
N GLN C 90 6.80 30.92 23.49
CA GLN C 90 7.25 29.96 22.49
C GLN C 90 8.76 30.03 22.44
N GLY C 91 9.44 28.94 22.09
CA GLY C 91 10.89 29.02 22.13
C GLY C 91 11.63 28.55 20.90
N LYS C 92 10.92 27.87 20.00
CA LYS C 92 11.60 27.14 18.94
C LYS C 92 11.50 27.84 17.60
N SER C 93 10.28 28.14 17.18
CA SER C 93 10.09 28.68 15.82
C SER C 93 9.56 30.12 15.83
N PHE C 94 10.10 30.93 14.93
CA PHE C 94 9.66 32.34 14.75
C PHE C 94 8.63 32.36 13.62
N PRO C 95 7.40 32.87 13.84
CA PRO C 95 7.13 33.78 14.95
C PRO C 95 6.96 33.15 16.33
N TYR C 96 7.24 33.94 17.35
CA TYR C 96 6.88 33.56 18.70
C TYR C 96 5.38 33.72 18.91
N THR C 97 4.89 33.09 19.96
CA THR C 97 3.59 33.41 20.53
C THR C 97 3.64 33.12 22.02
N PHE C 98 2.67 33.67 22.74
CA PHE C 98 2.64 33.60 24.20
C PHE C 98 1.39 32.86 24.65
N GLY C 99 1.42 32.43 25.90
CA GLY C 99 0.21 31.99 26.56
C GLY C 99 -0.71 33.16 26.81
N GLN C 100 -1.99 32.85 27.01
CA GLN C 100 -2.99 33.92 27.11
C GLN C 100 -2.93 34.64 28.44
N GLY C 101 -2.29 34.07 29.45
CA GLY C 101 -2.15 34.76 30.72
C GLY C 101 -3.06 34.26 31.81
N THR C 102 -2.49 33.57 32.79
CA THR C 102 -3.25 33.06 33.91
C THR C 102 -3.01 33.96 35.12
N LYS C 103 -4.03 34.73 35.47
CA LYS C 103 -3.94 35.68 36.57
C LYS C 103 -4.12 34.95 37.88
N LEU C 104 -3.01 34.60 38.51
CA LEU C 104 -3.01 33.97 39.82
C LEU C 104 -3.31 35.02 40.87
N GLU C 105 -4.37 34.79 41.64
CA GLU C 105 -4.69 35.65 42.77
C GLU C 105 -4.25 34.95 44.05
N ILE C 106 -3.60 35.70 44.93
CA ILE C 106 -3.19 35.20 46.24
C ILE C 106 -4.18 35.70 47.28
N LYS C 107 -4.82 34.78 47.99
CA LYS C 107 -5.67 35.13 49.10
C LYS C 107 -4.80 35.54 50.28
N ARG C 108 -4.82 36.83 50.61
CA ARG C 108 -3.95 37.38 51.64
C ARG C 108 -4.76 37.76 52.87
N THR C 109 -4.06 38.14 53.93
CA THR C 109 -4.71 38.52 55.18
C THR C 109 -5.33 39.91 55.05
N GLU D 42 27.09 6.39 -35.29
CA GLU D 42 28.19 7.35 -35.27
C GLU D 42 28.83 7.42 -33.89
N VAL D 43 30.08 7.90 -33.85
CA VAL D 43 30.76 8.08 -32.59
C VAL D 43 30.28 9.38 -31.95
N ILE D 44 29.83 9.30 -30.71
CA ILE D 44 29.33 10.46 -30.00
C ILE D 44 30.52 11.24 -29.47
N VAL D 45 30.48 12.56 -29.62
CA VAL D 45 31.53 13.43 -29.13
C VAL D 45 31.04 14.06 -27.84
N ASN D 46 31.88 14.03 -26.81
CA ASN D 46 31.55 14.62 -25.53
C ASN D 46 31.37 16.13 -25.67
N ALA D 47 30.43 16.68 -24.92
CA ALA D 47 30.19 18.12 -24.90
C ALA D 47 30.30 18.69 -23.50
N GLN D 48 30.65 17.92 -22.60
CA GLN D 48 30.64 18.34 -21.22
C GLN D 48 31.94 19.04 -20.87
N PRO D 49 31.95 19.90 -19.85
CA PRO D 49 33.22 20.53 -19.44
C PRO D 49 34.20 19.55 -18.85
N LYS D 50 33.77 18.75 -17.89
CA LYS D 50 34.65 17.79 -17.26
C LYS D 50 34.05 16.39 -17.39
N CYS D 51 34.93 15.40 -17.44
CA CYS D 51 34.50 14.04 -17.66
C CYS D 51 35.51 13.10 -17.05
N ASN D 52 35.09 12.29 -16.09
CA ASN D 52 35.97 11.32 -15.45
C ASN D 52 36.23 10.16 -16.39
N PRO D 53 37.47 9.93 -16.80
CA PRO D 53 37.74 8.82 -17.71
C PRO D 53 37.94 7.50 -17.01
N ASN D 54 37.49 7.34 -15.78
CA ASN D 54 37.53 6.04 -15.12
C ASN D 54 36.25 5.81 -14.33
N LEU D 55 35.61 4.68 -14.61
CA LEU D 55 34.45 4.25 -13.86
C LEU D 55 34.90 3.47 -12.65
N HIS D 56 33.95 3.12 -11.82
CA HIS D 56 34.13 2.17 -10.74
C HIS D 56 32.78 1.48 -10.58
N PHE D 57 32.63 0.30 -11.18
CA PHE D 57 31.27 -0.29 -11.27
C PHE D 57 30.87 -1.20 -10.12
N TRP D 58 29.65 -0.98 -9.62
CA TRP D 58 29.04 -1.86 -8.64
C TRP D 58 27.86 -2.50 -9.33
N THR D 59 27.78 -3.82 -9.22
CA THR D 59 26.64 -4.53 -9.79
C THR D 59 26.41 -5.78 -8.96
N THR D 60 25.27 -6.40 -9.22
CA THR D 60 24.91 -7.66 -8.63
C THR D 60 25.86 -8.73 -9.13
N GLN D 61 26.03 -9.77 -8.32
CA GLN D 61 26.77 -10.92 -8.80
C GLN D 61 25.93 -11.61 -9.86
N ASP D 62 26.30 -11.38 -11.11
CA ASP D 62 25.50 -11.74 -12.27
C ASP D 62 25.29 -13.24 -12.40
N GLU D 63 26.36 -14.01 -12.26
CA GLU D 63 26.24 -15.43 -11.96
C GLU D 63 27.25 -15.75 -10.88
N GLY D 64 26.93 -16.74 -10.06
CA GLY D 64 27.82 -17.10 -9.00
C GLY D 64 27.69 -18.58 -8.73
N ALA D 65 28.84 -19.19 -8.47
CA ALA D 65 28.86 -20.60 -8.10
C ALA D 65 28.22 -20.78 -6.74
N ALA D 66 27.23 -21.66 -6.68
CA ALA D 66 26.52 -21.93 -5.42
C ALA D 66 27.44 -22.73 -4.52
N ILE D 67 28.30 -22.00 -3.81
CA ILE D 67 29.28 -22.65 -2.94
C ILE D 67 28.57 -23.13 -1.68
N GLY D 68 28.20 -24.39 -1.67
CA GLY D 68 27.50 -24.95 -0.53
C GLY D 68 26.12 -24.35 -0.38
N LEU D 69 25.95 -23.52 0.64
CA LEU D 69 24.64 -23.11 1.09
C LEU D 69 24.43 -21.61 1.00
N ALA D 70 25.28 -20.90 0.26
CA ALA D 70 25.18 -19.45 0.22
C ALA D 70 23.98 -18.98 -0.58
N TRP D 71 23.52 -19.80 -1.51
CA TRP D 71 22.43 -19.41 -2.39
C TRP D 71 21.07 -19.41 -1.70
N ILE D 72 20.87 -20.26 -0.70
CA ILE D 72 19.67 -20.23 0.13
C ILE D 72 19.61 -18.89 0.84
N PRO D 73 18.47 -18.20 0.83
CA PRO D 73 18.42 -16.89 1.47
C PRO D 73 18.58 -16.94 2.97
N TYR D 74 18.20 -18.02 3.63
CA TYR D 74 18.30 -18.08 5.08
C TYR D 74 19.75 -18.13 5.53
N PHE D 75 20.62 -18.68 4.71
CA PHE D 75 22.05 -18.60 4.93
C PHE D 75 22.69 -17.53 4.09
N GLY D 76 21.90 -16.76 3.37
CA GLY D 76 22.43 -15.81 2.43
C GLY D 76 22.99 -14.59 3.12
N PRO D 77 23.86 -13.87 2.43
CA PRO D 77 24.39 -12.62 2.97
C PRO D 77 23.32 -11.55 2.97
N ALA D 78 23.62 -10.46 3.66
CA ALA D 78 22.66 -9.37 3.73
C ALA D 78 22.65 -8.57 2.44
N ALA D 79 21.88 -7.48 2.45
CA ALA D 79 21.73 -6.67 1.26
C ALA D 79 23.02 -5.93 0.91
N GLU D 80 23.87 -5.67 1.89
CA GLU D 80 25.09 -4.93 1.60
C GLU D 80 26.14 -5.81 0.96
N GLY D 81 25.95 -7.12 0.97
CA GLY D 81 26.98 -8.04 0.53
C GLY D 81 26.68 -8.79 -0.74
N ILE D 82 25.60 -8.47 -1.45
CA ILE D 82 25.26 -9.22 -2.65
C ILE D 82 25.85 -8.61 -3.91
N TYR D 83 26.82 -7.72 -3.78
CA TYR D 83 27.29 -6.97 -4.93
C TYR D 83 28.69 -7.40 -5.33
N THR D 84 29.10 -6.97 -6.50
CA THR D 84 30.48 -7.04 -6.91
C THR D 84 30.86 -5.73 -7.57
N GLU D 85 32.16 -5.49 -7.67
CA GLU D 85 32.64 -4.22 -8.18
C GLU D 85 33.83 -4.46 -9.10
N GLY D 86 34.16 -3.42 -9.85
CA GLY D 86 35.28 -3.49 -10.77
C GLY D 86 35.56 -2.11 -11.32
N LEU D 87 36.71 -1.99 -11.97
CA LEU D 87 37.04 -0.75 -12.64
C LEU D 87 36.76 -0.88 -14.11
N MET D 88 37.19 0.14 -14.84
CA MET D 88 37.14 0.13 -16.29
C MET D 88 38.12 1.17 -16.79
N HIS D 89 39.30 0.71 -17.22
CA HIS D 89 40.30 1.61 -17.76
C HIS D 89 39.83 2.14 -19.10
N ASN D 90 40.27 3.35 -19.44
CA ASN D 90 39.71 4.01 -20.61
C ASN D 90 40.20 3.32 -21.87
N GLN D 91 39.25 3.07 -22.75
CA GLN D 91 39.48 2.37 -24.00
C GLN D 91 38.99 3.31 -25.09
N ASP D 92 39.83 4.29 -25.43
CA ASP D 92 39.55 5.31 -26.45
C ASP D 92 38.24 6.06 -26.20
N GLY D 93 38.07 6.53 -24.97
CA GLY D 93 36.96 7.40 -24.67
C GLY D 93 35.60 6.73 -24.64
N LEU D 94 35.52 5.46 -24.24
CA LEU D 94 34.21 4.85 -24.06
C LEU D 94 33.45 5.53 -22.94
N ILE D 95 34.17 6.04 -21.95
CA ILE D 95 33.50 6.53 -20.76
C ILE D 95 32.93 7.92 -21.02
N CYS D 96 33.69 8.79 -21.67
CA CYS D 96 33.19 10.13 -21.92
C CYS D 96 32.09 10.13 -22.96
N GLY D 97 32.25 9.32 -24.01
CA GLY D 97 31.15 9.10 -24.94
C GLY D 97 29.96 8.45 -24.26
N LEU D 98 30.22 7.62 -23.25
CA LEU D 98 29.13 6.95 -22.55
C LEU D 98 28.32 7.94 -21.74
N ARG D 99 28.98 8.85 -21.04
CA ARG D 99 28.25 9.84 -20.28
C ARG D 99 27.53 10.82 -21.19
N GLN D 100 28.13 11.13 -22.34
CA GLN D 100 27.44 11.98 -23.29
C GLN D 100 26.21 11.28 -23.85
N LEU D 101 26.29 9.96 -24.02
CA LEU D 101 25.14 9.16 -24.41
C LEU D 101 24.04 9.22 -23.37
N ALA D 102 24.43 9.18 -22.09
CA ALA D 102 23.44 9.27 -21.01
C ALA D 102 22.70 10.59 -21.04
N ASN D 103 23.45 11.69 -21.22
CA ASN D 103 22.81 13.00 -21.28
C ASN D 103 21.95 13.13 -22.54
N GLU D 104 22.29 12.42 -23.60
CA GLU D 104 21.40 12.45 -24.75
C GLU D 104 20.15 11.61 -24.53
N THR D 105 20.25 10.57 -23.72
CA THR D 105 19.07 9.72 -23.50
C THR D 105 18.07 10.33 -22.56
N THR D 106 18.51 11.28 -21.72
CA THR D 106 17.67 11.78 -20.62
C THR D 106 16.33 12.36 -21.09
N GLN D 107 16.34 13.17 -22.15
CA GLN D 107 15.11 13.83 -22.60
C GLN D 107 14.08 12.82 -23.09
N ALA D 108 14.51 11.88 -23.92
CA ALA D 108 13.59 10.90 -24.44
C ALA D 108 13.09 9.98 -23.34
N LEU D 109 13.93 9.72 -22.34
CA LEU D 109 13.47 8.86 -21.27
C LEU D 109 12.43 9.54 -20.40
N GLN D 110 12.63 10.84 -20.16
CA GLN D 110 11.63 11.63 -19.46
C GLN D 110 10.32 11.68 -20.23
N LEU D 111 10.40 11.85 -21.53
CA LEU D 111 9.17 11.93 -22.30
C LEU D 111 8.50 10.58 -22.41
N PHE D 112 9.27 9.50 -22.26
CA PHE D 112 8.65 8.19 -22.20
C PHE D 112 7.96 7.99 -20.86
N LEU D 113 8.61 8.40 -19.79
CA LEU D 113 8.07 8.15 -18.46
C LEU D 113 6.88 9.04 -18.16
N ARG D 114 6.78 10.18 -18.83
CA ARG D 114 5.55 10.95 -18.71
C ARG D 114 4.40 10.21 -19.38
N ALA D 115 4.69 9.48 -20.44
CA ALA D 115 3.66 8.89 -21.25
C ALA D 115 3.03 7.64 -20.64
N THR D 116 3.65 7.03 -19.64
CA THR D 116 3.10 5.80 -19.10
C THR D 116 2.25 6.09 -17.87
N THR D 117 1.61 5.03 -17.37
CA THR D 117 0.89 5.08 -16.11
C THR D 117 1.41 4.08 -15.10
N GLU D 118 2.55 3.47 -15.36
CA GLU D 118 3.10 2.51 -14.43
C GLU D 118 3.88 3.25 -13.36
N LEU D 119 3.88 2.70 -12.15
CA LEU D 119 4.78 3.26 -11.17
C LEU D 119 6.21 2.87 -11.43
N ARG D 120 6.47 1.61 -11.76
CA ARG D 120 7.82 1.08 -11.83
C ARG D 120 8.03 0.37 -13.15
N THR D 121 8.47 1.12 -14.15
CA THR D 121 8.67 0.60 -15.49
C THR D 121 9.86 -0.34 -15.52
N PHE D 122 9.61 -1.61 -15.77
CA PHE D 122 10.62 -2.63 -15.74
C PHE D 122 10.90 -3.24 -17.10
N SER D 123 10.23 -2.77 -18.14
CA SER D 123 10.16 -3.48 -19.40
C SER D 123 10.68 -2.69 -20.59
N ILE D 124 11.69 -1.86 -20.40
CA ILE D 124 12.23 -1.12 -21.52
C ILE D 124 13.10 -2.01 -22.38
N LEU D 125 13.91 -2.84 -21.73
CA LEU D 125 14.85 -3.68 -22.44
C LEU D 125 14.15 -4.76 -23.23
N ASN D 126 13.10 -5.35 -22.65
CA ASN D 126 12.33 -6.35 -23.36
C ASN D 126 11.63 -5.75 -24.57
N ARG D 127 11.11 -4.54 -24.40
CA ARG D 127 10.44 -3.86 -25.50
C ARG D 127 11.42 -3.53 -26.62
N LYS D 128 12.65 -3.17 -26.27
CA LYS D 128 13.58 -2.82 -27.33
C LYS D 128 14.15 -4.06 -28.00
N ALA D 129 14.18 -5.17 -27.29
CA ALA D 129 14.56 -6.43 -27.94
C ALA D 129 13.48 -6.86 -28.93
N ILE D 130 12.22 -6.66 -28.58
CA ILE D 130 11.13 -6.96 -29.50
C ILE D 130 11.17 -6.01 -30.69
N ASP D 131 11.58 -4.75 -30.47
CA ASP D 131 11.79 -3.81 -31.56
C ASP D 131 12.86 -4.30 -32.52
N PHE D 132 13.97 -4.80 -31.98
CA PHE D 132 15.06 -5.31 -32.80
C PHE D 132 14.61 -6.48 -33.64
N LEU D 133 13.91 -7.44 -33.02
CA LEU D 133 13.47 -8.62 -33.75
C LEU D 133 12.41 -8.30 -34.79
N LEU D 134 11.52 -7.35 -34.50
CA LEU D 134 10.52 -6.97 -35.49
C LEU D 134 11.14 -6.25 -36.67
N GLN D 135 12.12 -5.38 -36.42
CA GLN D 135 12.71 -4.65 -37.53
C GLN D 135 13.59 -5.56 -38.38
N ARG D 136 14.21 -6.56 -37.76
CA ARG D 136 15.03 -7.45 -38.57
C ARG D 136 14.21 -8.55 -39.22
N TRP D 137 13.02 -8.86 -38.70
CA TRP D 137 12.23 -9.94 -39.27
C TRP D 137 11.58 -9.52 -40.58
N GLY D 138 10.67 -8.55 -40.53
CA GLY D 138 9.89 -8.18 -41.69
C GLY D 138 8.42 -8.55 -41.55
N GLU E 1 55.76 8.23 -24.77
CA GLU E 1 55.08 8.84 -25.89
C GLU E 1 55.04 10.34 -25.75
N ILE E 2 54.15 10.80 -24.87
CA ILE E 2 53.96 12.22 -24.63
C ILE E 2 55.20 12.72 -23.89
N VAL E 3 55.78 13.79 -24.39
CA VAL E 3 56.96 14.38 -23.78
C VAL E 3 56.64 15.83 -23.46
N LEU E 4 56.82 16.22 -22.21
CA LEU E 4 56.53 17.58 -21.78
C LEU E 4 57.82 18.39 -21.82
N THR E 5 57.90 19.32 -22.76
CA THR E 5 59.04 20.21 -22.89
C THR E 5 58.69 21.57 -22.31
N GLN E 6 59.41 21.96 -21.26
CA GLN E 6 59.20 23.23 -20.62
C GLN E 6 59.99 24.32 -21.35
N SER E 7 59.50 25.55 -21.23
CA SER E 7 60.19 26.67 -21.78
C SER E 7 59.86 27.89 -20.93
N PRO E 8 60.86 28.66 -20.49
CA PRO E 8 62.28 28.42 -20.71
C PRO E 8 62.85 27.46 -19.69
N GLY E 9 64.17 27.28 -19.71
CA GLY E 9 64.78 26.40 -18.74
C GLY E 9 64.81 26.98 -17.34
N THR E 10 65.01 28.29 -17.23
CA THR E 10 65.06 28.97 -15.95
C THR E 10 64.33 30.30 -16.03
N LEU E 11 63.98 30.84 -14.88
CA LEU E 11 63.51 32.22 -14.75
C LEU E 11 64.24 32.88 -13.59
N SER E 12 64.46 34.18 -13.71
CA SER E 12 65.02 35.01 -12.65
C SER E 12 64.35 36.37 -12.74
N LEU E 13 63.33 36.60 -11.90
CA LEU E 13 62.52 37.80 -11.99
C LEU E 13 62.41 38.49 -10.65
N SER E 14 62.00 39.76 -10.69
CA SER E 14 61.94 40.58 -9.51
C SER E 14 60.61 40.41 -8.78
N PRO E 15 60.56 40.70 -7.48
CA PRO E 15 59.28 40.67 -6.77
C PRO E 15 58.31 41.69 -7.31
N GLY E 16 57.03 41.32 -7.30
CA GLY E 16 56.00 42.15 -7.86
C GLY E 16 55.80 41.99 -9.35
N GLU E 17 56.70 41.30 -10.04
CA GLU E 17 56.58 41.10 -11.47
C GLU E 17 55.61 39.96 -11.77
N ARG E 18 55.61 39.53 -13.02
CA ARG E 18 54.71 38.49 -13.48
C ARG E 18 55.50 37.44 -14.25
N ALA E 19 55.61 36.25 -13.67
CA ALA E 19 56.33 35.14 -14.27
C ALA E 19 55.35 34.27 -15.06
N THR E 20 55.71 33.95 -16.30
CA THR E 20 54.88 33.11 -17.16
C THR E 20 55.69 31.91 -17.60
N LEU E 21 55.41 30.75 -17.01
CA LEU E 21 56.01 29.49 -17.42
C LEU E 21 55.02 28.70 -18.23
N SER E 22 55.44 28.25 -19.41
CA SER E 22 54.62 27.38 -20.24
C SER E 22 55.40 26.11 -20.55
N CYS E 23 54.66 25.05 -20.83
CA CYS E 23 55.21 23.78 -21.26
C CYS E 23 54.51 23.38 -22.54
N ARG E 24 55.23 22.72 -23.44
CA ARG E 24 54.66 22.29 -24.70
C ARG E 24 54.53 20.78 -24.72
N ALA E 25 53.35 20.30 -25.07
CA ALA E 25 53.15 18.89 -25.29
C ALA E 25 53.86 18.45 -26.57
N SER E 26 54.46 17.27 -26.53
CA SER E 26 55.10 16.72 -27.72
C SER E 26 54.09 16.33 -28.78
N GLN E 27 52.87 16.01 -28.39
CA GLN E 27 51.85 15.60 -29.32
C GLN E 27 50.67 16.54 -29.21
N SER E 28 49.70 16.36 -30.11
CA SER E 28 48.40 16.95 -29.92
C SER E 28 47.69 16.23 -28.78
N VAL E 29 47.11 16.99 -27.86
CA VAL E 29 46.49 16.45 -26.66
C VAL E 29 44.99 16.76 -26.62
N SER E 30 44.64 18.05 -26.50
CA SER E 30 43.27 18.54 -26.31
C SER E 30 42.56 17.81 -25.16
N SER E 31 43.28 17.62 -24.07
CA SER E 31 42.74 16.95 -22.89
C SER E 31 43.21 17.69 -21.66
N SER E 32 42.40 18.63 -21.18
CA SER E 32 42.78 19.54 -20.10
C SER E 32 42.83 18.81 -18.75
N TYR E 33 43.87 18.01 -18.59
CA TYR E 33 44.06 17.16 -17.42
C TYR E 33 45.39 17.44 -16.76
N PHE E 34 45.72 18.70 -16.54
CA PHE E 34 47.11 19.03 -16.22
C PHE E 34 47.28 19.35 -14.75
N ALA E 35 48.53 19.60 -14.37
CA ALA E 35 48.87 19.88 -12.98
C ALA E 35 50.20 20.61 -12.91
N TRP E 36 50.24 21.66 -12.11
CA TRP E 36 51.47 22.40 -11.82
C TRP E 36 51.86 22.19 -10.37
N TYR E 37 53.10 21.79 -10.16
CA TYR E 37 53.59 21.47 -8.83
C TYR E 37 54.65 22.46 -8.38
N GLN E 38 54.83 22.56 -7.07
CA GLN E 38 55.90 23.31 -6.46
C GLN E 38 56.73 22.35 -5.63
N GLN E 39 57.92 22.04 -6.09
CA GLN E 39 58.82 21.22 -5.31
C GLN E 39 59.73 22.16 -4.54
N LYS E 40 59.40 22.37 -3.28
CA LYS E 40 60.40 22.97 -2.42
C LYS E 40 61.55 21.99 -2.23
N PRO E 41 62.79 22.49 -2.15
CA PRO E 41 63.93 21.58 -2.00
C PRO E 41 63.90 20.83 -0.68
N GLY E 42 64.16 19.53 -0.75
CA GLY E 42 63.98 18.66 0.38
C GLY E 42 62.55 18.33 0.69
N GLN E 43 61.61 18.67 -0.18
CA GLN E 43 60.20 18.47 0.09
C GLN E 43 59.53 17.73 -1.06
N ALA E 44 58.41 17.13 -0.73
CA ALA E 44 57.54 16.56 -1.73
C ALA E 44 56.96 17.67 -2.61
N PRO E 45 56.62 17.37 -3.86
CA PRO E 45 55.92 18.38 -4.67
C PRO E 45 54.53 18.64 -4.14
N ARG E 46 54.05 19.85 -4.41
CA ARG E 46 52.76 20.31 -3.89
C ARG E 46 51.91 20.87 -5.02
N LEU E 47 50.66 20.46 -5.09
CA LEU E 47 49.78 20.85 -6.17
C LEU E 47 49.39 22.32 -6.07
N LEU E 48 49.37 23.00 -7.22
CA LEU E 48 48.92 24.38 -7.34
C LEU E 48 47.63 24.50 -8.12
N ILE E 49 47.66 24.07 -9.38
CA ILE E 49 46.53 24.18 -10.27
C ILE E 49 46.40 22.88 -11.04
N SER E 50 45.30 22.19 -10.83
CA SER E 50 45.00 20.99 -11.58
C SER E 50 43.90 21.31 -12.57
N GLY E 51 43.77 20.44 -13.57
CA GLY E 51 42.71 20.58 -14.55
C GLY E 51 42.80 21.83 -15.39
N THR E 52 44.01 22.36 -15.55
CA THR E 52 44.46 23.39 -16.49
C THR E 52 43.99 24.78 -16.11
N SER E 53 43.00 24.92 -15.23
CA SER E 53 42.67 26.23 -14.71
C SER E 53 42.20 26.21 -13.26
N THR E 54 42.04 25.05 -12.64
CA THR E 54 41.38 24.97 -11.35
C THR E 54 42.38 25.02 -10.23
N ARG E 55 42.25 26.05 -9.38
CA ARG E 55 43.16 26.25 -8.26
C ARG E 55 42.93 25.18 -7.19
N ALA E 56 44.01 24.66 -6.64
CA ALA E 56 43.90 23.75 -5.52
C ALA E 56 43.54 24.52 -4.26
N PRO E 57 42.98 23.86 -3.25
CA PRO E 57 42.76 24.54 -1.97
C PRO E 57 44.08 24.81 -1.25
N GLY E 58 44.04 25.80 -0.36
CA GLY E 58 45.23 26.27 0.31
C GLY E 58 46.13 27.15 -0.53
N ILE E 59 45.81 27.33 -1.81
CA ILE E 59 46.65 28.06 -2.73
C ILE E 59 46.23 29.52 -2.75
N PRO E 60 47.14 30.45 -2.46
CA PRO E 60 46.81 31.88 -2.57
C PRO E 60 46.59 32.28 -4.01
N ASP E 61 45.69 33.23 -4.20
CA ASP E 61 45.07 33.50 -5.49
C ASP E 61 46.00 34.11 -6.53
N ARG E 62 47.26 34.36 -6.22
CA ARG E 62 48.13 34.99 -7.22
C ARG E 62 48.68 34.01 -8.25
N PHE E 63 48.13 32.81 -8.34
CA PHE E 63 48.58 31.85 -9.34
C PHE E 63 47.45 31.68 -10.36
N SER E 64 47.82 31.53 -11.64
CA SER E 64 46.86 31.23 -12.69
C SER E 64 47.58 30.48 -13.81
N GLY E 65 46.80 29.91 -14.71
CA GLY E 65 47.35 29.21 -15.85
C GLY E 65 46.24 28.78 -16.78
N SER E 66 46.61 28.58 -18.04
CA SER E 66 45.64 28.24 -19.08
C SER E 66 46.39 27.66 -20.27
N GLY E 67 45.68 27.58 -21.39
CA GLY E 67 46.22 27.00 -22.61
C GLY E 67 45.18 26.09 -23.23
N SER E 68 45.27 25.96 -24.56
CA SER E 68 44.28 25.14 -25.24
C SER E 68 44.84 23.94 -26.00
N GLY E 69 45.73 24.18 -26.97
CA GLY E 69 46.13 23.10 -27.85
C GLY E 69 47.29 22.22 -27.43
N THR E 70 48.49 22.81 -27.44
CA THR E 70 49.72 22.14 -27.02
C THR E 70 50.58 23.01 -26.14
N ASP E 71 50.43 24.32 -26.21
CA ASP E 71 51.13 25.25 -25.33
C ASP E 71 50.21 25.57 -24.16
N PHE E 72 50.73 25.42 -22.95
CA PHE E 72 49.91 25.54 -21.75
C PHE E 72 50.71 26.26 -20.68
N THR E 73 50.18 27.40 -20.24
CA THR E 73 50.96 28.33 -19.44
C THR E 73 50.66 28.19 -17.97
N LEU E 74 51.53 28.77 -17.17
CA LEU E 74 51.33 29.00 -15.75
C LEU E 74 51.79 30.41 -15.44
N THR E 75 50.95 31.19 -14.76
CA THR E 75 51.17 32.62 -14.63
C THR E 75 51.07 33.03 -13.17
N ILE E 76 52.11 33.67 -12.66
CA ILE E 76 52.14 34.15 -11.29
C ILE E 76 52.31 35.65 -11.31
N SER E 77 51.27 36.38 -10.95
CA SER E 77 51.38 37.81 -10.80
C SER E 77 51.77 38.15 -9.37
N ARG E 78 52.41 39.31 -9.20
CA ARG E 78 52.85 39.87 -7.92
C ARG E 78 53.78 38.89 -7.20
N LEU E 79 54.95 38.70 -7.80
CA LEU E 79 55.89 37.67 -7.38
C LEU E 79 56.37 37.87 -5.95
N GLU E 80 56.35 36.79 -5.20
CA GLU E 80 56.74 36.77 -3.81
C GLU E 80 57.93 35.85 -3.64
N PRO E 81 58.82 36.13 -2.68
CA PRO E 81 60.04 35.31 -2.54
C PRO E 81 59.77 33.90 -2.07
N GLU E 82 58.59 33.65 -1.51
CA GLU E 82 58.22 32.32 -1.03
C GLU E 82 57.91 31.36 -2.16
N ASP E 83 57.77 31.87 -3.38
CA ASP E 83 57.52 31.05 -4.56
C ASP E 83 58.80 30.50 -5.17
N PHE E 84 59.93 30.62 -4.49
CA PHE E 84 61.20 30.17 -5.01
C PHE E 84 61.28 28.64 -5.00
N ALA E 85 61.13 28.03 -6.19
CA ALA E 85 61.19 26.58 -6.33
C ALA E 85 61.37 26.23 -7.80
N VAL E 86 61.21 24.93 -8.09
CA VAL E 86 61.17 24.42 -9.46
C VAL E 86 59.75 23.92 -9.72
N TYR E 87 59.20 24.28 -10.87
CA TYR E 87 57.81 23.99 -11.18
C TYR E 87 57.71 22.92 -12.26
N PHE E 88 56.63 22.14 -12.21
CA PHE E 88 56.51 20.91 -12.98
C PHE E 88 55.24 20.87 -13.80
N CYS E 89 55.38 20.51 -15.07
CA CYS E 89 54.26 20.28 -15.97
C CYS E 89 53.90 18.80 -15.91
N GLN E 90 52.60 18.51 -15.96
CA GLN E 90 52.05 17.17 -15.81
C GLN E 90 50.88 16.97 -16.76
N GLN E 91 50.84 15.82 -17.41
CA GLN E 91 49.69 15.42 -18.20
C GLN E 91 49.22 14.04 -17.78
N TYR E 92 47.92 13.90 -17.54
CA TYR E 92 47.29 12.60 -17.43
C TYR E 92 46.39 12.40 -18.63
N GLY E 93 46.31 11.16 -19.10
CA GLY E 93 45.47 10.85 -20.23
C GLY E 93 45.79 9.46 -20.74
N ASN E 94 44.73 8.77 -21.15
CA ASN E 94 44.78 7.38 -21.61
C ASN E 94 45.47 6.49 -20.59
N SER E 95 44.98 6.55 -19.36
CA SER E 95 45.34 5.72 -18.23
C SER E 95 46.81 5.86 -17.83
N LEU E 96 47.47 6.98 -18.14
CA LEU E 96 48.88 7.13 -17.82
C LEU E 96 49.20 8.56 -17.42
N TYR E 97 50.06 8.69 -16.40
CA TYR E 97 50.68 9.95 -16.05
C TYR E 97 51.90 10.17 -16.92
N THR E 98 52.21 11.42 -17.19
CA THR E 98 53.48 11.76 -17.81
C THR E 98 53.92 13.13 -17.34
N PHE E 99 55.22 13.32 -17.34
CA PHE E 99 55.86 14.46 -16.71
C PHE E 99 56.78 15.15 -17.69
N GLY E 100 57.31 16.28 -17.23
CA GLY E 100 58.42 16.93 -17.88
C GLY E 100 59.55 17.17 -16.91
N GLN E 101 60.58 17.84 -17.40
CA GLN E 101 61.75 18.10 -16.58
C GLN E 101 61.52 19.15 -15.52
N GLY E 102 60.97 20.29 -15.88
CA GLY E 102 60.79 21.32 -14.88
C GLY E 102 61.59 22.56 -15.18
N THR E 103 61.32 23.61 -14.42
CA THR E 103 61.92 24.92 -14.63
C THR E 103 62.19 25.59 -13.30
N LYS E 104 63.45 25.90 -13.04
CA LYS E 104 63.83 26.58 -11.82
C LYS E 104 63.40 28.05 -11.90
N LEU E 105 62.59 28.48 -10.96
CA LEU E 105 62.14 29.86 -10.91
C LEU E 105 62.86 30.54 -9.76
N GLU E 106 63.39 31.73 -10.02
CA GLU E 106 64.15 32.49 -9.04
C GLU E 106 63.54 33.88 -8.86
N ILE E 107 63.26 34.22 -7.61
CA ILE E 107 62.79 35.55 -7.24
C ILE E 107 64.01 36.40 -6.92
N LYS E 108 64.08 37.59 -7.51
CA LYS E 108 65.19 38.50 -7.24
C LYS E 108 65.02 39.20 -5.89
N GLN F 1 43.05 15.15 8.28
CA GLN F 1 44.49 15.23 8.08
C GLN F 1 45.04 13.83 7.85
N VAL F 2 45.22 13.49 6.58
CA VAL F 2 45.71 12.18 6.18
C VAL F 2 47.23 12.25 6.07
N GLN F 3 47.90 11.18 6.45
CA GLN F 3 49.34 11.10 6.39
C GLN F 3 49.75 9.81 5.70
N LEU F 4 50.84 9.88 4.95
CA LEU F 4 51.38 8.74 4.22
C LEU F 4 52.80 8.52 4.69
N GLN F 5 53.14 7.28 5.00
CA GLN F 5 54.47 6.95 5.49
C GLN F 5 55.12 5.96 4.55
N GLU F 6 56.15 6.41 3.84
CA GLU F 6 56.99 5.48 3.11
C GLU F 6 57.86 4.70 4.07
N SER F 7 58.33 3.55 3.59
CA SER F 7 59.30 2.74 4.32
C SER F 7 59.96 1.78 3.34
N GLY F 8 61.17 1.35 3.69
CA GLY F 8 61.88 0.40 2.88
C GLY F 8 63.36 0.37 3.22
N PRO F 9 64.09 -0.59 2.65
CA PRO F 9 65.53 -0.65 2.91
C PRO F 9 66.27 0.44 2.18
N GLY F 10 67.21 1.06 2.87
CA GLY F 10 68.00 2.11 2.25
C GLY F 10 69.01 1.59 1.25
N LEU F 11 69.53 0.38 1.48
CA LEU F 11 70.58 -0.18 0.66
C LEU F 11 70.04 -1.38 -0.12
N GLY F 12 70.54 -1.57 -1.33
CA GLY F 12 70.11 -2.65 -2.19
C GLY F 12 71.20 -3.67 -2.47
N LYS F 13 70.95 -4.44 -3.52
CA LYS F 13 71.86 -5.44 -4.06
C LYS F 13 71.36 -5.67 -5.47
N PRO F 14 72.22 -5.52 -6.49
CA PRO F 14 71.74 -5.54 -7.88
C PRO F 14 71.23 -6.92 -8.29
N SER F 15 70.29 -6.91 -9.24
CA SER F 15 69.52 -8.04 -9.72
C SER F 15 68.72 -8.74 -8.64
N GLU F 16 68.39 -8.05 -7.54
CA GLU F 16 67.53 -8.61 -6.52
C GLU F 16 66.17 -7.94 -6.57
N THR F 17 65.30 -8.32 -5.64
CA THR F 17 63.97 -7.76 -5.54
C THR F 17 63.94 -6.73 -4.42
N LEU F 18 63.56 -5.50 -4.77
CA LEU F 18 63.52 -4.39 -3.84
C LEU F 18 62.07 -4.11 -3.47
N SER F 19 61.74 -4.29 -2.21
CA SER F 19 60.39 -4.08 -1.72
C SER F 19 60.30 -2.76 -0.97
N LEU F 20 59.18 -2.05 -1.13
CA LEU F 20 58.92 -0.85 -0.37
C LEU F 20 57.50 -0.91 0.19
N SER F 21 57.16 0.08 1.01
CA SER F 21 55.86 0.12 1.62
C SER F 21 55.44 1.55 1.91
N CYS F 22 54.23 1.90 1.45
CA CYS F 22 53.58 3.16 1.79
C CYS F 22 52.42 2.81 2.73
N THR F 23 52.38 3.44 3.90
CA THR F 23 51.38 3.11 4.88
C THR F 23 50.49 4.32 5.17
N VAL F 24 49.18 4.10 5.09
CA VAL F 24 48.18 5.16 5.12
C VAL F 24 47.82 5.46 6.56
N SER F 25 47.86 6.74 6.91
CA SER F 25 47.42 7.19 8.22
C SER F 25 46.42 8.33 8.04
N GLY F 26 45.18 8.12 8.50
CA GLY F 26 44.20 9.17 8.49
C GLY F 26 43.02 8.95 7.58
N ALA F 27 43.11 8.03 6.62
CA ALA F 27 41.99 7.76 5.74
C ALA F 27 42.03 6.29 5.35
N SER F 28 41.24 5.95 4.34
CA SER F 28 41.23 4.60 3.82
C SER F 28 41.86 4.54 2.45
N ILE F 29 42.39 3.37 2.11
CA ILE F 29 42.82 3.11 0.73
C ILE F 29 41.61 3.01 -0.18
N ARG F 30 40.51 2.49 0.36
CA ARG F 30 39.44 1.89 -0.44
C ARG F 30 38.72 2.91 -1.30
N GLY F 31 39.03 2.91 -2.59
CA GLY F 31 38.33 3.72 -3.56
C GLY F 31 39.18 4.72 -4.30
N TYR F 32 40.46 4.84 -3.99
CA TYR F 32 41.28 5.89 -4.56
C TYR F 32 42.41 5.29 -5.40
N PHE F 33 43.10 6.18 -6.10
CA PHE F 33 44.26 5.83 -6.90
C PHE F 33 45.52 6.10 -6.09
N TRP F 34 46.36 5.09 -5.91
CA TRP F 34 47.57 5.20 -5.12
C TRP F 34 48.77 5.01 -6.04
N ASN F 35 49.70 5.97 -6.00
CA ASN F 35 50.77 6.08 -6.96
C ASN F 35 52.12 5.67 -6.39
N TRP F 36 53.10 5.55 -7.29
CA TRP F 36 54.50 5.54 -6.92
C TRP F 36 55.26 6.44 -7.86
N ILE F 37 56.20 7.21 -7.34
CA ILE F 37 56.96 8.16 -8.13
C ILE F 37 58.44 8.03 -7.81
N ARG F 38 59.23 7.84 -8.86
CA ARG F 38 60.68 7.83 -8.80
C ARG F 38 61.22 9.24 -8.99
N GLN F 39 62.16 9.64 -8.15
CA GLN F 39 62.93 10.86 -8.38
C GLN F 39 64.40 10.58 -8.17
N PRO F 40 65.17 10.44 -9.25
CA PRO F 40 66.61 10.50 -9.12
C PRO F 40 67.02 11.90 -8.73
N PRO F 41 68.01 12.03 -7.84
CA PRO F 41 68.36 13.36 -7.30
C PRO F 41 69.00 14.24 -8.36
N GLY F 42 68.50 15.47 -8.47
CA GLY F 42 68.91 16.38 -9.51
C GLY F 42 68.17 16.23 -10.82
N LYS F 43 67.49 15.11 -11.03
CA LYS F 43 66.73 14.86 -12.24
C LYS F 43 65.32 15.38 -12.07
N GLY F 44 64.48 15.04 -13.04
CA GLY F 44 63.06 15.27 -12.91
C GLY F 44 62.41 14.14 -12.14
N LEU F 45 61.10 14.15 -12.14
CA LEU F 45 60.32 13.09 -11.51
C LEU F 45 60.04 12.03 -12.57
N GLU F 46 60.12 10.77 -12.19
CA GLU F 46 59.69 9.70 -13.07
C GLU F 46 58.52 8.98 -12.41
N TRP F 47 57.40 8.91 -13.09
CA TRP F 47 56.26 8.19 -12.55
C TRP F 47 56.41 6.69 -12.79
N ILE F 48 56.02 5.91 -11.78
CA ILE F 48 56.19 4.48 -11.81
C ILE F 48 54.90 3.77 -12.17
N GLY F 49 53.83 4.00 -11.42
CA GLY F 49 52.60 3.29 -11.68
C GLY F 49 51.56 3.63 -10.64
N TYR F 50 50.38 3.03 -10.82
CA TYR F 50 49.33 3.19 -9.83
C TYR F 50 48.51 1.92 -9.71
N ILE F 51 48.08 1.65 -8.48
CA ILE F 51 47.12 0.60 -8.21
C ILE F 51 45.88 1.24 -7.58
N HIS F 52 44.72 0.76 -7.98
CA HIS F 52 43.46 1.11 -7.36
C HIS F 52 43.01 -0.02 -6.47
N SER F 53 42.21 0.32 -5.44
CA SER F 53 41.91 -0.62 -4.36
C SER F 53 41.13 -1.85 -4.80
N THR F 54 40.56 -1.84 -6.01
CA THR F 54 40.03 -3.07 -6.58
C THR F 54 41.12 -4.08 -6.91
N GLY F 55 42.36 -3.64 -7.02
CA GLY F 55 43.44 -4.51 -7.44
C GLY F 55 43.86 -4.34 -8.86
N SER F 56 43.12 -3.55 -9.65
CA SER F 56 43.54 -3.27 -11.01
C SER F 56 44.72 -2.31 -10.97
N THR F 57 45.66 -2.50 -11.89
CA THR F 57 46.96 -1.86 -11.81
C THR F 57 47.41 -1.47 -13.21
N ASN F 58 48.07 -0.33 -13.31
CA ASN F 58 48.66 0.10 -14.56
C ASN F 58 50.10 0.55 -14.29
N TYR F 59 50.92 0.51 -15.34
CA TYR F 59 52.36 0.64 -15.22
C TYR F 59 52.88 1.68 -16.20
N ASN F 60 54.02 2.26 -15.85
CA ASN F 60 54.77 3.07 -16.79
C ASN F 60 55.40 2.12 -17.81
N PRO F 61 55.28 2.36 -19.11
CA PRO F 61 55.89 1.45 -20.08
C PRO F 61 57.41 1.37 -20.01
N SER F 62 58.07 2.37 -19.43
CA SER F 62 59.52 2.27 -19.27
C SER F 62 59.89 1.21 -18.24
N LEU F 63 59.03 0.98 -17.27
CA LEU F 63 59.29 -0.01 -16.24
C LEU F 63 58.30 -1.16 -16.26
N LYS F 64 57.75 -1.48 -17.43
CA LYS F 64 56.70 -2.49 -17.48
C LYS F 64 57.28 -3.88 -17.23
N SER F 65 58.45 -4.16 -17.75
CA SER F 65 59.08 -5.46 -17.60
C SER F 65 59.64 -5.68 -16.19
N ARG F 66 59.92 -4.62 -15.45
CA ARG F 66 60.77 -4.69 -14.28
C ARG F 66 60.03 -4.80 -12.96
N VAL F 67 58.96 -4.03 -12.76
CA VAL F 67 58.41 -3.83 -11.43
C VAL F 67 57.07 -4.51 -11.30
N THR F 68 56.55 -4.51 -10.07
CA THR F 68 55.20 -4.94 -9.77
C THR F 68 54.71 -4.25 -8.50
N ILE F 69 53.40 -4.02 -8.44
CA ILE F 69 52.78 -3.22 -7.37
C ILE F 69 51.66 -4.03 -6.74
N SER F 70 51.61 -4.06 -5.42
CA SER F 70 50.52 -4.71 -4.70
C SER F 70 50.02 -3.79 -3.60
N VAL F 71 48.83 -4.11 -3.08
CA VAL F 71 48.21 -3.31 -2.03
C VAL F 71 47.55 -4.25 -1.03
N ASP F 72 47.49 -3.82 0.24
CA ASP F 72 46.83 -4.57 1.30
C ASP F 72 45.85 -3.66 2.00
N THR F 73 44.55 -3.94 1.85
CA THR F 73 43.53 -3.24 2.59
C THR F 73 43.43 -3.71 4.02
N SER F 74 43.92 -4.91 4.34
CA SER F 74 43.82 -5.41 5.69
C SER F 74 44.79 -4.71 6.63
N LYS F 75 46.06 -4.64 6.26
CA LYS F 75 47.02 -3.88 7.04
C LYS F 75 47.07 -2.42 6.64
N ASN F 76 46.23 -2.00 5.68
CA ASN F 76 46.11 -0.61 5.21
C ASN F 76 47.44 -0.14 4.62
N GLN F 77 48.02 -0.96 3.76
CA GLN F 77 49.37 -0.72 3.25
C GLN F 77 49.43 -0.81 1.73
N VAL F 78 50.39 -0.08 1.17
CA VAL F 78 50.62 -0.02 -0.28
C VAL F 78 52.06 -0.41 -0.54
N SER F 79 52.26 -1.42 -1.38
CA SER F 79 53.58 -2.04 -1.54
C SER F 79 54.08 -1.90 -2.96
N LEU F 80 55.39 -1.68 -3.09
CA LEU F 80 56.08 -1.61 -4.37
C LEU F 80 57.18 -2.65 -4.39
N ASN F 81 57.30 -3.37 -5.50
CA ASN F 81 58.35 -4.36 -5.68
C ASN F 81 59.02 -4.14 -7.02
N VAL F 82 60.35 -4.07 -7.02
CA VAL F 82 61.14 -3.91 -8.24
C VAL F 82 61.96 -5.16 -8.43
N ASN F 83 61.71 -5.89 -9.51
CA ASN F 83 62.41 -7.14 -9.76
C ASN F 83 63.63 -6.91 -10.63
N SER F 84 64.73 -7.56 -10.25
CA SER F 84 66.02 -7.47 -10.93
C SER F 84 66.52 -6.03 -11.00
N VAL F 85 66.83 -5.48 -9.83
CA VAL F 85 67.20 -4.07 -9.75
C VAL F 85 68.61 -3.86 -10.29
N THR F 86 68.91 -2.60 -10.58
CA THR F 86 70.25 -2.18 -11.00
C THR F 86 70.54 -0.83 -10.37
N ALA F 87 71.77 -0.35 -10.60
CA ALA F 87 72.23 0.86 -9.96
C ALA F 87 71.55 2.09 -10.53
N ALA F 88 70.96 1.98 -11.72
CA ALA F 88 70.17 3.07 -12.28
C ALA F 88 68.90 3.35 -11.50
N ASP F 89 68.43 2.39 -10.71
CA ASP F 89 67.19 2.50 -9.94
C ASP F 89 67.39 3.26 -8.64
N THR F 90 68.61 3.67 -8.32
CA THR F 90 68.86 4.48 -7.15
C THR F 90 68.22 5.86 -7.31
N ALA F 91 67.26 6.16 -6.44
CA ALA F 91 66.48 7.38 -6.57
C ALA F 91 65.76 7.65 -5.25
N VAL F 92 64.97 8.73 -5.25
CA VAL F 92 64.04 9.04 -4.17
C VAL F 92 62.66 8.56 -4.62
N TYR F 93 61.95 7.88 -3.73
CA TYR F 93 60.68 7.25 -4.06
C TYR F 93 59.53 7.86 -3.26
N PHE F 94 58.37 7.94 -3.89
CA PHE F 94 57.19 8.65 -3.39
C PHE F 94 55.94 7.79 -3.53
N CYS F 95 54.93 8.08 -2.71
CA CYS F 95 53.58 7.58 -2.92
C CYS F 95 52.58 8.72 -2.83
N ALA F 96 51.58 8.72 -3.72
CA ALA F 96 50.68 9.86 -3.82
C ALA F 96 49.29 9.41 -4.23
N ARG F 97 48.31 10.24 -3.90
CA ARG F 97 46.90 9.85 -3.98
C ARG F 97 46.21 10.59 -5.11
N GLY F 98 46.01 9.92 -6.23
CA GLY F 98 45.39 10.55 -7.38
C GLY F 98 43.91 10.33 -7.63
N ALA F 99 43.05 10.77 -6.73
CA ALA F 99 41.62 10.57 -6.94
C ALA F 99 41.08 11.62 -7.89
N TRP F 100 39.91 11.35 -8.46
CA TRP F 100 39.18 12.37 -9.19
C TRP F 100 38.75 13.48 -8.26
N ASN F 101 38.15 13.12 -7.15
CA ASN F 101 37.69 14.08 -6.15
C ASN F 101 37.48 13.38 -4.82
N VAL F 102 37.73 14.13 -3.77
CA VAL F 102 37.16 13.85 -2.46
C VAL F 102 35.97 14.78 -2.40
N ALA F 103 35.21 14.66 -1.31
CA ALA F 103 33.78 14.98 -1.19
C ALA F 103 33.27 16.19 -1.92
N THR F 104 33.79 17.35 -1.60
CA THR F 104 33.37 18.57 -2.28
C THR F 104 34.43 19.08 -3.23
N VAL F 105 35.66 18.61 -3.10
CA VAL F 105 36.79 19.25 -3.76
C VAL F 105 37.17 18.44 -4.98
N TYR F 106 37.06 19.06 -6.15
CA TYR F 106 37.55 18.46 -7.38
C TYR F 106 39.06 18.53 -7.41
N TYR F 107 39.68 17.43 -7.82
CA TYR F 107 41.11 17.38 -7.98
C TYR F 107 41.55 17.12 -9.41
N TYR F 108 40.65 16.59 -10.23
CA TYR F 108 40.86 16.40 -11.66
C TYR F 108 42.07 15.51 -11.93
N TYR F 109 42.20 14.46 -11.13
CA TYR F 109 43.31 13.52 -11.12
C TYR F 109 44.64 14.18 -10.83
N GLY F 110 44.65 15.26 -10.08
CA GLY F 110 45.89 15.72 -9.50
C GLY F 110 46.29 14.86 -8.32
N MET F 111 47.52 15.04 -7.87
CA MET F 111 47.99 14.32 -6.70
C MET F 111 47.97 15.29 -5.52
N ASP F 112 47.09 15.02 -4.58
CA ASP F 112 46.87 15.98 -3.51
C ASP F 112 47.91 15.87 -2.40
N VAL F 113 48.09 14.69 -1.85
CA VAL F 113 48.78 14.49 -0.59
C VAL F 113 49.88 13.47 -0.83
N TRP F 114 50.96 13.58 -0.08
CA TRP F 114 52.20 12.91 -0.40
C TRP F 114 52.82 12.39 0.88
N GLY F 115 53.61 11.34 0.76
CA GLY F 115 54.46 10.90 1.84
C GLY F 115 55.76 11.69 1.82
N GLN F 116 56.58 11.48 2.84
CA GLN F 116 57.81 12.23 2.96
C GLN F 116 58.89 11.80 1.98
N GLY F 117 58.85 10.55 1.56
CA GLY F 117 59.76 10.10 0.53
C GLY F 117 61.07 9.58 1.09
N THR F 118 61.51 8.48 0.51
CA THR F 118 62.72 7.82 0.95
C THR F 118 63.70 7.72 -0.20
N LEU F 119 64.97 7.94 0.12
CA LEU F 119 66.08 7.70 -0.78
C LEU F 119 66.49 6.24 -0.64
N VAL F 120 66.45 5.50 -1.74
CA VAL F 120 66.80 4.08 -1.75
C VAL F 120 67.87 3.86 -2.80
N THR F 121 68.94 3.16 -2.41
CA THR F 121 70.12 2.98 -3.23
C THR F 121 70.39 1.51 -3.50
N VAL F 122 70.53 1.17 -4.77
CA VAL F 122 70.98 -0.15 -5.20
C VAL F 122 72.49 -0.10 -5.40
N SER F 123 73.20 -0.92 -4.63
CA SER F 123 74.65 -1.01 -4.78
C SER F 123 75.10 -2.39 -4.32
N SER F 124 76.37 -2.68 -4.53
CA SER F 124 76.94 -3.95 -4.11
C SER F 124 77.21 -3.97 -2.61
N SER G 1 -7.83 -17.55 -28.39
CA SER G 1 -7.26 -16.54 -27.51
C SER G 1 -7.94 -15.20 -27.71
N ILE G 2 -7.30 -14.16 -27.17
CA ILE G 2 -7.80 -12.79 -27.29
C ILE G 2 -7.74 -12.35 -28.74
N PRO G 3 -8.85 -11.96 -29.33
CA PRO G 3 -8.83 -11.58 -30.74
C PRO G 3 -8.19 -10.23 -30.93
N LEU G 4 -7.93 -9.91 -32.19
CA LEU G 4 -7.07 -8.81 -32.57
C LEU G 4 -7.47 -8.34 -33.95
N GLY G 5 -7.28 -7.05 -34.21
CA GLY G 5 -7.66 -6.46 -35.47
C GLY G 5 -6.46 -6.04 -36.28
N VAL G 6 -6.72 -5.58 -37.50
CA VAL G 6 -5.66 -5.16 -38.41
C VAL G 6 -6.24 -4.18 -39.41
N ILE G 7 -5.46 -3.16 -39.76
CA ILE G 7 -5.83 -2.17 -40.75
C ILE G 7 -5.12 -2.52 -42.05
N HIS G 8 -5.85 -2.51 -43.15
CA HIS G 8 -5.29 -2.92 -44.44
C HIS G 8 -6.06 -2.23 -45.55
N ASN G 9 -5.41 -1.25 -46.21
CA ASN G 9 -6.05 -0.35 -47.18
C ASN G 9 -7.29 0.31 -46.60
N SER G 10 -7.16 0.78 -45.36
CA SER G 10 -8.24 1.40 -44.58
C SER G 10 -9.45 0.48 -44.45
N THR G 11 -9.21 -0.80 -44.16
CA THR G 11 -10.26 -1.79 -43.98
C THR G 11 -9.91 -2.67 -42.80
N LEU G 12 -10.85 -2.79 -41.87
CA LEU G 12 -10.61 -3.50 -40.62
C LEU G 12 -10.89 -4.97 -40.78
N GLN G 13 -9.90 -5.80 -40.49
CA GLN G 13 -10.05 -7.24 -40.51
C GLN G 13 -9.68 -7.81 -39.16
N VAL G 14 -10.25 -8.96 -38.84
CA VAL G 14 -9.78 -9.73 -37.70
C VAL G 14 -8.36 -10.20 -37.98
N SER G 15 -7.44 -9.85 -37.08
CA SER G 15 -6.05 -10.26 -37.25
C SER G 15 -5.98 -11.75 -37.01
N ASP G 16 -6.08 -12.51 -38.09
CA ASP G 16 -6.07 -13.96 -38.00
C ASP G 16 -4.63 -14.41 -37.79
N VAL G 17 -4.29 -14.73 -36.54
CA VAL G 17 -3.04 -15.38 -36.22
C VAL G 17 -3.19 -16.90 -36.21
N ASP G 18 -4.43 -17.39 -36.24
CA ASP G 18 -4.67 -18.81 -36.40
C ASP G 18 -4.34 -19.27 -37.81
N LYS G 19 -4.83 -18.55 -38.81
CA LYS G 19 -4.41 -18.69 -40.20
C LYS G 19 -3.67 -17.40 -40.54
N LEU G 20 -2.34 -17.47 -40.55
CA LEU G 20 -1.49 -16.29 -40.59
C LEU G 20 -1.66 -15.51 -41.89
N VAL G 21 -1.90 -14.21 -41.75
CA VAL G 21 -2.04 -13.30 -42.87
C VAL G 21 -0.66 -12.71 -43.11
N CYS G 22 0.15 -13.38 -43.92
CA CYS G 22 1.55 -13.05 -44.08
C CYS G 22 1.77 -11.77 -44.86
N ARG G 23 0.75 -11.29 -45.57
CA ARG G 23 0.88 -10.11 -46.42
C ARG G 23 0.97 -8.81 -45.64
N ASP G 24 0.66 -8.83 -44.34
CA ASP G 24 0.61 -7.61 -43.53
C ASP G 24 1.75 -7.67 -42.53
N LYS G 25 2.76 -6.84 -42.74
CA LYS G 25 4.00 -6.94 -42.01
C LYS G 25 3.96 -6.08 -40.76
N LEU G 26 4.45 -6.64 -39.67
CA LEU G 26 4.49 -6.00 -38.37
C LEU G 26 5.94 -5.62 -38.11
N SER G 27 6.25 -4.33 -38.20
CA SER G 27 7.64 -3.93 -38.24
C SER G 27 8.13 -3.27 -36.97
N SER G 28 7.25 -2.80 -36.11
CA SER G 28 7.69 -2.10 -34.91
C SER G 28 6.62 -2.21 -33.83
N THR G 29 7.04 -2.03 -32.58
CA THR G 29 6.08 -1.98 -31.50
C THR G 29 5.32 -0.66 -31.44
N ASN G 30 5.75 0.35 -32.19
CA ASN G 30 4.92 1.53 -32.34
C ASN G 30 3.66 1.23 -33.12
N GLN G 31 3.67 0.21 -33.96
CA GLN G 31 2.51 -0.19 -34.74
C GLN G 31 1.43 -0.83 -33.89
N LEU G 32 1.66 -1.03 -32.60
CA LEU G 32 0.64 -1.58 -31.73
C LEU G 32 0.06 -0.48 -30.85
N ARG G 33 -1.24 -0.32 -30.93
CA ARG G 33 -1.96 0.55 -30.02
C ARG G 33 -3.03 -0.26 -29.35
N SER G 34 -3.53 0.26 -28.25
CA SER G 34 -4.59 -0.37 -27.49
C SER G 34 -5.58 0.72 -27.16
N VAL G 35 -6.75 0.66 -27.77
CA VAL G 35 -7.68 1.77 -27.77
C VAL G 35 -8.89 1.38 -26.93
N GLY G 36 -9.53 2.38 -26.31
CA GLY G 36 -10.72 2.15 -25.53
C GLY G 36 -11.88 2.92 -26.11
N LEU G 37 -13.07 2.32 -26.17
CA LEU G 37 -14.21 2.93 -26.83
C LEU G 37 -15.41 2.95 -25.91
N ASN G 38 -16.15 4.05 -25.93
CA ASN G 38 -17.20 4.27 -24.94
C ASN G 38 -18.50 3.58 -25.33
N LEU G 39 -19.29 3.27 -24.31
CA LEU G 39 -20.65 2.79 -24.50
C LEU G 39 -21.62 3.88 -24.94
N GLU G 40 -21.19 5.14 -24.96
CA GLU G 40 -21.99 6.17 -25.60
C GLU G 40 -22.11 5.93 -27.09
N GLY G 41 -21.10 5.31 -27.69
CA GLY G 41 -21.15 5.03 -29.10
C GLY G 41 -22.21 4.03 -29.49
N ASN G 42 -22.40 2.98 -28.70
CA ASN G 42 -23.38 1.96 -29.05
C ASN G 42 -24.80 2.45 -28.90
N GLY G 43 -25.04 3.47 -28.08
CA GLY G 43 -26.38 3.97 -27.96
C GLY G 43 -27.13 3.52 -26.73
N VAL G 44 -26.42 3.08 -25.69
CA VAL G 44 -27.09 2.76 -24.44
C VAL G 44 -27.56 4.04 -23.80
N ALA G 45 -28.63 3.96 -23.01
CA ALA G 45 -29.16 5.13 -22.33
C ALA G 45 -28.16 5.61 -21.28
N THR G 46 -28.09 6.92 -21.10
CA THR G 46 -27.01 7.52 -20.33
C THR G 46 -27.48 8.23 -19.08
N ASP G 47 -28.77 8.43 -18.89
CA ASP G 47 -29.20 9.13 -17.70
C ASP G 47 -29.18 8.18 -16.51
N VAL G 48 -28.93 8.76 -15.34
CA VAL G 48 -28.65 7.99 -14.12
C VAL G 48 -29.71 6.95 -13.73
N PRO G 49 -31.03 7.22 -13.81
CA PRO G 49 -31.98 6.14 -13.52
C PRO G 49 -31.96 5.01 -14.52
N SER G 50 -31.43 5.23 -15.72
CA SER G 50 -31.14 4.12 -16.60
C SER G 50 -29.77 3.53 -16.34
N VAL G 51 -28.88 4.31 -15.73
CA VAL G 51 -27.52 3.84 -15.51
C VAL G 51 -27.47 2.81 -14.42
N THR G 52 -27.94 3.15 -13.23
CA THR G 52 -27.59 2.33 -12.07
C THR G 52 -28.42 1.06 -11.95
N LYS G 53 -29.16 0.68 -12.98
CA LYS G 53 -29.62 -0.68 -13.10
C LYS G 53 -28.56 -1.57 -13.73
N ARG G 54 -27.57 -1.00 -14.41
CA ARG G 54 -26.52 -1.81 -14.99
C ARG G 54 -25.42 -2.13 -14.00
N TRP G 55 -25.49 -1.60 -12.80
CA TRP G 55 -24.43 -1.77 -11.83
C TRP G 55 -24.95 -2.66 -10.71
N GLY G 56 -24.04 -3.25 -9.95
CA GLY G 56 -24.47 -4.18 -8.93
C GLY G 56 -23.31 -4.59 -8.06
N PHE G 57 -23.64 -5.14 -6.92
CA PHE G 57 -22.64 -5.43 -5.90
C PHE G 57 -22.41 -6.93 -5.79
N ARG G 58 -21.21 -7.29 -5.36
CA ARG G 58 -20.77 -8.67 -5.32
C ARG G 58 -19.62 -8.77 -4.36
N SER G 59 -19.48 -9.91 -3.70
CA SER G 59 -18.32 -10.20 -2.88
C SER G 59 -17.68 -11.47 -3.36
N GLY G 60 -16.43 -11.68 -2.95
CA GLY G 60 -15.75 -12.93 -3.20
C GLY G 60 -15.02 -13.03 -4.52
N VAL G 61 -14.91 -11.94 -5.27
CA VAL G 61 -14.24 -11.92 -6.56
C VAL G 61 -13.17 -10.84 -6.51
N PRO G 62 -11.94 -11.09 -6.94
CA PRO G 62 -10.92 -10.06 -6.90
C PRO G 62 -11.08 -9.11 -8.08
N PRO G 63 -10.66 -7.86 -7.93
CA PRO G 63 -10.76 -6.91 -9.04
C PRO G 63 -9.54 -6.97 -9.94
N LYS G 64 -9.70 -6.49 -11.15
CA LYS G 64 -8.60 -6.49 -12.11
C LYS G 64 -8.54 -5.18 -12.87
N VAL G 65 -7.36 -4.89 -13.43
CA VAL G 65 -7.04 -3.63 -14.08
C VAL G 65 -6.15 -3.89 -15.29
N VAL G 66 -6.54 -3.37 -16.44
CA VAL G 66 -5.74 -3.44 -17.65
C VAL G 66 -5.60 -2.03 -18.21
N ASN G 67 -4.48 -1.75 -18.87
CA ASN G 67 -4.28 -0.43 -19.45
C ASN G 67 -4.56 -0.42 -20.94
N TYR G 68 -4.68 0.79 -21.48
CA TYR G 68 -4.86 1.03 -22.89
C TYR G 68 -4.04 2.25 -23.23
N GLU G 69 -4.24 2.80 -24.44
CA GLU G 69 -3.36 3.88 -24.86
C GLU G 69 -4.07 5.07 -25.48
N ALA G 70 -5.33 4.93 -25.88
CA ALA G 70 -6.10 6.08 -26.35
C ALA G 70 -7.57 5.76 -26.18
N GLY G 71 -8.38 6.80 -26.08
CA GLY G 71 -9.79 6.58 -25.82
C GLY G 71 -10.64 7.60 -26.53
N GLU G 72 -11.94 7.38 -26.48
CA GLU G 72 -12.85 8.37 -27.03
C GLU G 72 -12.93 9.56 -26.11
N TRP G 73 -13.15 10.71 -26.71
CA TRP G 73 -13.76 11.82 -26.00
C TRP G 73 -15.12 11.38 -25.52
N ALA G 74 -15.48 11.77 -24.32
CA ALA G 74 -16.72 11.28 -23.72
C ALA G 74 -17.73 12.40 -23.59
N GLU G 75 -18.99 12.02 -23.44
CA GLU G 75 -20.03 13.02 -23.24
C GLU G 75 -20.55 12.96 -21.82
N ASN G 76 -20.47 11.80 -21.17
CA ASN G 76 -20.96 11.65 -19.81
C ASN G 76 -19.96 10.89 -18.97
N CYS G 77 -19.60 11.47 -17.84
CA CYS G 77 -18.71 10.83 -16.91
C CYS G 77 -19.37 10.79 -15.53
N TYR G 78 -19.08 9.76 -14.77
CA TYR G 78 -19.81 9.49 -13.54
C TYR G 78 -18.85 9.53 -12.37
N ASN G 79 -19.39 9.60 -11.16
CA ASN G 79 -18.58 9.61 -9.96
C ASN G 79 -19.48 9.19 -8.82
N LEU G 80 -18.95 8.48 -7.82
CA LEU G 80 -19.77 7.96 -6.75
C LEU G 80 -19.11 8.17 -5.39
N GLU G 81 -19.95 8.36 -4.37
CA GLU G 81 -19.60 8.31 -2.95
C GLU G 81 -20.82 7.73 -2.23
N ILE G 82 -20.84 6.43 -2.01
CA ILE G 82 -22.00 5.78 -1.42
C ILE G 82 -21.63 5.24 -0.06
N LYS G 83 -22.41 5.60 0.95
CA LYS G 83 -22.18 5.13 2.31
C LYS G 83 -23.13 4.01 2.66
N LYS G 84 -22.61 3.01 3.36
CA LYS G 84 -23.43 2.00 4.00
C LYS G 84 -24.28 2.66 5.08
N PRO G 85 -25.43 2.07 5.42
CA PRO G 85 -26.29 2.72 6.42
C PRO G 85 -25.70 2.76 7.81
N ASP G 86 -24.71 1.94 8.13
CA ASP G 86 -24.03 2.08 9.40
C ASP G 86 -22.90 3.09 9.36
N GLY G 87 -22.78 3.88 8.30
CA GLY G 87 -21.85 4.97 8.25
C GLY G 87 -20.54 4.68 7.56
N SER G 88 -20.32 3.45 7.09
CA SER G 88 -19.08 3.15 6.41
C SER G 88 -19.24 3.25 4.90
N GLU G 89 -18.12 3.25 4.19
CA GLU G 89 -18.13 3.41 2.75
C GLU G 89 -18.35 2.08 2.04
N CYS G 90 -19.25 2.12 1.07
CA CYS G 90 -19.47 0.96 0.21
C CYS G 90 -18.31 0.76 -0.72
N LEU G 91 -17.75 1.85 -1.21
CA LEU G 91 -16.80 1.61 -2.27
C LEU G 91 -15.38 1.71 -1.74
N PRO G 92 -14.48 0.87 -2.22
CA PRO G 92 -13.10 0.96 -1.77
C PRO G 92 -12.44 2.21 -2.31
N ALA G 93 -11.51 2.73 -1.53
CA ALA G 93 -10.75 3.89 -1.97
C ALA G 93 -9.82 3.50 -3.09
N ALA G 94 -9.45 4.48 -3.89
CA ALA G 94 -8.64 4.20 -5.07
C ALA G 94 -7.19 3.98 -4.68
N PRO G 95 -6.58 2.87 -5.11
CA PRO G 95 -5.14 2.74 -4.99
C PRO G 95 -4.43 3.67 -5.94
N ASP G 96 -3.14 3.83 -5.71
CA ASP G 96 -2.43 4.92 -6.37
C ASP G 96 -2.12 4.54 -7.81
N GLY G 97 -1.87 5.55 -8.62
CA GLY G 97 -1.79 5.36 -10.04
C GLY G 97 -3.12 5.52 -10.74
N ILE G 98 -4.16 5.82 -10.01
CA ILE G 98 -5.47 6.06 -10.58
C ILE G 98 -5.72 7.55 -10.60
N ARG G 99 -6.00 8.08 -11.78
CA ARG G 99 -6.53 9.41 -11.90
C ARG G 99 -7.86 9.32 -12.62
N GLY G 100 -8.62 10.40 -12.61
CA GLY G 100 -9.94 10.38 -13.22
C GLY G 100 -9.86 10.29 -14.73
N PHE G 101 -11.02 10.05 -15.33
CA PHE G 101 -11.08 10.00 -16.78
C PHE G 101 -10.98 11.44 -17.29
N PRO G 102 -10.06 11.73 -18.20
CA PRO G 102 -9.53 13.10 -18.28
C PRO G 102 -10.29 14.02 -19.22
N ARG G 103 -11.00 13.51 -20.21
CA ARG G 103 -11.75 14.36 -21.13
C ARG G 103 -13.23 14.04 -20.97
N CYS G 104 -13.95 14.91 -20.28
CA CYS G 104 -15.36 14.67 -20.02
C CYS G 104 -16.14 15.94 -20.30
N ARG G 105 -17.31 15.78 -20.90
CA ARG G 105 -18.21 16.91 -20.99
C ARG G 105 -18.84 17.20 -19.64
N TYR G 106 -19.64 16.28 -19.14
CA TYR G 106 -20.37 16.48 -17.90
C TYR G 106 -20.00 15.40 -16.89
N VAL G 107 -19.98 15.78 -15.63
CA VAL G 107 -19.68 14.88 -14.53
C VAL G 107 -20.94 14.71 -13.70
N HIS G 108 -21.46 13.51 -13.67
CA HIS G 108 -22.65 13.20 -12.87
C HIS G 108 -22.20 12.73 -11.50
N LYS G 109 -21.80 13.66 -10.65
CA LYS G 109 -21.35 13.34 -9.31
C LYS G 109 -22.57 12.92 -8.49
N VAL G 110 -22.51 11.73 -7.93
CA VAL G 110 -23.65 11.12 -7.26
C VAL G 110 -23.21 10.66 -5.87
N SER G 111 -23.91 11.11 -4.85
CA SER G 111 -23.67 10.65 -3.50
C SER G 111 -24.96 10.11 -2.90
N GLY G 112 -24.86 9.61 -1.68
CA GLY G 112 -26.03 9.10 -1.00
C GLY G 112 -25.74 7.76 -0.38
N THR G 113 -26.81 7.01 -0.13
CA THR G 113 -26.72 5.76 0.60
C THR G 113 -27.43 4.64 -0.13
N GLY G 114 -27.17 3.43 0.33
CA GLY G 114 -27.78 2.24 -0.20
C GLY G 114 -27.50 1.07 0.70
N PRO G 115 -28.13 -0.08 0.45
CA PRO G 115 -27.88 -1.24 1.31
C PRO G 115 -26.48 -1.80 1.20
N CYS G 116 -25.94 -1.87 -0.01
CA CYS G 116 -24.56 -2.25 -0.28
C CYS G 116 -24.24 -3.67 0.18
N ALA G 117 -24.97 -4.62 -0.38
CA ALA G 117 -24.80 -6.03 -0.04
C ALA G 117 -23.68 -6.64 -0.91
N GLY G 118 -22.46 -6.44 -0.43
CA GLY G 118 -21.32 -7.02 -1.13
C GLY G 118 -20.09 -6.18 -0.89
N ASP G 119 -19.00 -6.59 -1.54
CA ASP G 119 -17.75 -5.87 -1.37
C ASP G 119 -17.54 -4.81 -2.44
N PHE G 120 -17.68 -5.18 -3.71
CA PHE G 120 -17.27 -4.35 -4.82
C PHE G 120 -18.47 -4.00 -5.68
N ALA G 121 -18.23 -3.17 -6.68
CA ALA G 121 -19.27 -2.78 -7.62
C ALA G 121 -18.89 -3.27 -9.01
N PHE G 122 -19.65 -4.21 -9.56
CA PHE G 122 -19.31 -4.76 -10.86
C PHE G 122 -20.29 -4.26 -11.90
N HIS G 123 -19.90 -4.41 -13.16
CA HIS G 123 -20.77 -4.03 -14.26
C HIS G 123 -21.52 -5.25 -14.76
N LYS G 124 -22.86 -5.15 -14.80
CA LYS G 124 -23.66 -6.34 -15.07
C LYS G 124 -23.51 -6.86 -16.48
N GLU G 125 -23.19 -6.00 -17.44
CA GLU G 125 -22.95 -6.46 -18.79
C GLU G 125 -21.49 -6.72 -19.05
N GLY G 126 -20.65 -6.73 -18.02
CA GLY G 126 -19.27 -7.09 -18.19
C GLY G 126 -18.43 -6.05 -18.88
N ALA G 127 -18.92 -4.81 -18.95
CA ALA G 127 -18.12 -3.77 -19.54
C ALA G 127 -17.00 -3.37 -18.59
N PHE G 128 -16.18 -2.44 -19.04
CA PHE G 128 -15.14 -1.89 -18.20
C PHE G 128 -15.55 -0.55 -17.63
N PHE G 129 -14.82 -0.12 -16.62
CA PHE G 129 -14.96 1.21 -16.07
C PHE G 129 -13.70 1.98 -16.39
N LEU G 130 -13.80 2.93 -17.30
CA LEU G 130 -12.63 3.55 -17.88
C LEU G 130 -12.13 4.68 -17.01
N TYR G 131 -10.94 4.50 -16.46
CA TYR G 131 -10.22 5.52 -15.70
C TYR G 131 -9.16 6.12 -16.62
N ASP G 132 -8.24 6.87 -16.01
CA ASP G 132 -7.14 7.45 -16.78
C ASP G 132 -6.20 6.39 -17.31
N ARG G 133 -6.38 6.04 -18.58
CA ARG G 133 -5.55 5.07 -19.31
C ARG G 133 -5.47 3.72 -18.61
N LEU G 134 -6.49 3.39 -17.82
CA LEU G 134 -6.54 2.17 -17.04
C LEU G 134 -7.97 1.71 -16.94
N ALA G 135 -8.35 0.74 -17.75
CA ALA G 135 -9.66 0.13 -17.64
C ALA G 135 -9.66 -0.74 -16.41
N SER G 136 -10.67 -0.60 -15.58
CA SER G 136 -10.82 -1.48 -14.43
C SER G 136 -12.15 -2.20 -14.54
N THR G 137 -12.39 -3.10 -13.59
CA THR G 137 -13.70 -3.73 -13.50
C THR G 137 -14.40 -3.47 -12.20
N VAL G 138 -13.99 -2.45 -11.45
CA VAL G 138 -14.67 -2.06 -10.23
C VAL G 138 -14.78 -0.54 -10.21
N ILE G 139 -15.57 -0.04 -9.28
CA ILE G 139 -15.69 1.40 -9.09
C ILE G 139 -14.90 1.81 -7.87
N TYR G 140 -13.95 2.70 -8.05
CA TYR G 140 -13.26 3.26 -6.91
C TYR G 140 -14.02 4.48 -6.41
N ARG G 141 -13.91 4.74 -5.12
CA ARG G 141 -14.63 5.86 -4.52
C ARG G 141 -14.05 7.17 -4.99
N GLY G 142 -14.91 8.04 -5.49
CA GLY G 142 -14.52 9.40 -5.72
C GLY G 142 -13.63 9.63 -6.92
N THR G 143 -13.63 8.74 -7.89
CA THR G 143 -12.78 8.90 -9.05
C THR G 143 -13.62 8.89 -10.31
N THR G 144 -13.55 9.96 -11.07
CA THR G 144 -14.47 10.17 -12.17
C THR G 144 -14.11 9.28 -13.35
N PHE G 145 -15.06 8.45 -13.77
CA PHE G 145 -14.84 7.45 -14.79
C PHE G 145 -15.80 7.65 -15.93
N ALA G 146 -15.67 6.80 -16.92
CA ALA G 146 -16.67 6.68 -17.98
C ALA G 146 -16.82 5.21 -18.32
N GLU G 147 -17.91 4.86 -18.98
CA GLU G 147 -18.17 3.46 -19.31
C GLU G 147 -17.71 3.14 -20.72
N GLY G 148 -17.28 1.90 -20.91
CA GLY G 148 -16.94 1.47 -22.25
C GLY G 148 -16.06 0.24 -22.23
N VAL G 149 -15.56 -0.11 -23.41
CA VAL G 149 -14.78 -1.32 -23.61
C VAL G 149 -13.49 -0.98 -24.34
N VAL G 150 -12.70 -2.01 -24.59
CA VAL G 150 -11.35 -1.88 -25.11
C VAL G 150 -11.21 -2.76 -26.34
N ALA G 151 -10.70 -2.19 -27.43
CA ALA G 151 -10.35 -2.96 -28.62
C ALA G 151 -8.85 -2.88 -28.86
N PHE G 152 -8.31 -3.95 -29.44
CA PHE G 152 -6.89 -4.05 -29.74
C PHE G 152 -6.66 -3.86 -31.23
N LEU G 153 -5.50 -3.34 -31.59
CA LEU G 153 -5.26 -2.97 -32.98
C LEU G 153 -3.85 -3.32 -33.41
N ILE G 154 -3.68 -3.32 -34.73
CA ILE G 154 -2.37 -3.31 -35.37
C ILE G 154 -2.39 -2.22 -36.42
N LEU G 155 -1.50 -1.27 -36.31
CA LEU G 155 -1.60 -0.04 -37.11
C LEU G 155 -0.89 -0.17 -38.46
N PRO G 156 -1.36 0.56 -39.47
CA PRO G 156 -0.64 0.58 -40.74
C PRO G 156 0.48 1.61 -40.71
N GLN G 157 1.19 1.70 -41.82
CA GLN G 157 2.22 2.73 -41.97
C GLN G 157 2.07 3.48 -43.29
N TYR G 183 -12.76 22.98 -18.14
CA TYR G 183 -13.38 22.35 -19.30
C TYR G 183 -14.75 21.80 -18.97
N SER G 184 -14.81 21.03 -17.88
CA SER G 184 -15.96 20.20 -17.60
C SER G 184 -17.05 20.99 -16.88
N THR G 185 -18.09 20.28 -16.47
CA THR G 185 -19.22 20.85 -15.77
C THR G 185 -19.77 19.83 -14.80
N THR G 186 -19.93 20.21 -13.55
CA THR G 186 -20.26 19.28 -12.48
C THR G 186 -21.75 19.35 -12.19
N ILE G 187 -22.39 18.19 -12.12
CA ILE G 187 -23.80 18.09 -11.76
C ILE G 187 -23.94 17.14 -10.59
N ARG G 188 -24.45 17.62 -9.47
CA ARG G 188 -24.50 16.84 -8.25
C ARG G 188 -25.87 16.24 -8.03
N TYR G 189 -25.91 14.97 -7.63
CA TYR G 189 -27.17 14.31 -7.31
C TYR G 189 -27.16 13.87 -5.86
N GLN G 190 -28.26 13.26 -5.45
CA GLN G 190 -28.32 12.43 -4.25
C GLN G 190 -29.19 11.21 -4.52
N ALA G 191 -29.00 10.19 -3.71
CA ALA G 191 -29.68 8.93 -3.92
C ALA G 191 -29.91 8.23 -2.61
N THR G 192 -31.07 7.59 -2.49
CA THR G 192 -31.37 6.83 -1.29
C THR G 192 -31.82 5.44 -1.71
N GLY G 193 -31.25 4.43 -1.06
CA GLY G 193 -31.52 3.07 -1.46
C GLY G 193 -30.83 2.69 -2.74
N PHE G 194 -29.56 3.09 -2.89
CA PHE G 194 -28.82 2.90 -4.12
C PHE G 194 -28.60 1.43 -4.43
N GLY G 195 -28.75 1.08 -5.70
CA GLY G 195 -28.54 -0.27 -6.17
C GLY G 195 -29.81 -1.03 -6.46
N THR G 196 -30.82 -0.92 -5.61
CA THR G 196 -32.09 -1.61 -5.79
C THR G 196 -32.89 -0.95 -6.90
N ASN G 197 -34.04 -1.54 -7.20
CA ASN G 197 -34.92 -0.97 -8.21
C ASN G 197 -35.85 0.11 -7.67
N GLU G 198 -35.68 0.50 -6.42
CA GLU G 198 -36.54 1.49 -5.80
C GLU G 198 -35.76 2.71 -5.34
N THR G 199 -34.66 3.03 -6.01
CA THR G 199 -33.80 4.12 -5.58
C THR G 199 -34.34 5.46 -6.02
N GLU G 200 -34.51 6.38 -5.08
CA GLU G 200 -35.00 7.71 -5.40
C GLU G 200 -33.84 8.64 -5.70
N TYR G 201 -34.09 9.62 -6.56
CA TYR G 201 -33.05 10.49 -7.07
C TYR G 201 -33.42 11.94 -6.87
N LEU G 202 -32.43 12.71 -6.42
CA LEU G 202 -32.59 14.12 -6.12
C LEU G 202 -31.58 14.92 -6.91
N PHE G 203 -31.92 16.17 -7.19
CA PHE G 203 -30.93 17.10 -7.69
C PHE G 203 -30.23 17.70 -6.48
N GLU G 204 -29.32 18.64 -6.71
CA GLU G 204 -28.78 19.45 -5.64
C GLU G 204 -28.53 20.85 -6.17
N VAL G 205 -29.11 21.84 -5.51
CA VAL G 205 -28.81 23.24 -5.77
C VAL G 205 -27.73 23.75 -4.83
N ASP G 206 -27.95 23.60 -3.53
CA ASP G 206 -26.87 23.68 -2.57
C ASP G 206 -27.05 22.56 -1.55
N ASN G 207 -26.33 22.65 -0.44
CA ASN G 207 -26.39 21.56 0.53
C ASN G 207 -27.66 21.57 1.36
N LEU G 208 -28.58 22.51 1.11
CA LEU G 208 -29.90 22.42 1.72
C LEU G 208 -31.03 22.44 0.72
N THR G 209 -30.90 23.20 -0.37
CA THR G 209 -31.98 23.37 -1.33
C THR G 209 -31.79 22.41 -2.49
N TYR G 210 -32.85 21.69 -2.86
CA TYR G 210 -32.83 20.86 -4.04
C TYR G 210 -34.25 20.54 -4.48
N VAL G 211 -34.35 19.61 -5.43
CA VAL G 211 -35.57 19.35 -6.18
C VAL G 211 -35.56 17.92 -6.69
N GLN G 212 -36.69 17.23 -6.55
CA GLN G 212 -36.79 15.84 -6.95
C GLN G 212 -36.74 15.70 -8.46
N LEU G 213 -36.10 14.64 -8.94
CA LEU G 213 -35.95 14.40 -10.36
C LEU G 213 -37.14 13.63 -10.92
N GLU G 214 -37.42 13.89 -12.19
CA GLU G 214 -38.33 13.09 -12.98
C GLU G 214 -37.63 12.71 -14.27
N SER G 215 -38.16 11.68 -14.92
CA SER G 215 -37.48 11.09 -16.06
C SER G 215 -37.43 12.00 -17.28
N ARG G 216 -38.37 12.93 -17.39
CA ARG G 216 -38.46 13.76 -18.59
C ARG G 216 -37.54 14.97 -18.57
N PHE G 217 -36.46 14.94 -17.79
CA PHE G 217 -35.68 16.14 -17.52
C PHE G 217 -34.34 16.08 -18.22
N THR G 218 -34.14 16.99 -19.14
CA THR G 218 -32.83 17.25 -19.71
C THR G 218 -31.96 17.92 -18.65
N PRO G 219 -30.64 17.81 -18.77
CA PRO G 219 -29.78 18.54 -17.83
C PRO G 219 -29.76 20.03 -18.08
N GLN G 220 -30.06 20.48 -19.30
CA GLN G 220 -30.15 21.91 -19.57
C GLN G 220 -31.33 22.52 -18.85
N PHE G 221 -32.40 21.75 -18.70
CA PHE G 221 -33.53 22.14 -17.87
C PHE G 221 -33.07 22.37 -16.44
N LEU G 222 -32.16 21.54 -15.96
CA LEU G 222 -31.64 21.71 -14.62
C LEU G 222 -30.68 22.90 -14.53
N LEU G 223 -29.99 23.20 -15.63
CA LEU G 223 -29.10 24.36 -15.64
C LEU G 223 -29.90 25.66 -15.61
N GLN G 224 -30.98 25.69 -16.37
CA GLN G 224 -31.94 26.78 -16.23
C GLN G 224 -32.56 26.80 -14.85
N LEU G 225 -32.64 25.64 -14.19
CA LEU G 225 -33.28 25.59 -12.90
C LEU G 225 -32.40 26.19 -11.80
N ASN G 226 -31.10 25.84 -11.72
CA ASN G 226 -30.29 26.52 -10.71
C ASN G 226 -30.06 27.98 -11.05
N GLU G 227 -30.03 28.32 -12.34
CA GLU G 227 -29.89 29.73 -12.66
C GLU G 227 -31.15 30.50 -12.29
N THR G 228 -32.31 29.88 -12.49
CA THR G 228 -33.57 30.48 -12.10
C THR G 228 -33.66 30.61 -10.59
N ILE G 229 -33.18 29.62 -9.85
CA ILE G 229 -33.33 29.65 -8.41
C ILE G 229 -32.34 30.63 -7.79
N TYR G 230 -31.15 30.74 -8.34
CA TYR G 230 -30.22 31.73 -7.85
C TYR G 230 -30.64 33.14 -8.26
N ALA G 231 -31.41 33.24 -9.34
CA ALA G 231 -31.96 34.55 -9.69
C ALA G 231 -33.10 34.93 -8.77
N SER G 232 -34.10 34.06 -8.65
CA SER G 232 -35.28 34.31 -7.84
C SER G 232 -35.06 34.09 -6.37
N GLY G 233 -33.86 33.67 -5.96
CA GLY G 233 -33.54 33.55 -4.56
C GLY G 233 -34.28 32.50 -3.80
N LYS G 234 -34.83 31.49 -4.49
CA LYS G 234 -35.67 30.48 -3.84
C LYS G 234 -34.80 29.36 -3.26
N ARG G 235 -33.95 29.75 -2.33
CA ARG G 235 -32.96 28.88 -1.73
C ARG G 235 -33.36 28.62 -0.29
N SER G 236 -32.47 27.98 0.45
CA SER G 236 -32.66 27.88 1.88
C SER G 236 -32.32 29.20 2.56
N ASN G 237 -33.27 29.74 3.30
CA ASN G 237 -32.95 30.74 4.30
C ASN G 237 -33.22 30.20 5.70
N THR G 238 -33.22 28.87 5.82
CA THR G 238 -33.43 28.17 7.07
C THR G 238 -32.30 27.20 7.35
N THR G 239 -32.49 26.29 8.30
CA THR G 239 -31.51 25.27 8.60
C THR G 239 -31.92 23.87 8.15
N GLY G 240 -33.08 23.72 7.52
CA GLY G 240 -33.53 22.40 7.12
C GLY G 240 -33.24 22.08 5.66
N LYS G 241 -33.65 20.89 5.26
CA LYS G 241 -33.46 20.43 3.89
C LYS G 241 -34.69 20.79 3.10
N LEU G 242 -34.51 20.95 1.79
CA LEU G 242 -35.49 21.55 0.91
C LEU G 242 -35.65 20.66 -0.32
N ILE G 243 -36.87 20.20 -0.56
CA ILE G 243 -37.20 19.39 -1.71
C ILE G 243 -38.35 20.04 -2.45
N TRP G 244 -38.06 20.60 -3.61
CA TRP G 244 -39.09 21.05 -4.52
C TRP G 244 -39.60 19.85 -5.30
N LYS G 245 -40.71 20.03 -5.98
CA LYS G 245 -41.01 19.21 -7.13
C LYS G 245 -41.14 20.15 -8.32
N VAL G 246 -41.43 19.57 -9.47
CA VAL G 246 -41.57 20.34 -10.68
C VAL G 246 -43.04 20.30 -11.08
N ASN G 247 -43.53 21.42 -11.63
CA ASN G 247 -44.81 21.62 -12.28
C ASN G 247 -45.16 20.43 -13.16
N PRO G 248 -46.24 19.72 -12.88
CA PRO G 248 -46.55 18.51 -13.65
C PRO G 248 -47.05 18.79 -15.04
N GLU G 249 -47.33 20.05 -15.38
CA GLU G 249 -47.77 20.44 -16.71
C GLU G 249 -46.83 21.55 -17.18
N ILE G 250 -45.69 21.16 -17.72
CA ILE G 250 -44.72 22.13 -18.21
C ILE G 250 -43.82 21.45 -19.23
N GLN H 1 -57.17 24.77 17.35
CA GLN H 1 -57.53 24.54 15.96
C GLN H 1 -56.82 23.31 15.41
N VAL H 2 -55.52 23.24 15.62
CA VAL H 2 -54.73 22.10 15.18
C VAL H 2 -55.09 20.92 16.07
N GLN H 3 -55.88 19.99 15.55
CA GLN H 3 -56.44 18.93 16.36
C GLN H 3 -55.90 17.57 15.93
N VAL H 4 -55.18 16.95 16.85
CA VAL H 4 -54.67 15.60 16.70
C VAL H 4 -55.17 14.82 17.91
N GLU H 5 -55.90 13.74 17.66
CA GLU H 5 -56.54 13.03 18.76
C GLU H 5 -56.60 11.54 18.49
N GLU H 6 -56.18 10.76 19.47
CA GLU H 6 -56.18 9.31 19.36
C GLU H 6 -57.54 8.73 19.67
N SER H 7 -57.84 7.59 19.03
CA SER H 7 -59.06 6.84 19.30
C SER H 7 -58.86 5.42 18.78
N GLY H 8 -59.67 4.51 19.32
CA GLY H 8 -59.65 3.13 18.91
C GLY H 8 -58.92 2.18 19.83
N GLY H 9 -58.69 2.56 21.08
CA GLY H 9 -57.94 1.72 22.01
C GLY H 9 -58.78 0.58 22.55
N GLY H 10 -58.22 -0.10 23.54
CA GLY H 10 -58.91 -1.16 24.23
C GLY H 10 -57.99 -2.31 24.54
N VAL H 11 -58.58 -3.48 24.81
CA VAL H 11 -57.85 -4.70 25.07
C VAL H 11 -58.17 -5.73 24.00
N VAL H 12 -57.13 -6.34 23.43
CA VAL H 12 -57.26 -7.32 22.36
C VAL H 12 -56.44 -8.54 22.79
N GLN H 13 -56.92 -9.73 22.41
CA GLN H 13 -56.21 -10.97 22.68
C GLN H 13 -54.86 -11.01 21.97
N PRO H 14 -53.90 -11.80 22.48
CA PRO H 14 -52.61 -11.94 21.79
C PRO H 14 -52.77 -12.64 20.45
N GLY H 15 -52.08 -12.11 19.45
CA GLY H 15 -52.30 -12.49 18.07
C GLY H 15 -53.47 -11.77 17.42
N GLY H 16 -54.19 -10.95 18.17
CA GLY H 16 -55.40 -10.31 17.69
C GLY H 16 -55.12 -9.11 16.80
N SER H 17 -56.18 -8.34 16.58
CA SER H 17 -56.12 -7.22 15.65
C SER H 17 -56.92 -6.05 16.19
N LEU H 18 -56.55 -4.86 15.74
CA LEU H 18 -57.18 -3.61 16.14
C LEU H 18 -56.80 -2.55 15.13
N ARG H 19 -57.74 -1.67 14.81
CA ARG H 19 -57.43 -0.49 14.01
C ARG H 19 -57.58 0.75 14.87
N LEU H 20 -56.52 1.54 14.95
CA LEU H 20 -56.62 2.84 15.61
C LEU H 20 -57.18 3.87 14.64
N SER H 21 -57.65 4.98 15.20
CA SER H 21 -58.16 6.08 14.42
C SER H 21 -57.65 7.38 15.03
N CYS H 22 -56.72 8.03 14.36
CA CYS H 22 -56.22 9.34 14.75
C CYS H 22 -56.86 10.37 13.84
N ALA H 23 -57.86 11.07 14.36
CA ALA H 23 -58.55 12.07 13.57
C ALA H 23 -57.72 13.34 13.47
N ALA H 24 -58.04 14.15 12.46
CA ALA H 24 -57.29 15.36 12.18
C ALA H 24 -58.24 16.51 11.90
N SER H 25 -57.83 17.70 12.35
CA SER H 25 -58.57 18.93 12.10
C SER H 25 -57.63 20.11 12.25
N GLY H 26 -57.76 21.07 11.34
CA GLY H 26 -57.11 22.35 11.47
C GLY H 26 -55.94 22.61 10.54
N PHE H 27 -55.50 21.62 9.76
CA PHE H 27 -54.37 21.81 8.87
C PHE H 27 -54.62 21.04 7.59
N MET H 28 -53.72 21.25 6.63
CA MET H 28 -53.77 20.51 5.37
C MET H 28 -53.30 19.09 5.66
N PHE H 29 -54.26 18.22 5.97
CA PHE H 29 -53.95 16.83 6.26
C PHE H 29 -53.44 16.10 5.03
N SER H 30 -53.94 16.48 3.85
CA SER H 30 -53.46 15.89 2.61
C SER H 30 -52.13 16.46 2.15
N ASN H 31 -51.47 17.28 2.96
CA ASN H 31 -50.19 17.85 2.61
C ASN H 31 -49.11 17.46 3.59
N TYR H 32 -49.49 16.96 4.76
CA TYR H 32 -48.49 16.69 5.80
C TYR H 32 -48.42 15.18 6.02
N GLY H 33 -47.19 14.67 6.19
CA GLY H 33 -47.02 13.28 6.54
C GLY H 33 -47.17 13.05 8.04
N MET H 34 -47.52 11.82 8.39
CA MET H 34 -47.91 11.54 9.76
C MET H 34 -47.05 10.41 10.31
N HIS H 35 -47.09 10.27 11.64
CA HIS H 35 -46.20 9.40 12.39
C HIS H 35 -46.97 8.65 13.47
N TRP H 36 -46.39 7.54 13.91
CA TRP H 36 -46.80 6.86 15.12
C TRP H 36 -45.56 6.58 15.95
N VAL H 37 -45.66 6.77 17.27
CA VAL H 37 -44.59 6.40 18.19
C VAL H 37 -45.19 5.55 19.29
N ARG H 38 -44.34 5.06 20.17
CA ARG H 38 -44.78 4.19 21.26
C ARG H 38 -43.99 4.48 22.52
N GLN H 39 -44.70 4.78 23.59
CA GLN H 39 -44.10 4.87 24.90
C GLN H 39 -44.48 3.65 25.70
N ALA H 40 -43.47 2.98 26.25
CA ALA H 40 -43.70 1.88 27.17
C ALA H 40 -44.42 2.41 28.40
N PRO H 41 -45.25 1.57 29.05
CA PRO H 41 -46.12 2.09 30.13
C PRO H 41 -45.39 2.64 31.35
N GLY H 42 -44.14 2.23 31.59
CA GLY H 42 -43.41 2.79 32.70
C GLY H 42 -41.98 3.13 32.36
N LYS H 43 -41.68 3.25 31.08
CA LYS H 43 -40.31 3.43 30.61
C LYS H 43 -40.28 4.56 29.59
N GLY H 44 -39.16 4.68 28.87
CA GLY H 44 -38.94 5.78 27.96
C GLY H 44 -39.79 5.70 26.70
N LEU H 45 -39.61 6.72 25.84
CA LEU H 45 -40.36 6.83 24.61
C LEU H 45 -39.51 6.38 23.42
N GLU H 46 -40.14 5.63 22.51
CA GLU H 46 -39.49 5.20 21.29
C GLU H 46 -40.41 5.41 20.09
N TRP H 47 -39.83 5.25 18.90
CA TRP H 47 -40.51 5.53 17.65
C TRP H 47 -41.13 4.26 17.07
N MET H 48 -42.19 4.40 16.27
CA MET H 48 -42.72 3.28 15.53
C MET H 48 -42.62 3.43 14.01
N ALA H 49 -43.25 4.45 13.44
CA ALA H 49 -43.63 4.31 12.04
C ALA H 49 -44.05 5.66 11.48
N PHE H 50 -44.01 5.77 10.15
CA PHE H 50 -44.60 6.93 9.52
C PHE H 50 -45.11 6.56 8.14
N ILE H 51 -45.77 7.53 7.53
CA ILE H 51 -46.17 7.49 6.14
C ILE H 51 -45.93 8.86 5.55
N ARG H 52 -45.54 8.89 4.27
CA ARG H 52 -45.40 10.13 3.55
C ARG H 52 -46.76 10.59 3.07
N TYR H 53 -46.88 11.90 2.83
CA TYR H 53 -48.20 12.49 2.59
C TYR H 53 -48.76 12.11 1.24
N ASP H 54 -47.89 11.89 0.26
CA ASP H 54 -48.33 11.48 -1.07
C ASP H 54 -48.71 10.00 -1.14
N ASP H 55 -48.63 9.28 -0.03
CA ASP H 55 -48.71 7.83 0.04
C ASP H 55 -47.69 7.17 -0.90
N SER H 56 -46.41 7.29 -0.57
CA SER H 56 -45.37 6.65 -1.36
C SER H 56 -44.52 5.72 -0.53
N LYS H 57 -44.61 5.77 0.79
CA LYS H 57 -43.76 4.98 1.65
C LYS H 57 -44.50 4.71 2.95
N LYS H 58 -44.50 3.45 3.37
CA LYS H 58 -45.10 3.05 4.63
C LYS H 58 -44.00 2.41 5.45
N PHE H 59 -43.24 3.23 6.16
CA PHE H 59 -42.00 2.79 6.78
C PHE H 59 -42.23 2.52 8.26
N TYR H 60 -41.63 1.43 8.74
CA TYR H 60 -41.97 0.81 10.01
C TYR H 60 -40.69 0.58 10.80
N ALA H 61 -40.82 0.45 12.12
CA ALA H 61 -39.65 0.10 12.92
C ALA H 61 -39.33 -1.38 12.80
N ASP H 62 -38.23 -1.78 13.43
CA ASP H 62 -37.73 -3.14 13.30
C ASP H 62 -38.61 -4.13 14.06
N SER H 63 -39.32 -3.64 15.08
CA SER H 63 -40.09 -4.52 15.94
C SER H 63 -41.34 -5.06 15.27
N VAL H 64 -41.93 -4.30 14.35
CA VAL H 64 -43.27 -4.61 13.88
C VAL H 64 -43.32 -4.81 12.37
N LYS H 65 -42.20 -5.19 11.76
CA LYS H 65 -42.22 -5.53 10.35
C LYS H 65 -42.96 -6.83 10.15
N GLY H 66 -44.04 -6.79 9.38
CA GLY H 66 -44.95 -7.90 9.29
C GLY H 66 -46.01 -7.94 10.35
N ARG H 67 -46.09 -6.91 11.20
CA ARG H 67 -47.13 -6.85 12.22
C ARG H 67 -48.16 -5.78 11.90
N PHE H 68 -47.74 -4.54 11.69
CA PHE H 68 -48.66 -3.42 11.65
C PHE H 68 -48.78 -2.93 10.23
N THR H 69 -49.79 -2.09 9.99
CA THR H 69 -50.01 -1.51 8.68
C THR H 69 -50.58 -0.11 8.84
N ILE H 70 -49.95 0.86 8.19
CA ILE H 70 -50.47 2.22 8.12
C ILE H 70 -51.26 2.37 6.84
N SER H 71 -52.49 2.86 6.95
CA SER H 71 -53.16 3.52 5.86
C SER H 71 -53.51 4.92 6.33
N ARG H 72 -53.95 5.75 5.40
CA ARG H 72 -54.44 7.08 5.73
C ARG H 72 -55.48 7.48 4.69
N ASP H 73 -56.45 8.26 5.13
CA ASP H 73 -57.54 8.70 4.26
C ASP H 73 -57.57 10.22 4.30
N ASN H 74 -57.13 10.85 3.22
CA ASN H 74 -57.18 12.29 3.10
C ASN H 74 -58.59 12.81 2.86
N SER H 75 -59.53 11.94 2.49
CA SER H 75 -60.92 12.33 2.40
C SER H 75 -61.53 12.58 3.76
N LYS H 76 -61.46 11.60 4.66
CA LYS H 76 -62.00 11.72 6.00
C LYS H 76 -61.16 12.61 6.91
N ASN H 77 -59.94 12.95 6.47
CA ASN H 77 -58.92 13.59 7.30
C ASN H 77 -58.68 12.81 8.57
N THR H 78 -58.36 11.53 8.42
CA THR H 78 -58.17 10.64 9.55
C THR H 78 -57.00 9.72 9.29
N LEU H 79 -56.04 9.73 10.20
CA LEU H 79 -54.90 8.81 10.18
C LEU H 79 -55.32 7.45 10.70
N TYR H 80 -54.92 6.41 10.01
CA TYR H 80 -55.23 5.04 10.41
C TYR H 80 -53.96 4.30 10.82
N LEU H 81 -54.15 3.30 11.67
CA LEU H 81 -53.11 2.34 11.99
C LEU H 81 -53.77 1.00 12.24
N GLN H 82 -53.60 0.08 11.31
CA GLN H 82 -54.12 -1.27 11.43
C GLN H 82 -53.09 -2.11 12.17
N MET H 83 -53.49 -2.73 13.26
CA MET H 83 -52.61 -3.63 13.99
C MET H 83 -53.03 -5.06 13.76
N ASN H 84 -52.06 -5.96 13.71
CA ASN H 84 -52.29 -7.37 13.46
C ASN H 84 -51.26 -8.19 14.21
N SER H 85 -51.71 -9.36 14.69
CA SER H 85 -50.87 -10.37 15.36
C SER H 85 -50.17 -9.79 16.59
N LEU H 86 -50.99 -9.38 17.55
CA LEU H 86 -50.48 -8.59 18.67
C LEU H 86 -49.74 -9.47 19.68
N ARG H 87 -48.76 -8.87 20.35
CA ARG H 87 -47.93 -9.57 21.32
C ARG H 87 -47.89 -8.78 22.61
N ALA H 88 -47.39 -9.43 23.67
CA ALA H 88 -47.52 -8.89 25.02
C ALA H 88 -46.68 -7.64 25.23
N GLU H 89 -45.62 -7.47 24.44
CA GLU H 89 -44.82 -6.26 24.54
C GLU H 89 -45.53 -5.04 23.98
N ASP H 90 -46.58 -5.23 23.19
CA ASP H 90 -47.31 -4.12 22.59
C ASP H 90 -48.27 -3.45 23.56
N THR H 91 -48.41 -3.99 24.77
CA THR H 91 -49.15 -3.29 25.81
C THR H 91 -48.37 -2.04 26.20
N ALA H 92 -48.84 -0.89 25.73
CA ALA H 92 -48.03 0.32 25.78
C ALA H 92 -48.91 1.54 25.56
N LEU H 93 -48.25 2.70 25.53
CA LEU H 93 -48.89 3.98 25.25
C LEU H 93 -48.58 4.37 23.82
N TYR H 94 -49.59 4.85 23.11
CA TYR H 94 -49.52 5.11 21.68
C TYR H 94 -49.84 6.57 21.38
N TYR H 95 -48.98 7.21 20.60
CA TYR H 95 -49.21 8.58 20.16
C TYR H 95 -49.26 8.62 18.64
N CYS H 96 -50.08 9.51 18.12
CA CYS H 96 -50.00 9.94 16.73
C CYS H 96 -49.59 11.40 16.70
N ALA H 97 -48.63 11.73 15.83
CA ALA H 97 -48.00 13.04 15.89
C ALA H 97 -47.88 13.65 14.50
N LYS H 98 -47.97 14.97 14.45
CA LYS H 98 -47.85 15.71 13.20
C LYS H 98 -46.39 16.12 13.03
N GLU H 99 -45.95 16.20 11.78
CA GLU H 99 -44.58 16.57 11.47
C GLU H 99 -44.43 18.09 11.33
N LEU H 100 -43.20 18.56 11.52
CA LEU H 100 -42.90 19.99 11.47
C LEU H 100 -42.58 20.35 10.03
N LEU H 101 -43.43 21.15 9.42
CA LEU H 101 -43.47 21.23 7.98
C LEU H 101 -44.08 22.55 7.52
N GLN H 102 -43.42 23.20 6.56
CA GLN H 102 -43.92 24.42 5.95
C GLN H 102 -43.89 24.29 4.45
N VAL H 103 -44.93 24.79 3.79
CA VAL H 103 -45.10 24.57 2.36
C VAL H 103 -45.14 25.92 1.66
N TYR H 104 -44.22 26.12 0.69
CA TYR H 104 -44.21 27.33 -0.11
C TYR H 104 -44.51 26.99 -1.56
N THR H 105 -45.19 27.87 -2.27
CA THR H 105 -45.55 27.60 -3.66
C THR H 105 -45.08 28.70 -4.60
N SER H 106 -44.38 29.70 -4.10
CA SER H 106 -44.29 30.98 -4.79
C SER H 106 -43.26 31.02 -5.91
N ALA H 107 -42.71 29.89 -6.34
CA ALA H 107 -41.71 29.93 -7.40
C ALA H 107 -42.33 29.72 -8.78
N TRP H 108 -43.17 28.71 -8.93
CA TRP H 108 -43.95 28.49 -10.15
C TRP H 108 -45.17 27.71 -9.70
N GLY H 109 -45.82 27.07 -10.67
CA GLY H 109 -46.95 26.21 -10.36
C GLY H 109 -46.62 24.85 -9.78
N GLU H 110 -45.79 24.81 -8.73
CA GLU H 110 -45.69 23.62 -7.88
C GLU H 110 -45.14 24.00 -6.51
N GLY H 111 -45.68 23.36 -5.48
CA GLY H 111 -45.31 23.63 -4.10
C GLY H 111 -44.03 22.97 -3.67
N HIS H 112 -44.02 22.55 -2.40
CA HIS H 112 -42.79 22.30 -1.67
C HIS H 112 -43.10 21.64 -0.33
N SER H 113 -42.07 21.21 0.38
CA SER H 113 -42.17 20.85 1.78
C SER H 113 -40.87 21.18 2.51
N TYR H 114 -40.97 21.92 3.63
CA TYR H 114 -39.84 22.21 4.51
C TYR H 114 -39.69 21.12 5.57
N TYR H 115 -38.94 20.07 5.26
CA TYR H 115 -38.81 18.95 6.18
C TYR H 115 -37.89 19.31 7.35
N TYR H 116 -38.45 19.34 8.56
CA TYR H 116 -37.65 19.53 9.76
C TYR H 116 -37.70 18.36 10.73
N ALA H 117 -38.91 18.09 11.26
CA ALA H 117 -39.08 17.33 12.50
C ALA H 117 -40.56 17.03 12.76
N LEU H 118 -40.89 16.64 13.99
CA LEU H 118 -42.28 16.44 14.43
C LEU H 118 -42.64 17.46 15.51
N ASP H 119 -43.85 18.03 15.40
CA ASP H 119 -44.19 19.13 16.30
C ASP H 119 -45.44 18.95 17.13
N VAL H 120 -46.56 18.47 16.58
CA VAL H 120 -47.85 18.53 17.26
C VAL H 120 -48.33 17.12 17.49
N TRP H 121 -48.71 16.84 18.73
CA TRP H 121 -48.97 15.49 19.20
C TRP H 121 -50.46 15.27 19.42
N GLY H 122 -50.80 14.03 19.72
CA GLY H 122 -52.12 13.70 20.21
C GLY H 122 -52.07 13.44 21.71
N LEU H 123 -53.24 13.18 22.28
CA LEU H 123 -53.35 12.89 23.69
C LEU H 123 -52.71 11.56 24.07
N GLY H 124 -53.17 10.48 23.48
CA GLY H 124 -52.51 9.21 23.67
C GLY H 124 -53.44 8.17 24.28
N THR H 125 -53.86 7.23 23.46
CA THR H 125 -54.61 6.09 23.93
C THR H 125 -53.63 4.95 24.19
N ALA H 126 -54.02 4.05 25.07
CA ALA H 126 -53.20 2.89 25.40
C ALA H 126 -53.97 1.64 25.11
N VAL H 127 -53.27 0.65 24.57
CA VAL H 127 -53.84 -0.64 24.21
C VAL H 127 -53.13 -1.69 25.04
N THR H 128 -53.89 -2.63 25.58
CA THR H 128 -53.35 -3.76 26.33
C THR H 128 -53.56 -5.03 25.52
N VAL H 129 -52.51 -5.80 25.32
CA VAL H 129 -52.59 -7.04 24.56
C VAL H 129 -52.78 -8.16 25.57
N SER H 130 -54.02 -8.61 25.71
CA SER H 130 -54.35 -9.64 26.70
C SER H 130 -55.63 -10.33 26.28
N SER H 131 -55.69 -11.64 26.53
CA SER H 131 -56.86 -12.43 26.15
C SER H 131 -58.07 -12.14 27.03
N ALA H 132 -57.84 -11.59 28.22
CA ALA H 132 -58.87 -11.20 29.19
C ALA H 132 -59.82 -12.34 29.57
N ILE I 2 -29.27 2.58 14.35
CA ILE I 2 -28.93 3.87 14.94
C ILE I 2 -29.16 3.86 16.44
N GLN I 3 -28.16 4.35 17.18
CA GLN I 3 -28.16 4.27 18.63
C GLN I 3 -27.86 5.65 19.21
N MET I 4 -28.73 6.09 20.10
CA MET I 4 -28.61 7.37 20.76
C MET I 4 -28.64 7.15 22.26
N THR I 5 -27.85 7.93 22.98
CA THR I 5 -27.69 7.76 24.41
C THR I 5 -27.59 9.12 25.09
N GLN I 6 -28.55 9.42 25.95
CA GLN I 6 -28.57 10.66 26.72
C GLN I 6 -27.66 10.52 27.93
N SER I 7 -26.90 11.58 28.19
CA SER I 7 -26.00 11.56 29.31
C SER I 7 -25.95 12.98 29.88
N PRO I 8 -26.24 13.15 31.18
CA PRO I 8 -26.57 12.15 32.21
C PRO I 8 -28.03 11.69 32.21
N SER I 9 -28.35 10.79 33.14
CA SER I 9 -29.64 10.11 33.10
C SER I 9 -30.73 10.82 33.89
N SER I 10 -30.39 11.46 35.01
CA SER I 10 -31.40 12.11 35.84
C SER I 10 -30.77 13.26 36.61
N VAL I 11 -31.30 14.46 36.38
CA VAL I 11 -30.78 15.68 36.98
C VAL I 11 -31.86 16.30 37.86
N SER I 12 -31.46 16.72 39.05
CA SER I 12 -32.36 17.44 39.95
C SER I 12 -31.68 18.74 40.36
N ALA I 13 -32.37 19.86 40.15
CA ALA I 13 -31.82 21.17 40.47
C ALA I 13 -32.95 22.14 40.76
N SER I 14 -32.61 23.24 41.42
CA SER I 14 -33.59 24.23 41.84
C SER I 14 -33.93 25.19 40.72
N VAL I 15 -34.80 26.15 41.03
CA VAL I 15 -35.27 27.09 40.02
C VAL I 15 -34.16 28.10 39.70
N GLY I 16 -33.89 28.28 38.40
CA GLY I 16 -32.90 29.22 37.95
C GLY I 16 -31.53 28.62 37.70
N ASP I 17 -31.39 27.32 37.88
CA ASP I 17 -30.09 26.68 37.73
C ASP I 17 -29.85 26.38 36.24
N ARG I 18 -28.65 25.87 35.92
CA ARG I 18 -28.25 25.70 34.54
C ARG I 18 -28.08 24.21 34.21
N VAL I 19 -28.93 23.72 33.30
CA VAL I 19 -28.98 22.31 32.94
C VAL I 19 -28.42 22.12 31.54
N THR I 20 -27.40 21.27 31.43
CA THR I 20 -26.81 20.88 30.15
C THR I 20 -26.92 19.37 30.00
N ILE I 21 -27.65 18.93 28.98
CA ILE I 21 -27.78 17.52 28.65
C ILE I 21 -27.21 17.32 27.26
N THR I 22 -26.28 16.38 27.12
CA THR I 22 -25.65 16.05 25.86
C THR I 22 -26.20 14.71 25.37
N CYS I 23 -26.69 14.70 24.14
CA CYS I 23 -27.02 13.45 23.46
C CYS I 23 -25.84 13.03 22.60
N ARG I 24 -25.72 11.73 22.41
CA ARG I 24 -24.66 11.12 21.62
C ARG I 24 -25.28 10.31 20.50
N ALA I 25 -24.51 10.06 19.46
CA ALA I 25 -24.96 9.25 18.34
C ALA I 25 -23.89 8.26 17.95
N SER I 26 -24.32 7.07 17.55
CA SER I 26 -23.39 6.05 17.11
C SER I 26 -22.76 6.38 15.76
N GLN I 27 -23.43 7.19 14.95
CA GLN I 27 -22.90 7.59 13.66
C GLN I 27 -23.26 9.04 13.38
N ASP I 28 -22.73 9.55 12.27
CA ASP I 28 -22.76 10.99 12.03
C ASP I 28 -24.12 11.43 11.51
N ILE I 29 -24.67 12.48 12.13
CA ILE I 29 -25.88 13.11 11.62
C ILE I 29 -25.76 14.63 11.52
N SER I 30 -24.89 15.25 12.31
CA SER I 30 -24.27 16.56 12.12
C SER I 30 -25.13 17.82 12.31
N ASN I 31 -26.46 17.75 12.19
CA ASN I 31 -27.33 18.65 12.95
C ASN I 31 -28.71 18.06 13.19
N TRP I 32 -28.95 16.84 12.72
CA TRP I 32 -30.32 16.36 12.58
C TRP I 32 -30.81 15.76 13.89
N LEU I 33 -31.27 16.65 14.77
CA LEU I 33 -31.85 16.27 16.05
C LEU I 33 -32.86 17.32 16.46
N ALA I 34 -33.94 16.89 17.10
CA ALA I 34 -34.93 17.80 17.64
C ALA I 34 -35.06 17.57 19.14
N TRP I 35 -35.27 18.66 19.87
CA TRP I 35 -35.33 18.62 21.32
C TRP I 35 -36.76 18.66 21.83
N TYR I 36 -37.10 17.70 22.68
CA TYR I 36 -38.44 17.59 23.20
C TYR I 36 -38.46 17.85 24.70
N GLN I 37 -39.63 18.22 25.20
CA GLN I 37 -39.87 18.37 26.62
C GLN I 37 -41.22 17.75 26.96
N GLN I 38 -41.20 16.63 27.65
CA GLN I 38 -42.45 16.02 28.11
C GLN I 38 -42.57 16.22 29.60
N LYS I 39 -43.30 17.26 29.98
CA LYS I 39 -43.91 17.33 31.29
C LYS I 39 -44.75 16.08 31.52
N PRO I 40 -44.66 15.46 32.69
CA PRO I 40 -45.33 14.17 32.92
C PRO I 40 -46.85 14.30 32.86
N GLY I 41 -47.46 13.38 32.09
CA GLY I 41 -48.86 13.45 31.77
C GLY I 41 -49.18 14.24 30.52
N LYS I 42 -48.23 15.03 30.02
CA LYS I 42 -48.44 15.86 28.84
C LYS I 42 -47.81 15.20 27.62
N ALA I 43 -47.93 15.89 26.49
CA ALA I 43 -47.22 15.49 25.30
C ALA I 43 -45.82 16.07 25.31
N PRO I 44 -44.86 15.43 24.65
CA PRO I 44 -43.54 16.05 24.49
C PRO I 44 -43.61 17.30 23.62
N GLU I 45 -43.26 18.43 24.23
CA GLU I 45 -43.25 19.69 23.51
C GLU I 45 -41.91 19.89 22.83
N LEU I 46 -41.95 20.18 21.54
CA LEU I 46 -40.73 20.43 20.79
C LEU I 46 -40.07 21.73 21.24
N LEU I 47 -38.79 21.64 21.55
CA LEU I 47 -38.04 22.79 22.07
C LEU I 47 -37.10 23.38 21.03
N ILE I 48 -36.15 22.58 20.57
CA ILE I 48 -35.18 23.01 19.58
C ILE I 48 -35.10 21.95 18.52
N TYR I 49 -35.45 22.32 17.30
CA TYR I 49 -35.34 21.44 16.15
C TYR I 49 -34.08 21.81 15.38
N THR I 50 -33.54 20.82 14.66
CA THR I 50 -32.26 20.85 13.94
C THR I 50 -31.10 21.23 14.85
N ALA I 51 -31.22 20.90 16.15
CA ALA I 51 -30.18 20.96 17.18
C ALA I 51 -29.70 22.36 17.52
N SER I 52 -30.16 23.41 16.83
CA SER I 52 -29.77 24.75 17.23
C SER I 52 -30.85 25.81 17.04
N ILE I 53 -32.03 25.42 16.60
CA ILE I 53 -33.08 26.39 16.26
C ILE I 53 -34.26 26.19 17.19
N LEU I 54 -34.58 27.24 17.94
CA LEU I 54 -35.61 27.18 18.97
C LEU I 54 -37.01 27.17 18.37
N GLN I 55 -37.88 26.36 18.94
CA GLN I 55 -39.28 26.34 18.53
C GLN I 55 -39.97 27.62 18.97
N SER I 56 -40.85 28.13 18.11
CA SER I 56 -41.71 29.25 18.49
C SER I 56 -42.72 28.80 19.52
N GLY I 57 -43.05 29.70 20.45
CA GLY I 57 -43.86 29.37 21.60
C GLY I 57 -43.07 28.93 22.81
N VAL I 58 -41.75 28.79 22.68
CA VAL I 58 -40.88 28.37 23.76
C VAL I 58 -39.89 29.51 24.02
N SER I 59 -39.68 29.83 25.29
CA SER I 59 -38.83 30.95 25.68
C SER I 59 -37.36 30.64 25.40
N SER I 60 -36.56 31.71 25.41
CA SER I 60 -35.17 31.61 24.99
C SER I 60 -34.24 31.08 26.08
N ARG I 61 -34.78 30.58 27.20
CA ARG I 61 -33.93 30.01 28.23
C ARG I 61 -33.31 28.69 27.79
N PHE I 62 -33.87 28.05 26.78
CA PHE I 62 -33.40 26.76 26.30
C PHE I 62 -32.44 26.98 25.13
N SER I 63 -31.21 26.50 25.27
CA SER I 63 -30.18 26.72 24.26
C SER I 63 -29.38 25.43 24.12
N GLY I 64 -28.22 25.53 23.48
CA GLY I 64 -27.37 24.38 23.29
C GLY I 64 -27.15 24.06 21.82
N SER I 65 -26.04 23.40 21.51
CA SER I 65 -25.74 23.07 20.12
C SER I 65 -24.85 21.83 20.09
N GLY I 66 -24.38 21.52 18.89
CA GLY I 66 -23.51 20.38 18.72
C GLY I 66 -23.17 20.19 17.26
N SER I 67 -22.26 19.25 17.02
CA SER I 67 -21.75 18.99 15.68
C SER I 67 -21.38 17.51 15.58
N GLY I 68 -21.68 16.94 14.43
CA GLY I 68 -21.28 15.56 14.20
C GLY I 68 -22.20 14.57 14.88
N THR I 69 -21.72 13.95 15.96
CA THR I 69 -22.53 13.02 16.73
C THR I 69 -22.73 13.49 18.16
N ASP I 70 -22.43 14.75 18.45
CA ASP I 70 -22.20 15.18 19.83
C ASP I 70 -23.05 16.41 20.10
N PHE I 71 -24.31 16.20 20.47
CA PHE I 71 -25.30 17.26 20.47
C PHE I 71 -25.75 17.54 21.89
N THR I 72 -25.91 18.82 22.22
CA THR I 72 -26.16 19.25 23.59
C THR I 72 -27.34 20.20 23.64
N LEU I 73 -28.20 20.00 24.64
CA LEU I 73 -29.16 21.00 25.05
C LEU I 73 -28.59 21.73 26.26
N THR I 74 -28.90 23.02 26.38
CA THR I 74 -28.51 23.81 27.54
C THR I 74 -29.68 24.65 28.01
N ILE I 75 -30.06 24.50 29.27
CA ILE I 75 -31.05 25.36 29.89
C ILE I 75 -30.28 26.45 30.63
N SER I 76 -30.46 27.70 30.22
CA SER I 76 -29.72 28.79 30.85
C SER I 76 -30.28 29.13 32.23
N SER I 77 -31.57 28.89 32.46
CA SER I 77 -32.18 29.16 33.75
C SER I 77 -33.42 28.28 33.91
N LEU I 78 -33.53 27.61 35.05
CA LEU I 78 -34.63 26.69 35.27
C LEU I 78 -35.89 27.39 35.72
N GLN I 79 -37.02 26.80 35.36
CA GLN I 79 -38.36 27.20 35.78
C GLN I 79 -38.97 26.10 36.64
N PRO I 80 -39.96 26.42 37.47
CA PRO I 80 -40.70 25.35 38.16
C PRO I 80 -41.55 24.49 37.23
N GLU I 81 -41.86 24.97 36.03
CA GLU I 81 -42.57 24.18 35.04
C GLU I 81 -41.64 23.29 34.22
N ASP I 82 -40.34 23.28 34.54
CA ASP I 82 -39.36 22.49 33.81
C ASP I 82 -39.19 21.09 34.38
N SER I 83 -40.04 20.68 35.32
CA SER I 83 -39.98 19.32 35.83
C SER I 83 -40.52 18.39 34.76
N ALA I 84 -39.62 17.74 34.02
CA ALA I 84 -40.03 17.02 32.82
C ALA I 84 -38.97 15.99 32.47
N THR I 85 -39.36 15.06 31.61
CA THR I 85 -38.45 14.08 31.04
C THR I 85 -38.01 14.57 29.67
N TYR I 86 -36.70 14.60 29.44
CA TYR I 86 -36.15 15.26 28.27
C TYR I 86 -35.72 14.25 27.21
N TYR I 87 -35.96 14.59 25.96
CA TYR I 87 -35.90 13.65 24.87
C TYR I 87 -35.04 14.14 23.73
N CYS I 88 -34.41 13.19 23.06
CA CYS I 88 -33.73 13.39 21.79
C CYS I 88 -34.48 12.65 20.69
N GLN I 89 -34.29 13.12 19.47
CA GLN I 89 -34.91 12.55 18.27
C GLN I 89 -33.83 12.40 17.21
N GLN I 90 -33.77 11.23 16.58
CA GLN I 90 -32.91 11.05 15.42
C GLN I 90 -33.47 11.90 14.28
N GLY I 91 -32.64 12.37 13.36
CA GLY I 91 -33.21 13.23 12.35
C GLY I 91 -32.86 12.91 10.92
N LYS I 92 -31.88 12.03 10.72
CA LYS I 92 -31.31 11.88 9.39
C LYS I 92 -31.76 10.60 8.70
N SER I 93 -31.59 9.47 9.38
CA SER I 93 -31.87 8.18 8.71
C SER I 93 -33.03 7.43 9.36
N PHE I 94 -33.87 6.82 8.52
CA PHE I 94 -35.01 6.00 8.98
C PHE I 94 -34.54 4.54 8.99
N PRO I 95 -34.64 3.83 10.12
CA PRO I 95 -35.54 4.21 11.22
C PRO I 95 -35.05 5.31 12.13
N TYR I 96 -36.01 6.00 12.75
CA TYR I 96 -35.69 6.91 13.83
C TYR I 96 -35.36 6.13 15.08
N THR I 97 -34.74 6.80 16.03
CA THR I 97 -34.66 6.35 17.41
C THR I 97 -34.58 7.58 18.31
N PHE I 98 -34.86 7.37 19.59
CA PHE I 98 -34.95 8.45 20.55
C PHE I 98 -33.90 8.28 21.63
N GLY I 99 -33.66 9.36 22.36
CA GLY I 99 -32.93 9.26 23.60
C GLY I 99 -33.74 8.54 24.65
N GLN I 100 -33.05 8.01 25.66
CA GLN I 100 -33.72 7.17 26.65
C GLN I 100 -34.58 7.97 27.61
N GLY I 101 -34.38 9.28 27.70
CA GLY I 101 -35.21 10.08 28.56
C GLY I 101 -34.57 10.50 29.85
N THR I 102 -34.24 11.79 29.96
CA THR I 102 -33.63 12.34 31.16
C THR I 102 -34.71 13.09 31.94
N LYS I 103 -35.12 12.51 33.06
CA LYS I 103 -36.18 13.08 33.89
C LYS I 103 -35.59 14.18 34.76
N LEU I 104 -35.72 15.41 34.29
CA LEU I 104 -35.27 16.58 35.05
C LEU I 104 -36.28 16.86 36.15
N GLU I 105 -35.81 16.87 37.39
CA GLU I 105 -36.63 17.25 38.52
C GLU I 105 -36.29 18.67 38.93
N ILE I 106 -37.31 19.49 39.15
CA ILE I 106 -37.14 20.85 39.63
C ILE I 106 -37.40 20.88 41.13
N LYS I 107 -36.41 21.31 41.89
CA LYS I 107 -36.58 21.52 43.32
C LYS I 107 -37.39 22.79 43.53
N ARG I 108 -38.63 22.63 43.99
CA ARG I 108 -39.56 23.74 44.12
C ARG I 108 -39.79 24.05 45.60
N THR I 109 -40.51 25.14 45.86
CA THR I 109 -40.80 25.55 47.22
C THR I 109 -41.88 24.68 47.84
N GLU J 42 -11.28 -11.41 -41.95
CA GLU J 42 -12.56 -11.03 -42.55
C GLU J 42 -13.01 -9.67 -42.06
N VAL J 43 -13.90 -9.04 -42.84
CA VAL J 43 -14.46 -7.77 -42.43
C VAL J 43 -15.57 -8.01 -41.42
N ILE J 44 -15.48 -7.35 -40.28
CA ILE J 44 -16.47 -7.52 -39.22
C ILE J 44 -17.67 -6.66 -39.57
N VAL J 45 -18.87 -7.22 -39.41
CA VAL J 45 -20.11 -6.51 -39.66
C VAL J 45 -20.66 -6.07 -38.32
N ASN J 46 -21.06 -4.80 -38.23
CA ASN J 46 -21.64 -4.26 -37.01
C ASN J 46 -22.96 -4.96 -36.70
N ALA J 47 -23.23 -5.16 -35.42
CA ALA J 47 -24.49 -5.76 -34.97
C ALA J 47 -25.21 -4.86 -33.99
N GLN J 48 -24.74 -3.74 -33.78
CA GLN J 48 -25.28 -2.87 -32.76
C GLN J 48 -26.44 -2.05 -33.33
N PRO J 49 -27.36 -1.59 -32.48
CA PRO J 49 -28.44 -0.72 -33.00
C PRO J 49 -27.95 0.62 -33.48
N LYS J 50 -27.16 1.31 -32.67
CA LYS J 50 -26.65 2.61 -33.05
C LYS J 50 -25.14 2.61 -32.98
N CYS J 51 -24.52 3.41 -33.82
CA CYS J 51 -23.07 3.44 -33.91
C CYS J 51 -22.62 4.80 -34.40
N ASN J 52 -21.84 5.50 -33.59
CA ASN J 52 -21.34 6.81 -33.97
C ASN J 52 -20.23 6.65 -35.00
N PRO J 53 -20.41 7.19 -36.21
CA PRO J 53 -19.37 7.04 -37.22
C PRO J 53 -18.30 8.10 -37.14
N ASN J 54 -18.14 8.78 -36.01
CA ASN J 54 -17.02 9.69 -35.84
C ASN J 54 -16.45 9.57 -34.44
N LEU J 55 -15.14 9.36 -34.38
CA LEU J 55 -14.42 9.33 -33.12
C LEU J 55 -14.00 10.74 -32.77
N HIS J 56 -13.44 10.88 -31.60
CA HIS J 56 -12.75 12.08 -31.18
C HIS J 56 -11.65 11.61 -30.23
N PHE J 57 -10.43 11.46 -30.75
CA PHE J 57 -9.40 10.75 -29.95
C PHE J 57 -8.54 11.65 -29.04
N TRP J 58 -8.37 11.20 -27.80
CA TRP J 58 -7.45 11.83 -26.87
C TRP J 58 -6.35 10.82 -26.61
N THR J 59 -5.12 11.28 -26.72
CA THR J 59 -3.99 10.41 -26.43
C THR J 59 -2.85 11.27 -25.94
N THR J 60 -1.85 10.59 -25.41
CA THR J 60 -0.62 11.21 -24.99
C THR J 60 0.10 11.76 -26.20
N GLN J 61 0.91 12.80 -25.97
CA GLN J 61 1.78 13.27 -27.03
C GLN J 61 2.84 12.21 -27.27
N ASP J 62 2.63 11.45 -28.35
CA ASP J 62 3.39 10.23 -28.62
C ASP J 62 4.87 10.50 -28.83
N GLU J 63 5.20 11.49 -29.65
CA GLU J 63 6.52 12.10 -29.62
C GLU J 63 6.33 13.59 -29.67
N GLY J 64 7.26 14.31 -29.08
CA GLY J 64 7.15 15.75 -29.05
C GLY J 64 8.54 16.35 -29.05
N ALA J 65 8.69 17.43 -29.82
CA ALA J 65 9.94 18.16 -29.85
C ALA J 65 10.17 18.82 -28.50
N ALA J 66 11.33 18.55 -27.91
CA ALA J 66 11.68 19.12 -26.62
C ALA J 66 11.99 20.61 -26.81
N ILE J 67 10.93 21.40 -26.80
CA ILE J 67 11.08 22.83 -27.04
C ILE J 67 11.62 23.48 -25.78
N GLY J 68 12.93 23.66 -25.73
CA GLY J 68 13.55 24.25 -24.57
C GLY J 68 13.48 23.34 -23.37
N LEU J 69 12.64 23.71 -22.41
CA LEU J 69 12.67 23.11 -21.09
C LEU J 69 11.36 22.43 -20.72
N ALA J 70 10.49 22.17 -21.70
CA ALA J 70 9.18 21.62 -21.38
C ALA J 70 9.26 20.16 -20.97
N TRP J 71 10.30 19.47 -21.42
CA TRP J 71 10.44 18.04 -21.18
C TRP J 71 10.82 17.72 -19.74
N ILE J 72 11.56 18.60 -19.08
CA ILE J 72 11.86 18.47 -17.66
C ILE J 72 10.56 18.52 -16.89
N PRO J 73 10.32 17.60 -15.96
CA PRO J 73 9.05 17.61 -15.24
C PRO J 73 8.86 18.81 -14.36
N TYR J 74 9.92 19.41 -13.84
CA TYR J 74 9.76 20.55 -12.94
C TYR J 74 9.24 21.77 -13.67
N PHE J 75 9.55 21.87 -14.96
CA PHE J 75 8.94 22.88 -15.82
C PHE J 75 7.82 22.31 -16.63
N GLY J 76 7.48 21.05 -16.41
CA GLY J 76 6.52 20.39 -17.25
C GLY J 76 5.11 20.83 -16.96
N PRO J 77 4.21 20.62 -17.92
CA PRO J 77 2.80 20.94 -17.70
C PRO J 77 2.19 19.94 -16.74
N ALA J 78 0.98 20.27 -16.28
CA ALA J 78 0.31 19.40 -15.35
C ALA J 78 -0.29 18.19 -16.06
N ALA J 79 -1.03 17.38 -15.31
CA ALA J 79 -1.59 16.16 -15.86
C ALA J 79 -2.68 16.45 -16.88
N GLU J 80 -3.33 17.59 -16.77
CA GLU J 80 -4.42 17.88 -17.70
C GLU J 80 -3.91 18.34 -19.05
N GLY J 81 -2.62 18.65 -19.14
CA GLY J 81 -2.08 19.25 -20.35
C GLY J 81 -1.12 18.38 -21.13
N ILE J 82 -0.96 17.11 -20.78
CA ILE J 82 -0.01 16.27 -21.49
C ILE J 82 -0.63 15.52 -22.65
N TYR J 83 -1.81 15.92 -23.08
CA TYR J 83 -2.54 15.12 -24.06
C TYR J 83 -2.58 15.81 -25.40
N THR J 84 -2.99 15.06 -26.41
CA THR J 84 -3.36 15.62 -27.69
C THR J 84 -4.64 14.96 -28.15
N GLU J 85 -5.30 15.60 -29.12
CA GLU J 85 -6.59 15.11 -29.57
C GLU J 85 -6.68 15.23 -31.07
N GLY J 86 -7.67 14.55 -31.63
CA GLY J 86 -7.89 14.58 -33.06
C GLY J 86 -9.20 13.91 -33.38
N LEU J 87 -9.65 14.08 -34.61
CA LEU J 87 -10.84 13.40 -35.06
C LEU J 87 -10.45 12.21 -35.89
N MET J 88 -11.46 11.60 -36.50
CA MET J 88 -11.26 10.51 -37.44
C MET J 88 -12.51 10.41 -38.30
N HIS J 89 -12.45 10.96 -39.50
CA HIS J 89 -13.58 10.89 -40.42
C HIS J 89 -13.74 9.45 -40.89
N ASN J 90 -14.98 9.08 -41.21
CA ASN J 90 -15.26 7.69 -41.49
C ASN J 90 -14.65 7.28 -42.81
N GLN J 91 -13.97 6.15 -42.77
CA GLN J 91 -13.25 5.61 -43.91
C GLN J 91 -13.82 4.21 -44.12
N ASP J 92 -14.99 4.15 -44.77
CA ASP J 92 -15.72 2.92 -45.07
C ASP J 92 -15.97 2.07 -43.83
N GLY J 93 -16.50 2.71 -42.78
CA GLY J 93 -16.95 1.97 -41.64
C GLY J 93 -15.86 1.38 -40.78
N LEU J 94 -14.70 2.04 -40.68
CA LEU J 94 -13.69 1.57 -39.73
C LEU J 94 -14.18 1.71 -38.30
N ILE J 95 -15.02 2.70 -38.06
CA ILE J 95 -15.39 3.00 -36.68
C ILE J 95 -16.43 2.02 -36.19
N CYS J 96 -17.44 1.72 -37.02
CA CYS J 96 -18.49 0.80 -36.58
C CYS J 96 -17.97 -0.62 -36.50
N GLY J 97 -17.15 -1.02 -37.48
CA GLY J 97 -16.45 -2.28 -37.36
C GLY J 97 -15.51 -2.30 -36.16
N LEU J 98 -14.95 -1.15 -35.82
CA LEU J 98 -14.03 -1.07 -34.70
C LEU J 98 -14.76 -1.31 -33.39
N ARG J 99 -15.91 -0.69 -33.22
CA ARG J 99 -16.68 -0.89 -31.99
C ARG J 99 -17.20 -2.31 -31.92
N GLN J 100 -17.57 -2.88 -33.06
CA GLN J 100 -18.00 -4.28 -33.06
C GLN J 100 -16.85 -5.20 -32.69
N LEU J 101 -15.64 -4.83 -33.11
CA LEU J 101 -14.45 -5.56 -32.70
C LEU J 101 -14.24 -5.48 -31.20
N ALA J 102 -14.49 -4.31 -30.62
CA ALA J 102 -14.36 -4.15 -29.17
C ALA J 102 -15.32 -5.05 -28.42
N ASN J 103 -16.57 -5.08 -28.87
CA ASN J 103 -17.56 -5.93 -28.21
C ASN J 103 -17.22 -7.41 -28.42
N GLU J 104 -16.57 -7.75 -29.52
CA GLU J 104 -16.14 -9.13 -29.65
C GLU J 104 -14.95 -9.46 -28.77
N THR J 105 -14.11 -8.47 -28.48
CA THR J 105 -12.94 -8.75 -27.65
C THR J 105 -13.26 -8.88 -26.18
N THR J 106 -14.39 -8.31 -25.75
CA THR J 106 -14.69 -8.17 -24.32
C THR J 106 -14.69 -9.50 -23.57
N GLN J 107 -15.32 -10.54 -24.14
CA GLN J 107 -15.46 -11.82 -23.45
C GLN J 107 -14.10 -12.48 -23.24
N ALA J 108 -13.29 -12.52 -24.28
CA ALA J 108 -11.98 -13.15 -24.15
C ALA J 108 -11.07 -12.34 -23.23
N LEU J 109 -11.25 -11.02 -23.19
CA LEU J 109 -10.41 -10.24 -22.31
C LEU J 109 -10.80 -10.46 -20.85
N GLN J 110 -12.09 -10.58 -20.59
CA GLN J 110 -12.55 -10.93 -19.26
C GLN J 110 -12.05 -12.30 -18.83
N LEU J 111 -12.08 -13.27 -19.74
CA LEU J 111 -11.63 -14.60 -19.35
C LEU J 111 -10.13 -14.64 -19.21
N PHE J 112 -9.42 -13.72 -19.86
CA PHE J 112 -7.99 -13.63 -19.61
C PHE J 112 -7.71 -13.00 -18.27
N LEU J 113 -8.46 -11.95 -17.92
CA LEU J 113 -8.20 -11.24 -16.68
C LEU J 113 -8.63 -12.03 -15.47
N ARG J 114 -9.58 -12.95 -15.64
CA ARG J 114 -9.87 -13.85 -14.53
C ARG J 114 -8.70 -14.80 -14.31
N ALA J 115 -8.01 -15.15 -15.37
CA ALA J 115 -6.99 -16.18 -15.28
C ALA J 115 -5.68 -15.71 -14.66
N THR J 116 -5.45 -14.42 -14.53
CA THR J 116 -4.18 -13.95 -14.01
C THR J 116 -4.29 -13.66 -12.52
N THR J 117 -3.14 -13.35 -11.92
CA THR J 117 -3.08 -12.89 -10.54
C THR J 117 -2.46 -11.52 -10.41
N GLU J 118 -2.27 -10.82 -11.52
CA GLU J 118 -1.68 -9.50 -11.46
C GLU J 118 -2.76 -8.48 -11.15
N LEU J 119 -2.40 -7.43 -10.44
CA LEU J 119 -3.35 -6.35 -10.32
C LEU J 119 -3.46 -5.54 -11.58
N ARG J 120 -2.35 -5.23 -12.23
CA ARG J 120 -2.33 -4.28 -13.33
C ARG J 120 -1.58 -4.89 -14.51
N THR J 121 -2.32 -5.59 -15.36
CA THR J 121 -1.74 -6.28 -16.51
C THR J 121 -1.29 -5.27 -17.55
N PHE J 122 0.01 -5.20 -17.77
CA PHE J 122 0.60 -4.23 -18.67
C PHE J 122 1.23 -4.86 -19.89
N SER J 123 1.15 -6.18 -20.03
CA SER J 123 1.99 -6.91 -20.96
C SER J 123 1.20 -7.71 -21.99
N ILE J 124 0.05 -7.23 -22.43
CA ILE J 124 -0.70 -7.96 -23.44
C ILE J 124 -0.07 -7.77 -24.80
N LEU J 125 0.33 -6.53 -25.10
CA LEU J 125 0.87 -6.21 -26.41
C LEU J 125 2.21 -6.87 -26.64
N ASN J 126 3.06 -6.89 -25.61
CA ASN J 126 4.35 -7.55 -25.72
C ASN J 126 4.18 -9.04 -25.93
N ARG J 127 3.22 -9.63 -25.22
CA ARG J 127 2.95 -11.05 -25.36
C ARG J 127 2.43 -11.37 -26.75
N LYS J 128 1.63 -10.50 -27.32
CA LYS J 128 1.10 -10.82 -28.64
C LYS J 128 2.13 -10.57 -29.72
N ALA J 129 3.06 -9.66 -29.48
CA ALA J 129 4.18 -9.50 -30.42
C ALA J 129 5.07 -10.73 -30.40
N ILE J 130 5.29 -11.32 -29.22
CA ILE J 130 6.05 -12.54 -29.13
C ILE J 130 5.31 -13.70 -29.78
N ASP J 131 3.97 -13.69 -29.69
CA ASP J 131 3.15 -14.67 -30.40
C ASP J 131 3.34 -14.55 -31.91
N PHE J 132 3.35 -13.33 -32.43
CA PHE J 132 3.53 -13.09 -33.85
C PHE J 132 4.88 -13.61 -34.32
N LEU J 133 5.94 -13.27 -33.58
CA LEU J 133 7.28 -13.68 -33.98
C LEU J 133 7.47 -15.19 -33.86
N LEU J 134 6.87 -15.81 -32.86
CA LEU J 134 7.00 -17.26 -32.74
C LEU J 134 6.24 -17.98 -33.84
N GLN J 135 5.06 -17.49 -34.21
CA GLN J 135 4.31 -18.18 -35.25
C GLN J 135 4.94 -17.98 -36.62
N ARG J 136 5.57 -16.82 -36.83
CA ARG J 136 6.22 -16.62 -38.13
C ARG J 136 7.61 -17.25 -38.18
N TRP J 137 8.25 -17.48 -37.04
CA TRP J 137 9.60 -18.04 -37.06
C TRP J 137 9.60 -19.51 -37.40
N GLY J 138 9.01 -20.33 -36.55
CA GLY J 138 9.08 -21.77 -36.70
C GLY J 138 9.92 -22.43 -35.63
N GLU K 1 -24.66 13.11 -54.99
CA GLU K 1 -24.86 11.69 -55.16
C GLU K 1 -26.26 11.29 -54.74
N ILE K 2 -26.47 11.25 -53.44
CA ILE K 2 -27.77 10.87 -52.87
C ILE K 2 -28.74 12.00 -53.16
N VAL K 3 -29.89 11.66 -53.72
CA VAL K 3 -30.92 12.63 -54.03
C VAL K 3 -32.19 12.21 -53.31
N LEU K 4 -32.75 13.12 -52.53
CA LEU K 4 -33.96 12.83 -51.78
C LEU K 4 -35.16 13.33 -52.57
N THR K 5 -35.95 12.40 -53.08
CA THR K 5 -37.16 12.71 -53.82
C THR K 5 -38.37 12.51 -52.92
N GLN K 6 -39.09 13.58 -52.66
CA GLN K 6 -40.29 13.52 -51.84
C GLN K 6 -41.49 13.13 -52.69
N SER K 7 -42.48 12.53 -52.03
CA SER K 7 -43.70 12.20 -52.68
C SER K 7 -44.81 12.23 -51.64
N PRO K 8 -45.92 12.92 -51.92
CA PRO K 8 -46.18 13.69 -53.13
C PRO K 8 -45.60 15.09 -53.03
N GLY K 9 -45.88 15.93 -54.02
CA GLY K 9 -45.38 17.29 -53.96
C GLY K 9 -46.08 18.14 -52.94
N THR K 10 -47.38 17.93 -52.75
CA THR K 10 -48.18 18.69 -51.80
C THR K 10 -49.15 17.76 -51.09
N LEU K 11 -49.66 18.23 -49.94
CA LEU K 11 -50.79 17.61 -49.28
C LEU K 11 -51.79 18.69 -48.89
N SER K 12 -53.07 18.32 -48.88
CA SER K 12 -54.14 19.18 -48.41
C SER K 12 -55.17 18.28 -47.73
N LEU K 13 -55.13 18.21 -46.40
CA LEU K 13 -55.94 17.26 -45.66
C LEU K 13 -56.70 17.96 -44.55
N SER K 14 -57.73 17.29 -44.04
CA SER K 14 -58.62 17.87 -43.04
C SER K 14 -58.07 17.64 -41.64
N PRO K 15 -58.46 18.47 -40.67
CA PRO K 15 -58.06 18.23 -39.28
C PRO K 15 -58.61 16.91 -38.76
N GLY K 16 -57.82 16.26 -37.91
CA GLY K 16 -58.18 14.96 -37.40
C GLY K 16 -57.80 13.81 -38.29
N GLU K 17 -57.40 14.07 -39.52
CA GLU K 17 -57.01 13.00 -40.44
C GLU K 17 -55.58 12.56 -40.17
N ARG K 18 -55.04 11.79 -41.09
CA ARG K 18 -53.71 11.23 -40.95
C ARG K 18 -52.92 11.47 -42.23
N ALA K 19 -51.91 12.33 -42.14
CA ALA K 19 -51.06 12.67 -43.27
C ALA K 19 -49.83 11.79 -43.26
N THR K 20 -49.51 11.21 -44.42
CA THR K 20 -48.35 10.34 -44.57
C THR K 20 -47.46 10.88 -45.67
N LEU K 21 -46.36 11.50 -45.28
CA LEU K 21 -45.35 11.96 -46.23
C LEU K 21 -44.17 11.01 -46.22
N SER K 22 -43.77 10.54 -47.40
CA SER K 22 -42.59 9.72 -47.53
C SER K 22 -41.65 10.37 -48.53
N CYS K 23 -40.37 10.03 -48.39
CA CYS K 23 -39.33 10.46 -49.32
C CYS K 23 -38.57 9.22 -49.75
N ARG K 24 -38.11 9.22 -50.99
CA ARG K 24 -37.37 8.07 -51.51
C ARG K 24 -35.92 8.47 -51.72
N ALA K 25 -35.02 7.64 -51.20
CA ALA K 25 -33.61 7.80 -51.48
C ALA K 25 -33.32 7.43 -52.93
N SER K 26 -32.43 8.21 -53.56
CA SER K 26 -32.02 7.88 -54.91
C SER K 26 -31.19 6.62 -54.98
N GLN K 27 -30.50 6.27 -53.91
CA GLN K 27 -29.66 5.09 -53.89
C GLN K 27 -30.14 4.16 -52.79
N SER K 28 -29.54 2.98 -52.74
CA SER K 28 -29.64 2.14 -51.56
C SER K 28 -28.84 2.78 -50.42
N VAL K 29 -29.46 2.85 -49.25
CA VAL K 29 -28.87 3.52 -48.10
C VAL K 29 -28.64 2.54 -46.95
N SER K 30 -29.73 2.01 -46.37
CA SER K 30 -29.73 1.18 -45.16
C SER K 30 -28.94 1.81 -44.02
N SER K 31 -29.12 3.12 -43.84
CA SER K 31 -28.44 3.85 -42.78
C SER K 31 -29.43 4.81 -42.15
N SER K 32 -30.07 4.36 -41.08
CA SER K 32 -31.18 5.10 -40.45
C SER K 32 -30.67 6.34 -39.71
N TYR K 33 -30.30 7.34 -40.49
CA TYR K 33 -29.70 8.57 -40.00
C TYR K 33 -30.50 9.78 -40.46
N PHE K 34 -31.82 9.74 -40.31
CA PHE K 34 -32.63 10.71 -41.02
C PHE K 34 -33.16 11.79 -40.09
N ALA K 35 -33.86 12.76 -40.68
CA ALA K 35 -34.40 13.88 -39.94
C ALA K 35 -35.55 14.52 -40.71
N TRP K 36 -36.63 14.80 -39.99
CA TRP K 36 -37.78 15.52 -40.54
C TRP K 36 -37.88 16.87 -39.89
N TYR K 37 -37.96 17.92 -40.71
CA TYR K 37 -37.98 19.29 -40.21
C TYR K 37 -39.32 19.94 -40.49
N GLN K 38 -39.61 20.98 -39.71
CA GLN K 38 -40.76 21.84 -39.93
C GLN K 38 -40.24 23.25 -40.13
N GLN K 39 -40.32 23.73 -41.36
CA GLN K 39 -39.96 25.12 -41.63
C GLN K 39 -41.24 25.93 -41.57
N LYS K 40 -41.46 26.58 -40.46
CA LYS K 40 -42.46 27.63 -40.49
C LYS K 40 -41.98 28.76 -41.37
N PRO K 41 -42.87 29.42 -42.09
CA PRO K 41 -42.45 30.51 -42.98
C PRO K 41 -41.88 31.69 -42.21
N GLY K 42 -40.76 32.21 -42.69
CA GLY K 42 -40.00 33.20 -41.96
C GLY K 42 -39.22 32.66 -40.79
N GLN K 43 -39.12 31.35 -40.64
CA GLN K 43 -38.48 30.74 -39.50
C GLN K 43 -37.43 29.74 -39.94
N ALA K 44 -36.51 29.48 -39.01
CA ALA K 44 -35.57 28.40 -39.18
C ALA K 44 -36.31 27.06 -39.14
N PRO K 45 -35.78 26.04 -39.80
CA PRO K 45 -36.37 24.71 -39.67
C PRO K 45 -36.20 24.17 -38.26
N ARG K 46 -37.13 23.30 -37.87
CA ARG K 46 -37.16 22.76 -36.52
C ARG K 46 -37.26 21.24 -36.56
N LEU K 47 -36.43 20.55 -35.79
CA LEU K 47 -36.37 19.11 -35.83
C LEU K 47 -37.61 18.48 -35.20
N LEU K 48 -38.10 17.42 -35.83
CA LEU K 48 -39.22 16.63 -35.32
C LEU K 48 -38.79 15.24 -34.91
N ILE K 49 -38.28 14.47 -35.86
CA ILE K 49 -37.88 13.10 -35.63
C ILE K 49 -36.55 12.87 -36.30
N SER K 50 -35.54 12.56 -35.50
CA SER K 50 -34.24 12.22 -36.02
C SER K 50 -34.04 10.73 -35.85
N GLY K 51 -33.08 10.19 -36.58
CA GLY K 51 -32.73 8.78 -36.47
C GLY K 51 -33.84 7.84 -36.86
N THR K 52 -34.73 8.29 -37.74
CA THR K 52 -35.74 7.55 -38.49
C THR K 52 -36.93 7.10 -37.63
N SER K 53 -36.79 7.11 -36.31
CA SER K 53 -37.96 6.88 -35.47
C SER K 53 -37.94 7.65 -34.17
N THR K 54 -36.87 8.38 -33.86
CA THR K 54 -36.71 8.94 -32.53
C THR K 54 -37.23 10.35 -32.48
N ARG K 55 -38.23 10.57 -31.63
CA ARG K 55 -38.86 11.87 -31.48
C ARG K 55 -37.90 12.84 -30.79
N ALA K 56 -37.85 14.07 -31.30
CA ALA K 56 -37.08 15.11 -30.64
C ALA K 56 -37.82 15.58 -29.38
N PRO K 57 -37.12 16.18 -28.42
CA PRO K 57 -37.81 16.77 -27.28
C PRO K 57 -38.61 17.99 -27.68
N GLY K 58 -39.61 18.32 -26.87
CA GLY K 58 -40.53 19.39 -27.18
C GLY K 58 -41.58 19.04 -28.22
N ILE K 59 -41.50 17.86 -28.83
CA ILE K 59 -42.38 17.46 -29.91
C ILE K 59 -43.59 16.74 -29.35
N PRO K 60 -44.79 17.21 -29.63
CA PRO K 60 -45.99 16.49 -29.20
C PRO K 60 -46.12 15.17 -29.93
N ASP K 61 -46.69 14.19 -29.24
CA ASP K 61 -46.58 12.79 -29.62
C ASP K 61 -47.35 12.39 -30.87
N ARG K 62 -48.06 13.31 -31.52
CA ARG K 62 -48.84 12.90 -32.68
C ARG K 62 -48.01 12.80 -33.95
N PHE K 63 -46.69 12.78 -33.85
CA PHE K 63 -45.83 12.61 -35.02
C PHE K 63 -45.18 11.24 -34.95
N SER K 64 -45.03 10.58 -36.10
CA SER K 64 -44.30 9.32 -36.17
C SER K 64 -43.72 9.18 -37.57
N GLY K 65 -42.82 8.22 -37.74
CA GLY K 65 -42.24 7.94 -39.04
C GLY K 65 -41.35 6.73 -38.95
N SER K 66 -41.15 6.09 -40.10
CA SER K 66 -40.38 4.85 -40.17
C SER K 66 -39.97 4.62 -41.62
N GLY K 67 -39.53 3.39 -41.89
CA GLY K 67 -39.04 3.01 -43.19
C GLY K 67 -37.77 2.22 -43.04
N SER K 68 -37.52 1.34 -44.02
CA SER K 68 -36.34 0.50 -43.93
C SER K 68 -35.34 0.66 -45.07
N GLY K 69 -35.77 0.41 -46.31
CA GLY K 69 -34.79 0.35 -47.39
C GLY K 69 -34.43 1.63 -48.11
N THR K 70 -35.40 2.18 -48.86
CA THR K 70 -35.25 3.43 -49.58
C THR K 70 -36.46 4.33 -49.43
N ASP K 71 -37.62 3.78 -49.13
CA ASP K 71 -38.83 4.55 -48.86
C ASP K 71 -38.93 4.75 -47.36
N PHE K 72 -39.10 5.99 -46.94
CA PHE K 72 -39.07 6.33 -45.53
C PHE K 72 -40.13 7.37 -45.24
N THR K 73 -41.05 7.03 -44.35
CA THR K 73 -42.27 7.78 -44.20
C THR K 73 -42.21 8.72 -43.02
N LEU K 74 -43.15 9.66 -42.99
CA LEU K 74 -43.44 10.49 -41.85
C LEU K 74 -44.95 10.55 -41.71
N THR K 75 -45.45 10.29 -40.51
CA THR K 75 -46.88 10.08 -40.30
C THR K 75 -47.38 10.95 -39.16
N ILE K 76 -48.40 11.76 -39.44
CA ILE K 76 -49.00 12.64 -38.46
C ILE K 76 -50.46 12.25 -38.32
N SER K 77 -50.81 11.65 -37.18
CA SER K 77 -52.21 11.38 -36.89
C SER K 77 -52.81 12.55 -36.14
N ARG K 78 -54.14 12.69 -36.26
CA ARG K 78 -54.94 13.73 -35.62
C ARG K 78 -54.44 15.13 -35.98
N LEU K 79 -54.61 15.46 -37.26
CA LEU K 79 -54.02 16.65 -37.84
C LEU K 79 -54.53 17.92 -37.18
N GLU K 80 -53.61 18.80 -36.86
CA GLU K 80 -53.87 20.06 -36.21
C GLU K 80 -53.45 21.20 -37.11
N PRO K 81 -54.13 22.35 -37.05
CA PRO K 81 -53.81 23.45 -37.99
C PRO K 81 -52.45 24.08 -37.74
N GLU K 82 -51.86 23.85 -36.57
CA GLU K 82 -50.56 24.39 -36.23
C GLU K 82 -49.44 23.67 -36.94
N ASP K 83 -49.72 22.54 -37.57
CA ASP K 83 -48.74 21.79 -38.34
C ASP K 83 -48.61 22.28 -39.77
N PHE K 84 -49.18 23.43 -40.09
CA PHE K 84 -49.15 23.96 -41.45
C PHE K 84 -47.76 24.49 -41.79
N ALA K 85 -47.01 23.73 -42.58
CA ALA K 85 -45.67 24.12 -43.00
C ALA K 85 -45.24 23.26 -44.19
N VAL K 86 -43.95 23.36 -44.52
CA VAL K 86 -43.30 22.50 -45.49
C VAL K 86 -42.31 21.60 -44.76
N TYR K 87 -42.33 20.32 -45.07
CA TYR K 87 -41.54 19.34 -44.34
C TYR K 87 -40.40 18.82 -45.19
N PHE K 88 -39.30 18.46 -44.54
CA PHE K 88 -38.02 18.20 -45.20
C PHE K 88 -37.45 16.84 -44.86
N CYS K 89 -37.02 16.11 -45.88
CA CYS K 89 -36.32 14.85 -45.73
C CYS K 89 -34.82 15.12 -45.70
N GLN K 90 -34.10 14.40 -44.86
CA GLN K 90 -32.68 14.60 -44.63
C GLN K 90 -31.98 13.27 -44.46
N GLN K 91 -30.82 13.12 -45.10
CA GLN K 91 -29.95 11.97 -44.88
C GLN K 91 -28.56 12.43 -44.53
N TYR K 92 -28.00 11.87 -43.45
CA TYR K 92 -26.58 11.96 -43.17
C TYR K 92 -25.94 10.60 -43.38
N GLY K 93 -24.72 10.61 -43.87
CA GLY K 93 -24.01 9.36 -44.09
C GLY K 93 -22.78 9.62 -44.92
N ASN K 94 -21.72 8.89 -44.57
CA ASN K 94 -20.39 9.02 -45.18
C ASN K 94 -19.90 10.46 -45.15
N SER K 95 -19.93 11.04 -43.96
CA SER K 95 -19.41 12.35 -43.62
C SER K 95 -20.10 13.49 -44.37
N LEU K 96 -21.33 13.32 -44.84
CA LEU K 96 -22.00 14.35 -45.60
C LEU K 96 -23.49 14.40 -45.29
N TYR K 97 -24.02 15.62 -45.19
CA TYR K 97 -25.45 15.85 -45.17
C TYR K 97 -25.98 15.90 -46.58
N THR K 98 -27.23 15.49 -46.75
CA THR K 98 -27.92 15.70 -48.02
C THR K 98 -29.40 15.88 -47.75
N PHE K 99 -30.03 16.62 -48.65
CA PHE K 99 -31.38 17.11 -48.46
C PHE K 99 -32.23 16.73 -49.65
N GLY K 100 -33.53 17.03 -49.51
CA GLY K 100 -34.44 17.02 -50.62
C GLY K 100 -35.17 18.35 -50.72
N GLN K 101 -36.10 18.40 -51.66
CA GLN K 101 -36.84 19.63 -51.91
C GLN K 101 -37.85 19.93 -50.83
N GLY K 102 -38.68 18.98 -50.46
CA GLY K 102 -39.69 19.28 -49.47
C GLY K 102 -41.09 19.16 -50.02
N THR K 103 -42.05 19.22 -49.11
CA THR K 103 -43.46 19.02 -49.43
C THR K 103 -44.32 19.95 -48.60
N LYS K 104 -45.09 20.80 -49.27
CA LYS K 104 -45.99 21.71 -48.58
C LYS K 104 -47.19 20.92 -48.06
N LEU K 105 -47.41 20.98 -46.76
CA LEU K 105 -48.54 20.32 -46.15
C LEU K 105 -49.56 21.38 -45.75
N GLU K 106 -50.82 21.14 -46.10
CA GLU K 106 -51.90 22.07 -45.84
C GLU K 106 -52.99 21.40 -45.01
N ILE K 107 -53.36 22.04 -43.90
CA ILE K 107 -54.47 21.60 -43.07
C ILE K 107 -55.72 22.31 -43.57
N LYS K 108 -56.79 21.55 -43.79
CA LYS K 108 -58.05 22.14 -44.23
C LYS K 108 -58.79 22.81 -43.08
N GLN L 1 -30.18 27.03 -22.33
CA GLN L 1 -30.74 27.74 -23.47
C GLN L 1 -29.62 28.34 -24.28
N VAL L 2 -29.22 27.66 -25.34
CA VAL L 2 -28.13 28.08 -26.20
C VAL L 2 -28.73 28.90 -27.35
N GLN L 3 -28.01 29.93 -27.76
CA GLN L 3 -28.44 30.78 -28.86
C GLN L 3 -27.30 30.96 -29.85
N LEU L 4 -27.68 31.05 -31.12
CA LEU L 4 -26.73 31.21 -32.20
C LEU L 4 -27.09 32.49 -32.94
N GLN L 5 -26.09 33.32 -33.20
CA GLN L 5 -26.33 34.59 -33.88
C GLN L 5 -25.53 34.63 -35.17
N GLU L 6 -26.22 34.58 -36.30
CA GLU L 6 -25.57 34.86 -37.57
C GLU L 6 -25.27 36.34 -37.68
N SER L 7 -24.31 36.66 -38.54
CA SER L 7 -23.99 38.02 -38.90
C SER L 7 -23.22 38.03 -40.22
N GLY L 8 -23.29 39.16 -40.91
CA GLY L 8 -22.58 39.31 -42.16
C GLY L 8 -23.11 40.47 -42.98
N PRO L 9 -22.42 40.81 -44.06
CA PRO L 9 -22.90 41.88 -44.92
C PRO L 9 -24.09 41.44 -45.74
N GLY L 10 -25.08 42.32 -45.83
CA GLY L 10 -26.26 42.01 -46.61
C GLY L 10 -26.02 42.06 -48.10
N LEU L 11 -25.11 42.93 -48.54
CA LEU L 11 -24.86 43.16 -49.96
C LEU L 11 -23.48 42.65 -50.31
N GLY L 12 -23.34 42.14 -51.53
CA GLY L 12 -22.08 41.60 -52.01
C GLY L 12 -21.49 42.38 -53.16
N LYS L 13 -20.56 41.72 -53.84
CA LYS L 13 -19.90 42.21 -55.03
C LYS L 13 -19.33 40.95 -55.69
N PRO L 14 -19.67 40.69 -56.95
CA PRO L 14 -19.31 39.40 -57.56
C PRO L 14 -17.81 39.24 -57.74
N SER L 15 -17.37 37.98 -57.70
CA SER L 15 -15.98 37.52 -57.70
C SER L 15 -15.18 38.05 -56.52
N GLU L 16 -15.82 38.43 -55.43
CA GLU L 16 -15.12 38.84 -54.22
C GLU L 16 -15.26 37.75 -53.16
N THR L 17 -14.70 38.03 -51.98
CA THR L 17 -14.76 37.11 -50.86
C THR L 17 -15.84 37.56 -49.89
N LEU L 18 -16.80 36.69 -49.63
CA LEU L 18 -17.93 36.98 -48.77
C LEU L 18 -17.72 36.27 -47.43
N SER L 19 -17.58 37.05 -46.37
CA SER L 19 -17.35 36.52 -45.04
C SER L 19 -18.63 36.58 -44.23
N LEU L 20 -18.86 35.56 -43.41
CA LEU L 20 -19.98 35.56 -42.47
C LEU L 20 -19.49 35.13 -41.10
N SER L 21 -20.37 35.19 -40.13
CA SER L 21 -20.02 34.84 -38.76
C SER L 21 -21.23 34.33 -37.99
N CYS L 22 -21.08 33.16 -37.40
CA CYS L 22 -22.05 32.59 -36.46
C CYS L 22 -21.42 32.69 -35.07
N THR L 23 -22.13 33.30 -34.14
CA THR L 23 -21.58 33.53 -32.80
C THR L 23 -22.42 32.79 -31.76
N VAL L 24 -21.74 32.02 -30.93
CA VAL L 24 -22.36 31.09 -30.00
C VAL L 24 -22.70 31.82 -28.71
N SER L 25 -23.94 31.69 -28.26
CA SER L 25 -24.35 32.22 -26.97
C SER L 25 -25.03 31.12 -26.17
N GLY L 26 -24.45 30.77 -25.02
CA GLY L 26 -25.07 29.82 -24.13
C GLY L 26 -24.33 28.52 -23.95
N ALA L 27 -23.41 28.18 -24.83
CA ALA L 27 -22.66 26.94 -24.68
C ALA L 27 -21.27 27.16 -25.25
N SER L 28 -20.55 26.06 -25.44
CA SER L 28 -19.23 26.12 -26.03
C SER L 28 -19.24 25.52 -27.43
N ILE L 29 -18.29 25.97 -28.25
CA ILE L 29 -18.05 25.32 -29.53
C ILE L 29 -17.42 23.96 -29.31
N ARG L 30 -16.61 23.85 -28.26
CA ARG L 30 -15.58 22.82 -28.16
C ARG L 30 -16.17 21.43 -28.03
N GLY L 31 -16.12 20.67 -29.12
CA GLY L 31 -16.51 19.29 -29.13
C GLY L 31 -17.66 18.94 -30.06
N TYR L 32 -18.26 19.90 -30.72
CA TYR L 32 -19.45 19.64 -31.51
C TYR L 32 -19.21 19.91 -32.99
N PHE L 33 -20.20 19.54 -33.79
CA PHE L 33 -20.19 19.77 -35.23
C PHE L 33 -20.98 21.03 -35.51
N TRP L 34 -20.37 22.00 -36.18
CA TRP L 34 -20.99 23.28 -36.49
C TRP L 34 -21.14 23.39 -38.00
N ASN L 35 -22.36 23.68 -38.45
CA ASN L 35 -22.73 23.58 -39.86
C ASN L 35 -22.89 24.95 -40.50
N TRP L 36 -23.03 24.93 -41.82
CA TRP L 36 -23.56 26.05 -42.57
C TRP L 36 -24.56 25.53 -43.58
N ILE L 37 -25.67 26.24 -43.75
CA ILE L 37 -26.73 25.82 -44.65
C ILE L 37 -27.16 26.99 -45.52
N ARG L 38 -27.15 26.76 -46.82
CA ARG L 38 -27.67 27.69 -47.82
C ARG L 38 -29.14 27.41 -48.06
N GLN L 39 -29.94 28.47 -48.09
CA GLN L 39 -31.32 28.36 -48.56
C GLN L 39 -31.62 29.50 -49.52
N PRO L 40 -31.63 29.24 -50.82
CA PRO L 40 -32.21 30.19 -51.75
C PRO L 40 -33.70 30.27 -51.52
N PRO L 41 -34.29 31.47 -51.59
CA PRO L 41 -35.70 31.64 -51.24
C PRO L 41 -36.61 30.97 -52.24
N GLY L 42 -37.56 30.18 -51.72
CA GLY L 42 -38.44 29.38 -52.54
C GLY L 42 -37.87 28.03 -52.93
N LYS L 43 -36.57 27.83 -52.80
CA LYS L 43 -35.92 26.58 -53.13
C LYS L 43 -35.93 25.67 -51.92
N GLY L 44 -35.21 24.57 -52.03
CA GLY L 44 -34.93 23.73 -50.90
C GLY L 44 -33.73 24.26 -50.13
N LEU L 45 -33.28 23.46 -49.19
CA LEU L 45 -32.09 23.79 -48.41
C LEU L 45 -30.89 23.20 -49.13
N GLU L 46 -29.79 23.93 -49.16
CA GLU L 46 -28.53 23.38 -49.64
C GLU L 46 -27.53 23.40 -48.51
N TRP L 47 -26.99 22.23 -48.19
CA TRP L 47 -25.98 22.17 -47.14
C TRP L 47 -24.62 22.57 -47.69
N ILE L 48 -23.88 23.32 -46.88
CA ILE L 48 -22.60 23.86 -47.29
C ILE L 48 -21.45 23.05 -46.75
N GLY L 49 -21.37 22.88 -45.44
CA GLY L 49 -20.23 22.17 -44.86
C GLY L 49 -20.30 22.19 -43.36
N TYR L 50 -19.31 21.55 -42.75
CA TYR L 50 -19.20 21.57 -41.30
C TYR L 50 -17.75 21.57 -40.88
N ILE L 51 -17.49 22.29 -39.79
CA ILE L 51 -16.20 22.25 -39.12
C ILE L 51 -16.44 21.74 -37.70
N HIS L 52 -15.53 20.91 -37.23
CA HIS L 52 -15.48 20.48 -35.84
C HIS L 52 -14.37 21.22 -35.13
N SER L 53 -14.51 21.38 -33.81
CA SER L 53 -13.67 22.28 -33.03
C SER L 53 -12.20 21.89 -33.01
N THR L 54 -11.87 20.67 -33.42
CA THR L 54 -10.47 20.33 -33.65
C THR L 54 -9.89 21.07 -34.84
N GLY L 55 -10.72 21.60 -35.73
CA GLY L 55 -10.26 22.24 -36.93
C GLY L 55 -10.38 21.39 -38.17
N SER L 56 -10.76 20.12 -38.02
CA SER L 56 -11.01 19.30 -39.20
C SER L 56 -12.32 19.73 -39.83
N THR L 57 -12.38 19.69 -41.15
CA THR L 57 -13.44 20.34 -41.90
C THR L 57 -13.80 19.46 -43.09
N ASN L 58 -15.08 19.42 -43.43
CA ASN L 58 -15.54 18.73 -44.62
C ASN L 58 -16.51 19.65 -45.37
N TYR L 59 -16.63 19.40 -46.67
CA TYR L 59 -17.29 20.31 -47.60
C TYR L 59 -18.32 19.58 -48.43
N ASN L 60 -19.30 20.34 -48.89
CA ASN L 60 -20.21 19.85 -49.93
C ASN L 60 -19.42 19.80 -51.22
N PRO L 61 -19.45 18.70 -51.97
CA PRO L 61 -18.72 18.67 -53.24
C PRO L 61 -19.19 19.66 -54.29
N SER L 62 -20.42 20.16 -54.19
CA SER L 62 -20.87 21.19 -55.12
C SER L 62 -20.13 22.50 -54.88
N LEU L 63 -19.73 22.75 -53.65
CA LEU L 63 -19.03 23.99 -53.33
C LEU L 63 -17.60 23.74 -52.85
N LYS L 64 -16.97 22.67 -53.32
CA LYS L 64 -15.66 22.32 -52.80
C LYS L 64 -14.60 23.30 -53.29
N SER L 65 -14.70 23.72 -54.54
CA SER L 65 -13.74 24.64 -55.11
C SER L 65 -13.90 26.07 -54.60
N ARG L 66 -15.07 26.43 -54.11
CA ARG L 66 -15.44 27.82 -53.93
C ARG L 66 -15.24 28.37 -52.54
N VAL L 67 -15.59 27.62 -51.49
CA VAL L 67 -15.74 28.19 -50.16
C VAL L 67 -14.65 27.69 -49.24
N THR L 68 -14.62 28.27 -48.04
CA THR L 68 -13.76 27.81 -46.96
C THR L 68 -14.37 28.21 -45.63
N ILE L 69 -14.13 27.38 -44.60
CA ILE L 69 -14.78 27.52 -43.30
C ILE L 69 -13.70 27.55 -42.22
N SER L 70 -13.81 28.51 -41.30
CA SER L 70 -12.91 28.58 -40.16
C SER L 70 -13.70 28.78 -38.88
N VAL L 71 -13.05 28.54 -37.74
CA VAL L 71 -13.69 28.66 -36.45
C VAL L 71 -12.71 29.29 -35.46
N ASP L 72 -13.23 30.04 -34.49
CA ASP L 72 -12.43 30.65 -33.44
C ASP L 72 -13.00 30.27 -32.09
N THR L 73 -12.26 29.47 -31.34
CA THR L 73 -12.63 29.15 -29.97
C THR L 73 -12.32 30.29 -29.02
N SER L 74 -11.44 31.21 -29.39
CA SER L 74 -11.08 32.29 -28.49
C SER L 74 -12.19 33.34 -28.40
N LYS L 75 -12.68 33.82 -29.54
CA LYS L 75 -13.81 34.72 -29.55
C LYS L 75 -15.14 33.98 -29.59
N ASN L 76 -15.10 32.64 -29.56
CA ASN L 76 -16.29 31.79 -29.53
C ASN L 76 -17.14 31.99 -30.80
N GLN L 77 -16.48 31.99 -31.95
CA GLN L 77 -17.12 32.36 -33.20
C GLN L 77 -16.88 31.33 -34.30
N VAL L 78 -17.83 31.26 -35.23
CA VAL L 78 -17.80 30.33 -36.35
C VAL L 78 -17.93 31.14 -37.63
N SER L 79 -16.97 30.99 -38.53
CA SER L 79 -16.84 31.86 -39.69
C SER L 79 -16.98 31.09 -40.99
N LEU L 80 -17.64 31.72 -41.96
CA LEU L 80 -17.79 31.18 -43.31
C LEU L 80 -17.22 32.17 -44.30
N ASN L 81 -16.46 31.67 -45.27
CA ASN L 81 -15.90 32.49 -46.33
C ASN L 81 -16.19 31.85 -47.68
N VAL L 82 -16.71 32.65 -48.61
CA VAL L 82 -17.01 32.19 -49.96
C VAL L 82 -16.12 32.95 -50.91
N ASN L 83 -15.23 32.24 -51.60
CA ASN L 83 -14.29 32.90 -52.49
C ASN L 83 -14.83 32.92 -53.91
N SER L 84 -14.67 34.07 -54.56
CA SER L 84 -15.13 34.35 -55.93
C SER L 84 -16.63 34.13 -56.06
N VAL L 85 -17.39 34.98 -55.38
CA VAL L 85 -18.83 34.82 -55.33
C VAL L 85 -19.48 35.20 -56.65
N THR L 86 -20.72 34.77 -56.83
CA THR L 86 -21.53 35.15 -57.98
C THR L 86 -22.96 35.34 -57.51
N ALA L 87 -23.80 35.76 -58.46
CA ALA L 87 -25.18 36.11 -58.12
C ALA L 87 -26.01 34.88 -57.79
N ALA L 88 -25.56 33.69 -58.20
CA ALA L 88 -26.22 32.45 -57.81
C ALA L 88 -26.12 32.16 -56.32
N ASP L 89 -25.14 32.76 -55.63
CA ASP L 89 -24.91 32.53 -54.22
C ASP L 89 -25.83 33.34 -53.34
N THR L 90 -26.69 34.18 -53.92
CA THR L 90 -27.66 34.93 -53.14
C THR L 90 -28.69 33.97 -52.54
N ALA L 91 -28.74 33.93 -51.21
CA ALA L 91 -29.57 32.97 -50.51
C ALA L 91 -29.72 33.40 -49.05
N VAL L 92 -30.44 32.58 -48.30
CA VAL L 92 -30.52 32.70 -46.85
C VAL L 92 -29.54 31.69 -46.25
N TYR L 93 -28.75 32.13 -45.28
CA TYR L 93 -27.68 31.32 -44.71
C TYR L 93 -27.94 31.01 -43.23
N PHE L 94 -27.52 29.81 -42.83
CA PHE L 94 -27.82 29.24 -41.51
C PHE L 94 -26.56 28.67 -40.88
N CYS L 95 -26.56 28.54 -39.55
CA CYS L 95 -25.58 27.73 -38.84
C CYS L 95 -26.31 26.82 -37.84
N ALA L 96 -25.85 25.58 -37.72
CA ALA L 96 -26.57 24.59 -36.95
C ALA L 96 -25.60 23.60 -36.31
N ARG L 97 -26.06 22.97 -35.25
CA ARG L 97 -25.20 22.18 -34.37
C ARG L 97 -25.51 20.70 -34.50
N GLY L 98 -24.67 19.98 -35.24
CA GLY L 98 -24.91 18.57 -35.47
C GLY L 98 -24.16 17.56 -34.62
N ALA L 99 -24.35 17.56 -33.31
CA ALA L 99 -23.64 16.60 -32.48
C ALA L 99 -24.31 15.24 -32.54
N TRP L 100 -23.57 14.20 -32.14
CA TRP L 100 -24.18 12.90 -31.93
C TRP L 100 -25.17 12.95 -30.78
N ASN L 101 -24.74 13.52 -29.67
CA ASN L 101 -25.60 13.66 -28.50
C ASN L 101 -25.02 14.72 -27.57
N VAL L 102 -25.93 15.40 -26.89
CA VAL L 102 -25.63 16.09 -25.67
C VAL L 102 -26.07 15.11 -24.60
N ALA L 103 -25.81 15.47 -23.33
CA ALA L 103 -25.61 14.60 -22.19
C ALA L 103 -26.47 13.35 -22.09
N THR L 104 -27.77 13.53 -22.02
CA THR L 104 -28.66 12.40 -21.95
C THR L 104 -29.41 12.17 -23.26
N VAL L 105 -29.43 13.16 -24.14
CA VAL L 105 -30.34 13.17 -25.26
C VAL L 105 -29.58 12.77 -26.51
N TYR L 106 -29.98 11.66 -27.11
CA TYR L 106 -29.45 11.25 -28.40
C TYR L 106 -30.05 12.12 -29.49
N TYR L 107 -29.21 12.57 -30.40
CA TYR L 107 -29.65 13.33 -31.56
C TYR L 107 -29.40 12.64 -32.87
N TYR L 108 -28.49 11.67 -32.89
CA TYR L 108 -28.22 10.82 -34.05
C TYR L 108 -27.80 11.65 -35.25
N TYR L 109 -26.95 12.65 -34.99
CA TYR L 109 -26.48 13.63 -35.95
C TYR L 109 -27.61 14.43 -36.59
N GLY L 110 -28.70 14.64 -35.89
CA GLY L 110 -29.63 15.66 -36.29
C GLY L 110 -29.11 17.03 -35.93
N MET L 111 -29.76 18.04 -36.46
CA MET L 111 -29.41 19.42 -36.15
C MET L 111 -30.43 19.95 -35.16
N ASP L 112 -30.00 20.19 -33.93
CA ASP L 112 -30.93 20.52 -32.88
C ASP L 112 -31.32 21.99 -32.89
N VAL L 113 -30.35 22.88 -32.86
CA VAL L 113 -30.57 24.28 -32.54
C VAL L 113 -29.98 25.10 -33.68
N TRP L 114 -30.55 26.26 -33.91
CA TRP L 114 -30.34 27.00 -35.14
C TRP L 114 -30.23 28.47 -34.82
N GLY L 115 -29.52 29.21 -35.65
CA GLY L 115 -29.55 30.66 -35.61
C GLY L 115 -30.73 31.16 -36.40
N GLN L 116 -30.95 32.48 -36.33
CA GLN L 116 -32.11 33.07 -36.99
C GLN L 116 -31.97 33.15 -38.49
N GLY L 117 -30.75 33.21 -38.99
CA GLY L 117 -30.53 33.17 -40.42
C GLY L 117 -30.59 34.53 -41.06
N THR L 118 -29.66 34.75 -41.99
CA THR L 118 -29.52 36.01 -42.67
C THR L 118 -29.64 35.80 -44.16
N LEU L 119 -30.35 36.73 -44.81
CA LEU L 119 -30.41 36.82 -46.25
C LEU L 119 -29.22 37.66 -46.72
N VAL L 120 -28.38 37.07 -47.57
CA VAL L 120 -27.19 37.73 -48.09
C VAL L 120 -27.25 37.70 -49.61
N THR L 121 -27.03 38.86 -50.23
CA THR L 121 -27.19 39.03 -51.66
C THR L 121 -25.88 39.47 -52.31
N VAL L 122 -25.47 38.75 -53.35
CA VAL L 122 -24.35 39.12 -54.20
C VAL L 122 -24.91 39.88 -55.39
N SER L 123 -24.51 41.14 -55.55
CA SER L 123 -24.91 41.94 -56.69
C SER L 123 -23.84 43.00 -56.95
N SER L 124 -24.00 43.71 -58.05
CA SER L 124 -23.08 44.77 -58.42
C SER L 124 -23.34 46.02 -57.59
N SER M 1 22.45 -19.79 -16.81
CA SER M 1 21.22 -19.13 -16.43
C SER M 1 20.22 -20.11 -15.84
N ILE M 2 18.97 -19.69 -15.73
CA ILE M 2 17.90 -20.51 -15.20
C ILE M 2 17.63 -21.67 -16.15
N PRO M 3 17.73 -22.90 -15.68
CA PRO M 3 17.54 -24.04 -16.57
C PRO M 3 16.08 -24.21 -16.92
N LEU M 4 15.85 -25.08 -17.88
CA LEU M 4 14.57 -25.19 -18.55
C LEU M 4 14.43 -26.59 -19.12
N GLY M 5 13.20 -27.09 -19.18
CA GLY M 5 12.94 -28.42 -19.66
C GLY M 5 12.22 -28.41 -20.99
N VAL M 6 12.03 -29.61 -21.54
CA VAL M 6 11.37 -29.77 -22.83
C VAL M 6 10.79 -31.17 -22.91
N ILE M 7 9.60 -31.27 -23.52
CA ILE M 7 8.93 -32.54 -23.74
C ILE M 7 9.16 -32.93 -25.18
N HIS M 8 9.54 -34.19 -25.41
CA HIS M 8 9.86 -34.66 -26.75
C HIS M 8 9.63 -36.16 -26.82
N ASN M 9 8.59 -36.56 -27.55
CA ASN M 9 8.08 -37.94 -27.59
C ASN M 9 7.84 -38.48 -26.19
N SER M 10 7.21 -37.66 -25.35
CA SER M 10 6.92 -37.93 -23.94
C SER M 10 8.19 -38.27 -23.16
N THR M 11 9.25 -37.51 -23.38
CA THR M 11 10.51 -37.70 -22.68
C THR M 11 11.08 -36.34 -22.30
N LEU M 12 11.41 -36.19 -21.02
CA LEU M 12 11.83 -34.91 -20.48
C LEU M 12 13.32 -34.72 -20.66
N GLN M 13 13.70 -33.64 -21.33
CA GLN M 13 15.09 -33.29 -21.50
C GLN M 13 15.34 -31.89 -20.97
N VAL M 14 16.57 -31.63 -20.55
CA VAL M 14 16.98 -30.27 -20.26
C VAL M 14 16.95 -29.47 -21.54
N SER M 15 16.20 -28.37 -21.53
CA SER M 15 16.10 -27.51 -22.71
C SER M 15 17.44 -26.82 -22.88
N ASP M 16 18.31 -27.42 -23.67
CA ASP M 16 19.63 -26.88 -23.88
C ASP M 16 19.52 -25.72 -24.85
N VAL M 17 19.54 -24.49 -24.31
CA VAL M 17 19.67 -23.29 -25.12
C VAL M 17 21.13 -22.89 -25.28
N ASP M 18 22.03 -23.50 -24.51
CA ASP M 18 23.45 -23.30 -24.70
C ASP M 18 23.93 -23.98 -25.98
N LYS M 19 23.55 -25.24 -26.18
CA LYS M 19 23.70 -25.95 -27.44
C LYS M 19 22.29 -26.17 -27.96
N LEU M 20 21.88 -25.35 -28.93
CA LEU M 20 20.48 -25.25 -29.34
C LEU M 20 19.98 -26.54 -29.95
N VAL M 21 18.83 -27.00 -29.44
CA VAL M 21 18.18 -28.20 -29.93
C VAL M 21 17.16 -27.72 -30.97
N CYS M 22 17.60 -27.62 -32.21
CA CYS M 22 16.81 -26.98 -33.27
C CYS M 22 15.64 -27.83 -33.72
N ARG M 23 15.64 -29.12 -33.38
CA ARG M 23 14.61 -30.04 -33.82
C ARG M 23 13.28 -29.84 -33.12
N ASP M 24 13.24 -29.07 -32.03
CA ASP M 24 12.04 -28.91 -31.22
C ASP M 24 11.57 -27.47 -31.37
N LYS M 25 10.47 -27.29 -32.08
CA LYS M 25 10.03 -25.96 -32.49
C LYS M 25 9.10 -25.37 -31.45
N LEU M 26 9.32 -24.09 -31.17
CA LEU M 26 8.56 -23.32 -30.20
C LEU M 26 7.67 -22.38 -30.98
N SER M 27 6.37 -22.68 -31.03
CA SER M 27 5.51 -21.99 -31.98
C SER M 27 4.58 -20.98 -31.35
N SER M 28 4.35 -21.04 -30.04
CA SER M 28 3.41 -20.13 -29.42
C SER M 28 3.75 -19.96 -27.96
N THR M 29 3.29 -18.84 -27.38
CA THR M 29 3.45 -18.66 -25.95
C THR M 29 2.50 -19.51 -25.12
N ASN M 30 1.49 -20.11 -25.75
CA ASN M 30 0.71 -21.11 -25.05
C ASN M 30 1.53 -22.35 -24.72
N GLN M 31 2.57 -22.62 -25.49
CA GLN M 31 3.44 -23.75 -25.26
C GLN M 31 4.32 -23.59 -24.03
N LEU M 32 4.27 -22.45 -23.36
CA LEU M 32 5.04 -22.25 -22.15
C LEU M 32 4.12 -22.31 -20.94
N ARG M 33 4.44 -23.21 -20.03
CA ARG M 33 3.77 -23.26 -18.75
C ARG M 33 4.83 -23.17 -17.69
N SER M 34 4.39 -22.83 -16.48
CA SER M 34 5.25 -22.72 -15.33
C SER M 34 4.55 -23.44 -14.19
N VAL M 35 5.10 -24.57 -13.78
CA VAL M 35 4.40 -25.48 -12.91
C VAL M 35 5.07 -25.49 -11.55
N GLY M 36 4.30 -25.74 -10.50
CA GLY M 36 4.84 -25.82 -9.17
C GLY M 36 4.61 -27.19 -8.58
N LEU M 37 5.59 -27.76 -7.89
CA LEU M 37 5.50 -29.13 -7.41
C LEU M 37 5.81 -29.19 -5.92
N ASN M 38 5.04 -30.01 -5.21
CA ASN M 38 5.09 -29.99 -3.75
C ASN M 38 6.23 -30.84 -3.21
N LEU M 39 6.69 -30.48 -2.02
CA LEU M 39 7.63 -31.29 -1.27
C LEU M 39 7.01 -32.54 -0.67
N GLU M 40 5.70 -32.70 -0.76
CA GLU M 40 5.10 -33.99 -0.42
C GLU M 40 5.54 -35.07 -1.38
N GLY M 41 5.83 -34.69 -2.63
CA GLY M 41 6.28 -35.66 -3.60
C GLY M 41 7.62 -36.27 -3.29
N ASN M 42 8.57 -35.46 -2.81
CA ASN M 42 9.90 -35.97 -2.54
C ASN M 42 9.93 -36.89 -1.34
N GLY M 43 8.98 -36.76 -0.44
CA GLY M 43 8.97 -37.65 0.71
C GLY M 43 9.50 -37.05 1.99
N VAL M 44 9.54 -35.74 2.11
CA VAL M 44 9.93 -35.12 3.37
C VAL M 44 8.83 -35.35 4.37
N ALA M 45 9.19 -35.41 5.65
CA ALA M 45 8.20 -35.61 6.70
C ALA M 45 7.29 -34.40 6.79
N THR M 46 6.03 -34.65 7.10
CA THR M 46 5.01 -33.63 6.97
C THR M 46 4.35 -33.23 8.28
N ASP M 47 4.60 -33.95 9.36
CA ASP M 47 3.96 -33.55 10.60
C ASP M 47 4.70 -32.37 11.22
N VAL M 48 3.94 -31.55 11.94
CA VAL M 48 4.40 -30.25 12.43
C VAL M 48 5.69 -30.27 13.24
N PRO M 49 5.91 -31.21 14.18
CA PRO M 49 7.23 -31.23 14.86
C PRO M 49 8.39 -31.59 13.96
N SER M 50 8.13 -32.21 12.81
CA SER M 50 9.17 -32.32 11.81
C SER M 50 9.20 -31.11 10.89
N VAL M 51 8.10 -30.37 10.82
CA VAL M 51 8.02 -29.24 9.90
C VAL M 51 8.84 -28.08 10.41
N THR M 52 8.54 -27.61 11.62
CA THR M 52 9.04 -26.30 12.00
C THR M 52 10.50 -26.30 12.44
N LYS M 53 11.23 -27.38 12.20
CA LYS M 53 12.67 -27.29 12.19
C LYS M 53 13.20 -26.82 10.84
N ARG M 54 12.40 -26.91 9.79
CA ARG M 54 12.85 -26.43 8.50
C ARG M 54 12.64 -24.94 8.32
N TRP M 55 12.02 -24.28 9.28
CA TRP M 55 11.71 -22.88 9.16
C TRP M 55 12.59 -22.10 10.11
N GLY M 56 12.71 -20.80 9.87
CA GLY M 56 13.61 -20.02 10.69
C GLY M 56 13.48 -18.55 10.37
N PHE M 57 13.97 -17.74 11.28
CA PHE M 57 13.77 -16.30 11.21
C PHE M 57 15.07 -15.59 10.84
N ARG M 58 14.93 -14.43 10.20
CA ARG M 58 16.06 -13.71 9.66
C ARG M 58 15.62 -12.27 9.47
N SER M 59 16.55 -11.35 9.61
CA SER M 59 16.31 -9.96 9.28
C SER M 59 17.33 -9.50 8.25
N GLY M 60 17.03 -8.39 7.60
CA GLY M 60 17.97 -7.75 6.72
C GLY M 60 17.96 -8.23 5.29
N VAL M 61 17.01 -9.07 4.90
CA VAL M 61 16.91 -9.60 3.56
C VAL M 61 15.51 -9.27 3.03
N PRO M 62 15.37 -8.75 1.81
CA PRO M 62 14.05 -8.45 1.31
C PRO M 62 13.36 -9.71 0.80
N PRO M 63 12.03 -9.74 0.83
CA PRO M 63 11.32 -10.91 0.33
C PRO M 63 11.06 -10.81 -1.16
N LYS M 64 10.81 -11.96 -1.78
CA LYS M 64 10.53 -11.98 -3.21
C LYS M 64 9.38 -12.92 -3.52
N VAL M 65 8.77 -12.71 -4.69
CA VAL M 65 7.56 -13.40 -5.12
C VAL M 65 7.63 -13.64 -6.63
N VAL M 66 7.41 -14.89 -7.03
CA VAL M 66 7.34 -15.26 -8.43
C VAL M 66 6.06 -16.05 -8.64
N ASN M 67 5.47 -15.94 -9.84
CA ASN M 67 4.25 -16.67 -10.13
C ASN M 67 4.51 -17.93 -10.93
N TYR M 68 3.50 -18.78 -10.99
CA TYR M 68 3.51 -19.99 -11.76
C TYR M 68 2.12 -20.14 -12.36
N GLU M 69 1.83 -21.30 -12.93
CA GLU M 69 0.57 -21.44 -13.64
C GLU M 69 -0.21 -22.70 -13.33
N ALA M 70 0.40 -23.71 -12.73
CA ALA M 70 -0.33 -24.89 -12.28
C ALA M 70 0.46 -25.55 -11.18
N GLY M 71 -0.24 -26.31 -10.34
CA GLY M 71 0.44 -26.89 -9.20
C GLY M 71 -0.12 -28.26 -8.89
N GLU M 72 0.53 -28.94 -7.96
CA GLU M 72 0.00 -30.20 -7.51
C GLU M 72 -1.18 -29.97 -6.60
N TRP M 73 -2.10 -30.91 -6.64
CA TRP M 73 -3.01 -31.12 -5.52
C TRP M 73 -2.17 -31.46 -4.30
N ALA M 74 -2.54 -30.93 -3.16
CA ALA M 74 -1.72 -31.08 -1.97
C ALA M 74 -2.42 -31.95 -0.96
N GLU M 75 -1.64 -32.49 -0.02
CA GLU M 75 -2.23 -33.29 1.04
C GLU M 75 -2.15 -32.55 2.36
N ASN M 76 -1.18 -31.66 2.53
CA ASN M 76 -1.03 -30.93 3.78
C ASN M 76 -0.79 -29.46 3.48
N CYS M 77 -1.58 -28.60 4.09
CA CYS M 77 -1.41 -27.17 3.97
C CYS M 77 -1.31 -26.57 5.36
N TYR M 78 -0.54 -25.50 5.48
CA TYR M 78 -0.18 -24.96 6.79
C TYR M 78 -0.70 -23.55 6.89
N ASN M 79 -0.71 -23.01 8.12
CA ASN M 79 -1.15 -21.65 8.35
C ASN M 79 -0.57 -21.23 9.68
N LEU M 80 -0.22 -19.95 9.84
CA LEU M 80 0.43 -19.50 11.06
C LEU M 80 -0.16 -18.19 11.55
N GLU M 81 -0.16 -18.02 12.88
CA GLU M 81 -0.41 -16.75 13.57
C GLU M 81 0.47 -16.77 14.82
N ILE M 82 1.66 -16.21 14.74
CA ILE M 82 2.60 -16.27 15.85
C ILE M 82 2.82 -14.88 16.40
N LYS M 83 2.64 -14.73 17.71
CA LYS M 83 2.83 -13.45 18.37
C LYS M 83 4.18 -13.42 19.09
N LYS M 84 4.82 -12.27 19.00
CA LYS M 84 5.98 -11.97 19.83
C LYS M 84 5.54 -11.91 21.28
N PRO M 85 6.45 -12.17 22.23
CA PRO M 85 6.04 -12.17 23.64
C PRO M 85 5.62 -10.82 24.17
N ASP M 86 6.00 -9.73 23.53
CA ASP M 86 5.48 -8.43 23.92
C ASP M 86 4.14 -8.09 23.27
N GLY M 87 3.51 -9.05 22.62
CA GLY M 87 2.16 -8.88 22.12
C GLY M 87 2.05 -8.50 20.67
N SER M 88 3.17 -8.31 19.96
CA SER M 88 3.09 -7.95 18.57
C SER M 88 3.24 -9.18 17.68
N GLU M 89 2.93 -9.02 16.40
CA GLU M 89 2.95 -10.13 15.46
C GLU M 89 4.34 -10.35 14.90
N CYS M 90 4.74 -11.62 14.88
CA CYS M 90 5.99 -11.99 14.25
C CYS M 90 5.88 -11.91 12.75
N LEU M 91 4.73 -12.27 12.23
CA LEU M 91 4.74 -12.40 10.79
C LEU M 91 4.10 -11.18 10.16
N PRO M 92 4.61 -10.72 9.03
CA PRO M 92 3.98 -9.58 8.36
C PRO M 92 2.66 -9.97 7.76
N ALA M 93 1.75 -9.02 7.73
CA ALA M 93 0.46 -9.25 7.10
C ALA M 93 0.62 -9.38 5.61
N ALA M 94 -0.33 -10.05 4.98
CA ALA M 94 -0.20 -10.33 3.56
C ALA M 94 -0.56 -9.10 2.74
N PRO M 95 0.30 -8.69 1.81
CA PRO M 95 -0.09 -7.67 0.84
C PRO M 95 -1.10 -8.25 -0.13
N ASP M 96 -1.74 -7.34 -0.87
CA ASP M 96 -2.91 -7.74 -1.62
C ASP M 96 -2.50 -8.49 -2.88
N GLY M 97 -3.43 -9.25 -3.42
CA GLY M 97 -3.11 -10.18 -4.47
C GLY M 97 -2.71 -11.55 -3.97
N ILE M 98 -2.71 -11.74 -2.67
CA ILE M 98 -2.41 -13.03 -2.08
C ILE M 98 -3.70 -13.68 -1.64
N ARG M 99 -3.95 -14.87 -2.15
CA ARG M 99 -4.98 -15.71 -1.60
C ARG M 99 -4.33 -17.00 -1.15
N GLY M 100 -5.07 -17.80 -0.40
CA GLY M 100 -4.53 -19.04 0.11
C GLY M 100 -4.29 -20.06 -0.97
N PHE M 101 -3.58 -21.12 -0.61
CA PHE M 101 -3.36 -22.20 -1.54
C PHE M 101 -4.66 -22.97 -1.69
N PRO M 102 -5.15 -23.17 -2.91
CA PRO M 102 -6.59 -23.36 -3.09
C PRO M 102 -7.07 -24.79 -3.01
N ARG M 103 -6.22 -25.78 -3.27
CA ARG M 103 -6.64 -27.18 -3.19
C ARG M 103 -5.85 -27.86 -2.09
N CYS M 104 -6.47 -28.07 -0.94
CA CYS M 104 -5.79 -28.65 0.19
C CYS M 104 -6.65 -29.74 0.79
N ARG M 105 -6.03 -30.84 1.19
CA ARG M 105 -6.76 -31.82 1.98
C ARG M 105 -6.95 -31.30 3.40
N TYR M 106 -5.86 -31.13 4.13
CA TYR M 106 -5.95 -30.72 5.53
C TYR M 106 -5.20 -29.43 5.75
N VAL M 107 -5.71 -28.62 6.66
CA VAL M 107 -5.11 -27.35 7.02
C VAL M 107 -4.61 -27.45 8.45
N HIS M 108 -3.31 -27.35 8.62
CA HIS M 108 -2.69 -27.39 9.95
C HIS M 108 -2.58 -25.97 10.46
N LYS M 109 -3.69 -25.41 10.93
CA LYS M 109 -3.71 -24.07 11.46
C LYS M 109 -2.99 -24.06 12.80
N VAL M 110 -1.96 -23.23 12.92
CA VAL M 110 -1.07 -23.23 14.07
C VAL M 110 -0.96 -21.83 14.60
N SER M 111 -1.27 -21.65 15.88
CA SER M 111 -1.08 -20.37 16.54
C SER M 111 -0.19 -20.54 17.76
N GLY M 112 0.09 -19.42 18.41
CA GLY M 112 0.89 -19.48 19.62
C GLY M 112 1.97 -18.41 19.59
N THR M 113 3.01 -18.64 20.38
CA THR M 113 4.05 -17.65 20.58
C THR M 113 5.43 -18.25 20.39
N GLY M 114 6.41 -17.36 20.29
CA GLY M 114 7.79 -17.74 20.14
C GLY M 114 8.67 -16.53 20.33
N PRO M 115 9.99 -16.72 20.40
CA PRO M 115 10.88 -15.57 20.59
C PRO M 115 10.92 -14.63 19.41
N CYS M 116 10.93 -15.16 18.19
CA CYS M 116 10.84 -14.39 16.95
C CYS M 116 11.98 -13.41 16.78
N ALA M 117 13.19 -13.96 16.74
CA ALA M 117 14.40 -13.15 16.59
C ALA M 117 14.66 -12.92 15.10
N GLY M 118 14.00 -11.89 14.58
CA GLY M 118 14.22 -11.52 13.19
C GLY M 118 12.97 -10.88 12.62
N ASP M 119 13.05 -10.55 11.34
CA ASP M 119 11.92 -9.91 10.69
C ASP M 119 10.99 -10.89 10.02
N PHE M 120 11.53 -11.79 9.19
CA PHE M 120 10.73 -12.62 8.29
C PHE M 120 10.95 -14.07 8.64
N ALA M 121 10.21 -14.93 7.95
CA ALA M 121 10.32 -16.36 8.12
C ALA M 121 10.81 -16.99 6.82
N PHE M 122 12.02 -17.55 6.82
CA PHE M 122 12.56 -18.11 5.60
C PHE M 122 12.56 -19.62 5.69
N HIS M 123 12.71 -20.26 4.53
CA HIS M 123 12.80 -21.71 4.47
C HIS M 123 14.25 -22.13 4.45
N LYS M 124 14.64 -23.00 5.39
CA LYS M 124 16.06 -23.30 5.57
C LYS M 124 16.65 -24.07 4.41
N GLU M 125 15.86 -24.85 3.70
CA GLU M 125 16.37 -25.53 2.53
C GLU M 125 16.11 -24.76 1.26
N GLY M 126 15.71 -23.50 1.36
CA GLY M 126 15.57 -22.68 0.19
C GLY M 126 14.39 -23.00 -0.68
N ALA M 127 13.42 -23.74 -0.16
CA ALA M 127 12.24 -24.03 -0.94
C ALA M 127 11.36 -22.78 -1.02
N PHE M 128 10.26 -22.92 -1.73
CA PHE M 128 9.29 -21.85 -1.80
C PHE M 128 8.12 -22.12 -0.88
N PHE M 129 7.35 -21.09 -0.64
CA PHE M 129 6.10 -21.19 0.08
C PHE M 129 4.97 -20.91 -0.89
N LEU M 130 4.23 -21.95 -1.26
CA LEU M 130 3.32 -21.87 -2.38
C LEU M 130 1.99 -21.28 -1.93
N TYR M 131 1.66 -20.12 -2.44
CA TYR M 131 0.39 -19.45 -2.27
C TYR M 131 -0.44 -19.67 -3.51
N ASP M 132 -1.52 -18.91 -3.64
CA ASP M 132 -2.37 -18.99 -4.83
C ASP M 132 -1.65 -18.47 -6.05
N ARG M 133 -1.11 -19.40 -6.84
CA ARG M 133 -0.42 -19.11 -8.11
C ARG M 133 0.73 -18.12 -7.94
N LEU M 134 1.30 -18.05 -6.74
CA LEU M 134 2.35 -17.12 -6.41
C LEU M 134 3.28 -17.76 -5.40
N ALA M 135 4.41 -18.28 -5.87
CA ALA M 135 5.41 -18.79 -4.96
C ALA M 135 6.08 -17.60 -4.29
N SER M 136 6.21 -17.66 -2.99
CA SER M 136 6.94 -16.64 -2.26
C SER M 136 8.09 -17.29 -1.52
N THR M 137 8.90 -16.45 -0.87
CA THR M 137 9.93 -16.98 0.00
C THR M 137 9.78 -16.53 1.42
N VAL M 138 8.61 -16.06 1.83
CA VAL M 138 8.34 -15.72 3.22
C VAL M 138 6.97 -16.26 3.58
N ILE M 139 6.66 -16.22 4.87
CA ILE M 139 5.35 -16.62 5.35
C ILE M 139 4.55 -15.38 5.69
N TYR M 140 3.41 -15.23 5.06
CA TYR M 140 2.51 -14.17 5.43
C TYR M 140 1.58 -14.65 6.54
N ARG M 141 1.16 -13.73 7.38
CA ARG M 141 0.30 -14.08 8.51
C ARG M 141 -1.07 -14.51 8.01
N GLY M 142 -1.51 -15.67 8.46
CA GLY M 142 -2.89 -16.04 8.27
C GLY M 142 -3.27 -16.45 6.87
N THR M 143 -2.33 -16.86 6.04
CA THR M 143 -2.64 -17.25 4.70
C THR M 143 -2.18 -18.67 4.44
N THR M 144 -3.11 -19.53 4.08
CA THR M 144 -2.85 -20.96 4.02
C THR M 144 -2.01 -21.30 2.81
N PHE M 145 -0.85 -21.92 3.05
CA PHE M 145 0.11 -22.20 2.01
C PHE M 145 0.40 -23.69 1.97
N ALA M 146 1.26 -24.06 1.05
CA ALA M 146 1.86 -25.38 1.03
C ALA M 146 3.32 -25.25 0.63
N GLU M 147 4.10 -26.28 0.90
CA GLU M 147 5.52 -26.23 0.60
C GLU M 147 5.83 -26.87 -0.74
N GLY M 148 6.84 -26.35 -1.41
CA GLY M 148 7.29 -26.98 -2.63
C GLY M 148 8.12 -26.04 -3.47
N VAL M 149 8.41 -26.48 -4.69
CA VAL M 149 9.28 -25.76 -5.61
C VAL M 149 8.59 -25.62 -6.96
N VAL M 150 9.31 -24.99 -7.88
CA VAL M 150 8.77 -24.59 -9.18
C VAL M 150 9.68 -25.12 -10.28
N ALA M 151 9.10 -25.79 -11.27
CA ALA M 151 9.82 -26.19 -12.47
C ALA M 151 9.25 -25.48 -13.68
N PHE M 152 10.11 -25.25 -14.66
CA PHE M 152 9.76 -24.56 -15.89
C PHE M 152 9.67 -25.57 -17.02
N LEU M 153 8.81 -25.30 -18.00
CA LEU M 153 8.55 -26.28 -19.04
C LEU M 153 8.43 -25.64 -20.40
N ILE M 154 8.53 -26.48 -21.42
CA ILE M 154 8.13 -26.16 -22.78
C ILE M 154 7.26 -27.29 -23.27
N LEU M 155 6.04 -26.99 -23.66
CA LEU M 155 5.04 -28.01 -23.90
C LEU M 155 5.07 -28.53 -25.34
N PRO M 156 4.66 -29.78 -25.56
CA PRO M 156 4.54 -30.27 -26.93
C PRO M 156 3.19 -29.91 -27.51
N GLN M 157 2.98 -30.32 -28.76
CA GLN M 157 1.69 -30.15 -29.40
C GLN M 157 1.20 -31.43 -30.04
N TYR M 183 -14.64 -28.40 1.14
CA TYR M 183 -13.70 -29.42 0.68
C TYR M 183 -12.74 -29.82 1.78
N SER M 184 -12.13 -28.83 2.41
CA SER M 184 -11.00 -29.04 3.28
C SER M 184 -11.43 -29.43 4.69
N THR M 185 -10.45 -29.53 5.57
CA THR M 185 -10.66 -29.90 6.96
C THR M 185 -9.63 -29.20 7.82
N THR M 186 -10.09 -28.50 8.85
CA THR M 186 -9.24 -27.63 9.63
C THR M 186 -8.80 -28.33 10.91
N ILE M 187 -7.50 -28.31 11.20
CA ILE M 187 -6.96 -28.86 12.43
C ILE M 187 -6.16 -27.78 13.14
N ARG M 188 -6.56 -27.44 14.35
CA ARG M 188 -5.97 -26.32 15.06
C ARG M 188 -4.95 -26.80 16.08
N TYR M 189 -3.81 -26.13 16.15
CA TYR M 189 -2.79 -26.43 17.13
C TYR M 189 -2.55 -25.23 18.03
N GLN M 190 -1.65 -25.40 18.98
CA GLN M 190 -1.00 -24.30 19.68
C GLN M 190 0.46 -24.64 19.89
N ALA M 191 1.26 -23.60 20.12
CA ALA M 191 2.69 -23.76 20.23
C ALA M 191 3.27 -22.71 21.14
N THR M 192 4.25 -23.12 21.93
CA THR M 192 4.92 -22.19 22.82
C THR M 192 6.42 -22.31 22.60
N GLY M 193 7.09 -21.17 22.45
CA GLY M 193 8.50 -21.19 22.12
C GLY M 193 8.74 -21.58 20.68
N PHE M 194 7.95 -21.05 19.76
CA PHE M 194 8.01 -21.44 18.36
C PHE M 194 9.33 -21.05 17.72
N GLY M 195 9.86 -21.96 16.90
CA GLY M 195 11.09 -21.74 16.19
C GLY M 195 12.28 -22.48 16.76
N THR M 196 12.43 -22.49 18.07
CA THR M 196 13.54 -23.17 18.73
C THR M 196 13.35 -24.67 18.67
N ASN M 197 14.33 -25.40 19.18
CA ASN M 197 14.23 -26.85 19.23
C ASN M 197 13.50 -27.37 20.46
N GLU M 198 12.93 -26.48 21.26
CA GLU M 198 12.23 -26.87 22.47
C GLU M 198 10.77 -26.46 22.45
N THR M 199 10.17 -26.39 21.27
CA THR M 199 8.81 -25.90 21.15
C THR M 199 7.81 -26.99 21.48
N GLU M 200 6.90 -26.70 22.42
CA GLU M 200 5.88 -27.66 22.80
C GLU M 200 4.64 -27.48 21.94
N TYR M 201 3.92 -28.57 21.71
CA TYR M 201 2.81 -28.59 20.78
C TYR M 201 1.56 -29.14 21.45
N LEU M 202 0.45 -28.47 21.20
CA LEU M 202 -0.84 -28.80 21.78
C LEU M 202 -1.85 -29.02 20.67
N PHE M 203 -2.86 -29.83 20.95
CA PHE M 203 -4.01 -29.90 20.08
C PHE M 203 -4.96 -28.78 20.51
N GLU M 204 -6.11 -28.70 19.89
CA GLU M 204 -7.19 -27.86 20.37
C GLU M 204 -8.51 -28.55 20.09
N VAL M 205 -9.31 -28.73 21.13
CA VAL M 205 -10.68 -29.19 21.00
C VAL M 205 -11.64 -28.02 20.97
N ASP M 206 -11.58 -27.15 21.97
CA ASP M 206 -12.15 -25.82 21.86
C ASP M 206 -11.18 -24.84 22.47
N ASN M 207 -11.63 -23.63 22.72
CA ASN M 207 -10.73 -22.60 23.22
C ASN M 207 -10.39 -22.78 24.69
N LEU M 208 -10.90 -23.80 25.35
CA LEU M 208 -10.42 -24.13 26.69
C LEU M 208 -9.93 -25.56 26.83
N THR M 209 -10.54 -26.51 26.14
CA THR M 209 -10.21 -27.92 26.29
C THR M 209 -9.25 -28.34 25.19
N TYR M 210 -8.16 -29.02 25.57
CA TYR M 210 -7.26 -29.60 24.60
C TYR M 210 -6.40 -30.68 25.25
N VAL M 211 -5.40 -31.13 24.52
CA VAL M 211 -4.64 -32.32 24.83
C VAL M 211 -3.25 -32.23 24.20
N GLN M 212 -2.24 -32.60 24.99
CA GLN M 212 -0.86 -32.50 24.53
C GLN M 212 -0.57 -33.52 23.44
N LEU M 213 0.25 -33.13 22.47
CA LEU M 213 0.60 -34.00 21.36
C LEU M 213 1.79 -34.88 21.69
N GLU M 214 1.80 -36.05 21.08
CA GLU M 214 2.96 -36.92 21.05
C GLU M 214 3.21 -37.31 19.60
N SER M 215 4.43 -37.78 19.35
CA SER M 215 4.87 -38.00 17.99
C SER M 215 4.15 -39.15 17.30
N ARG M 216 3.64 -40.11 18.05
CA ARG M 216 3.04 -41.31 17.47
C ARG M 216 1.59 -41.12 17.05
N PHE M 217 1.15 -39.89 16.81
CA PHE M 217 -0.28 -39.61 16.65
C PHE M 217 -0.60 -39.30 15.21
N THR M 218 -1.43 -40.14 14.61
CA THR M 218 -2.06 -39.84 13.35
C THR M 218 -3.11 -38.76 13.56
N PRO M 219 -3.45 -38.00 12.52
CA PRO M 219 -4.55 -37.04 12.67
C PRO M 219 -5.90 -37.69 12.78
N GLN M 220 -6.08 -38.90 12.24
CA GLN M 220 -7.34 -39.62 12.37
C GLN M 220 -7.58 -40.00 13.83
N PHE M 221 -6.50 -40.29 14.55
CA PHE M 221 -6.57 -40.50 15.98
C PHE M 221 -7.11 -39.26 16.67
N LEU M 222 -6.72 -38.08 16.19
CA LEU M 222 -7.23 -36.85 16.76
C LEU M 222 -8.67 -36.58 16.35
N LEU M 223 -9.07 -37.08 15.17
CA LEU M 223 -10.46 -36.91 14.75
C LEU M 223 -11.38 -37.80 15.58
N GLN M 224 -10.94 -39.02 15.85
CA GLN M 224 -11.63 -39.84 16.83
C GLN M 224 -11.58 -39.21 18.20
N LEU M 225 -10.55 -38.42 18.49
CA LEU M 225 -10.44 -37.85 19.82
C LEU M 225 -11.44 -36.71 20.04
N ASN M 226 -11.59 -35.75 19.10
CA ASN M 226 -12.61 -34.73 19.33
C ASN M 226 -14.01 -35.33 19.21
N GLU M 227 -14.18 -36.35 18.38
CA GLU M 227 -15.51 -36.95 18.32
C GLU M 227 -15.83 -37.69 19.62
N THR M 228 -14.82 -38.34 20.19
CA THR M 228 -14.96 -39.01 21.47
C THR M 228 -15.24 -38.02 22.58
N ILE M 229 -14.58 -36.87 22.54
CA ILE M 229 -14.72 -35.91 23.63
C ILE M 229 -16.06 -35.19 23.53
N TYR M 230 -16.51 -34.90 22.31
CA TYR M 230 -17.82 -34.30 22.18
C TYR M 230 -18.93 -35.31 22.46
N ALA M 231 -18.63 -36.60 22.30
CA ALA M 231 -19.60 -37.60 22.69
C ALA M 231 -19.66 -37.75 24.21
N SER M 232 -18.52 -37.98 24.84
CA SER M 232 -18.43 -38.19 26.28
C SER M 232 -18.47 -36.91 27.07
N GLY M 233 -18.55 -35.76 26.41
CA GLY M 233 -18.73 -34.50 27.11
C GLY M 233 -17.57 -34.05 27.95
N LYS M 234 -16.37 -34.57 27.70
CA LYS M 234 -15.21 -34.28 28.54
C LYS M 234 -14.55 -32.97 28.10
N ARG M 235 -15.32 -31.90 28.20
CA ARG M 235 -14.93 -30.59 27.75
C ARG M 235 -14.72 -29.70 28.95
N SER M 236 -14.53 -28.42 28.70
CA SER M 236 -14.53 -27.45 29.78
C SER M 236 -15.96 -27.18 30.23
N ASN M 237 -16.20 -27.39 31.52
CA ASN M 237 -17.37 -26.78 32.15
C ASN M 237 -16.93 -25.77 33.19
N THR M 238 -15.73 -25.24 33.02
CA THR M 238 -15.14 -24.24 33.89
C THR M 238 -14.68 -23.03 33.09
N THR M 239 -13.88 -22.17 33.71
CA THR M 239 -13.30 -21.03 33.02
C THR M 239 -11.82 -21.15 32.74
N GLY M 240 -11.18 -22.26 33.11
CA GLY M 240 -9.75 -22.40 32.93
C GLY M 240 -9.40 -23.18 31.67
N LYS M 241 -8.10 -23.34 31.47
CA LYS M 241 -7.58 -24.07 30.32
C LYS M 241 -7.38 -25.52 30.73
N LEU M 242 -7.44 -26.40 29.75
CA LEU M 242 -7.54 -27.83 29.97
C LEU M 242 -6.53 -28.54 29.09
N ILE M 243 -5.64 -29.30 29.71
CA ILE M 243 -4.62 -30.07 29.01
C ILE M 243 -4.73 -31.52 29.47
N TRP M 244 -5.22 -32.37 28.57
CA TRP M 244 -5.17 -33.80 28.78
C TRP M 244 -3.78 -34.28 28.39
N LYS M 245 -3.48 -35.51 28.76
CA LYS M 245 -2.48 -36.27 28.04
C LYS M 245 -3.16 -37.52 27.51
N VAL M 246 -2.39 -38.34 26.83
CA VAL M 246 -2.89 -39.56 26.25
C VAL M 246 -2.31 -40.72 27.03
N ASN M 247 -3.11 -41.78 27.21
CA ASN M 247 -2.76 -43.10 27.72
C ASN M 247 -1.43 -43.55 27.15
N PRO M 248 -0.42 -43.78 27.99
CA PRO M 248 0.90 -44.13 27.46
C PRO M 248 0.98 -45.54 26.93
N GLU M 249 -0.04 -46.37 27.14
CA GLU M 249 -0.09 -47.73 26.61
C GLU M 249 -1.40 -47.87 25.85
N ILE M 250 -1.38 -47.43 24.59
CA ILE M 250 -2.56 -47.51 23.74
C ILE M 250 -2.13 -47.50 22.28
N GLN N 1 -5.12 -29.85 56.75
CA GLN N 1 -4.64 -31.01 56.02
C GLN N 1 -3.66 -30.61 54.93
N VAL N 2 -4.05 -29.63 54.13
CA VAL N 2 -3.20 -29.12 53.07
C VAL N 2 -2.08 -28.32 53.72
N GLN N 3 -0.88 -28.92 53.77
CA GLN N 3 0.21 -28.35 54.53
C GLN N 3 1.35 -27.92 53.63
N VAL N 4 1.58 -26.62 53.61
CA VAL N 4 2.69 -25.99 52.91
C VAL N 4 3.47 -25.19 53.95
N GLU N 5 4.75 -25.49 54.10
CA GLU N 5 5.50 -24.88 55.19
C GLU N 5 6.94 -24.66 54.78
N GLU N 6 7.43 -23.44 55.01
CA GLU N 6 8.80 -23.08 54.68
C GLU N 6 9.77 -23.52 55.77
N SER N 7 10.99 -23.82 55.35
CA SER N 7 12.08 -24.14 56.26
C SER N 7 13.40 -23.96 55.53
N GLY N 8 14.46 -23.80 56.30
CA GLY N 8 15.80 -23.67 55.77
C GLY N 8 16.34 -22.25 55.70
N GLY N 9 15.78 -21.31 56.45
CA GLY N 9 16.20 -19.93 56.40
C GLY N 9 17.50 -19.70 57.16
N GLY N 10 17.83 -18.43 57.31
CA GLY N 10 18.99 -18.03 58.09
C GLY N 10 19.72 -16.89 57.44
N VAL N 11 20.98 -16.71 57.84
CA VAL N 11 21.84 -15.69 57.28
C VAL N 11 23.04 -16.36 56.60
N VAL N 12 23.33 -15.94 55.37
CA VAL N 12 24.41 -16.50 54.56
C VAL N 12 25.23 -15.31 54.05
N GLN N 13 26.54 -15.51 53.92
CA GLN N 13 27.45 -14.51 53.38
C GLN N 13 27.09 -14.18 51.93
N PRO N 14 27.46 -12.98 51.45
CA PRO N 14 27.23 -12.65 50.04
C PRO N 14 28.09 -13.52 49.12
N GLY N 15 27.46 -13.97 48.04
CA GLY N 15 28.05 -14.99 47.21
C GLY N 15 27.84 -16.40 47.73
N GLY N 16 27.22 -16.56 48.89
CA GLY N 16 27.09 -17.84 49.53
C GLY N 16 25.97 -18.68 48.96
N SER N 17 25.62 -19.74 49.69
CA SER N 17 24.66 -20.71 49.22
C SER N 17 23.76 -21.16 50.37
N LEU N 18 22.59 -21.62 50.00
CA LEU N 18 21.59 -22.10 50.94
C LEU N 18 20.57 -22.93 50.17
N ARG N 19 20.09 -24.00 50.78
CA ARG N 19 18.98 -24.75 50.22
C ARG N 19 17.76 -24.60 51.13
N LEU N 20 16.66 -24.13 50.57
CA LEU N 20 15.41 -24.11 51.31
C LEU N 20 14.75 -25.47 51.24
N SER N 21 13.81 -25.69 52.15
CA SER N 21 13.01 -26.92 52.18
C SER N 21 11.57 -26.55 52.46
N CYS N 22 10.73 -26.66 51.45
CA CYS N 22 9.29 -26.47 51.59
C CYS N 22 8.64 -27.84 51.62
N ALA N 23 8.25 -28.28 52.80
CA ALA N 23 7.64 -29.58 52.95
C ALA N 23 6.19 -29.55 52.49
N ALA N 24 5.65 -30.71 52.19
CA ALA N 24 4.29 -30.83 51.67
C ALA N 24 3.55 -31.96 52.36
N SER N 25 2.26 -31.74 52.60
CA SER N 25 1.39 -32.75 53.17
C SER N 25 -0.06 -32.43 52.80
N GLY N 26 -0.81 -33.47 52.44
CA GLY N 26 -2.24 -33.36 52.29
C GLY N 26 -2.77 -33.40 50.87
N PHE N 27 -1.91 -33.39 49.86
CA PHE N 27 -2.37 -33.40 48.49
C PHE N 27 -1.42 -34.24 47.65
N MET N 28 -1.81 -34.46 46.39
CA MET N 28 -0.97 -35.17 45.46
C MET N 28 0.17 -34.23 45.05
N PHE N 29 1.26 -34.34 45.80
CA PHE N 29 2.45 -33.52 45.54
C PHE N 29 3.09 -33.88 44.21
N SER N 30 3.03 -35.16 43.84
CA SER N 30 3.56 -35.59 42.55
C SER N 30 2.63 -35.28 41.38
N ASN N 31 1.55 -34.53 41.61
CA ASN N 31 0.63 -34.18 40.55
C ASN N 31 0.52 -32.67 40.39
N TYR N 32 0.99 -31.90 41.36
CA TYR N 32 0.80 -30.45 41.30
C TYR N 32 2.16 -29.79 41.13
N GLY N 33 2.21 -28.76 40.28
CA GLY N 33 3.42 -27.96 40.15
C GLY N 33 3.53 -26.90 41.23
N MET N 34 4.74 -26.49 41.51
CA MET N 34 4.99 -25.64 42.67
C MET N 34 5.71 -24.37 42.24
N HIS N 35 5.71 -23.39 43.13
CA HIS N 35 6.14 -22.03 42.86
C HIS N 35 6.98 -21.50 44.00
N TRP N 36 7.78 -20.49 43.68
CA TRP N 36 8.42 -19.64 44.68
C TRP N 36 8.18 -18.19 44.31
N VAL N 37 7.89 -17.35 45.31
CA VAL N 37 7.77 -15.91 45.10
C VAL N 37 8.65 -15.23 46.13
N ARG N 38 8.73 -13.91 46.03
CA ARG N 38 9.57 -13.13 46.93
C ARG N 38 8.90 -11.81 47.28
N GLN N 39 8.75 -11.56 48.56
CA GLN N 39 8.30 -10.26 49.04
C GLN N 39 9.50 -9.54 49.62
N ALA N 40 9.72 -8.32 49.16
CA ALA N 40 10.73 -7.46 49.76
C ALA N 40 10.35 -7.17 51.20
N PRO N 41 11.34 -6.96 52.09
CA PRO N 41 11.02 -6.86 53.52
C PRO N 41 10.13 -5.69 53.93
N GLY N 42 10.07 -4.63 53.13
CA GLY N 42 9.17 -3.54 53.47
C GLY N 42 8.42 -3.01 52.27
N LYS N 43 8.34 -3.80 51.21
CA LYS N 43 7.77 -3.34 49.95
C LYS N 43 6.82 -4.41 49.43
N GLY N 44 6.41 -4.28 48.17
CA GLY N 44 5.41 -5.15 47.59
C GLY N 44 5.90 -6.56 47.31
N LEU N 45 4.98 -7.38 46.80
CA LEU N 45 5.25 -8.77 46.51
C LEU N 45 5.53 -8.97 45.03
N GLU N 46 6.54 -9.80 44.72
CA GLU N 46 6.85 -10.15 43.34
C GLU N 46 7.10 -11.65 43.23
N TRP N 47 7.19 -12.12 41.99
CA TRP N 47 7.29 -13.54 41.67
C TRP N 47 8.75 -13.94 41.49
N MET N 48 9.05 -15.23 41.73
CA MET N 48 10.37 -15.75 41.42
C MET N 48 10.35 -16.83 40.35
N ALA N 49 9.67 -17.95 40.58
CA ALA N 49 10.08 -19.16 39.88
C ALA N 49 9.02 -20.23 40.05
N PHE N 50 9.05 -21.21 39.14
CA PHE N 50 8.23 -22.38 39.33
C PHE N 50 8.90 -23.59 38.70
N ILE N 51 8.26 -24.73 38.92
CA ILE N 51 8.61 -25.97 38.26
C ILE N 51 7.29 -26.69 37.92
N ARG N 52 7.28 -27.37 36.79
CA ARG N 52 6.15 -28.19 36.42
C ARG N 52 6.22 -29.52 37.14
N TYR N 53 5.06 -30.16 37.30
CA TYR N 53 4.99 -31.32 38.18
C TYR N 53 5.68 -32.54 37.59
N ASP N 54 5.70 -32.66 36.28
CA ASP N 54 6.37 -33.76 35.61
C ASP N 54 7.88 -33.61 35.58
N ASP N 55 8.41 -32.51 36.14
CA ASP N 55 9.79 -32.07 35.98
C ASP N 55 10.17 -31.93 34.52
N SER N 56 9.60 -30.94 33.85
CA SER N 56 9.92 -30.68 32.45
C SER N 56 10.43 -29.26 32.24
N LYS N 57 10.27 -28.39 33.21
CA LYS N 57 10.64 -27.00 33.05
C LYS N 57 11.00 -26.43 34.41
N LYS N 58 12.12 -25.74 34.47
CA LYS N 58 12.56 -25.07 35.69
C LYS N 58 12.70 -23.60 35.35
N PHE N 59 11.60 -22.87 35.43
CA PHE N 59 11.53 -21.52 34.89
C PHE N 59 11.70 -20.50 36.01
N TYR N 60 12.47 -19.46 35.71
CA TYR N 60 13.03 -18.54 36.70
C TYR N 60 12.73 -17.12 36.29
N ALA N 61 12.75 -16.20 37.25
CA ALA N 61 12.59 -14.78 36.90
C ALA N 61 13.88 -14.23 36.32
N ASP N 62 13.82 -12.97 35.90
CA ASP N 62 14.95 -12.34 35.22
C ASP N 62 16.08 -12.02 36.18
N SER N 63 15.76 -11.87 37.47
CA SER N 63 16.75 -11.45 38.45
C SER N 63 17.74 -12.55 38.78
N VAL N 64 17.32 -13.81 38.72
CA VAL N 64 18.11 -14.88 39.30
C VAL N 64 18.48 -15.95 38.28
N LYS N 65 18.53 -15.58 37.00
CA LYS N 65 19.01 -16.53 36.00
C LYS N 65 20.50 -16.73 36.17
N GLY N 66 20.89 -17.97 36.42
CA GLY N 66 22.26 -18.26 36.80
C GLY N 66 22.53 -18.13 38.28
N ARG N 67 21.50 -17.87 39.09
CA ARG N 67 21.68 -17.78 40.54
C ARG N 67 21.05 -18.98 41.24
N PHE N 68 19.77 -19.24 41.03
CA PHE N 68 19.05 -20.19 41.85
C PHE N 68 18.77 -21.45 41.06
N THR N 69 18.36 -22.49 41.76
CA THR N 69 18.03 -23.76 41.13
C THR N 69 16.89 -24.42 41.90
N ILE N 70 15.84 -24.80 41.19
CA ILE N 70 14.76 -25.58 41.75
C ILE N 70 15.01 -27.05 41.46
N SER N 71 14.96 -27.86 42.50
CA SER N 71 14.68 -29.27 42.35
C SER N 71 13.43 -29.58 43.17
N ARG N 72 12.91 -30.78 43.00
CA ARG N 72 11.79 -31.25 43.82
C ARG N 72 11.87 -32.76 43.91
N ASP N 73 11.42 -33.28 45.05
CA ASP N 73 11.46 -34.71 45.32
C ASP N 73 10.05 -35.16 45.63
N ASN N 74 9.44 -35.87 44.69
CA ASN N 74 8.11 -36.42 44.91
C ASN N 74 8.13 -37.63 45.83
N SER N 75 9.30 -38.21 46.10
CA SER N 75 9.41 -39.25 47.10
C SER N 75 9.22 -38.72 48.51
N LYS N 76 10.02 -37.72 48.89
CA LYS N 76 9.94 -37.10 50.21
C LYS N 76 8.73 -36.21 50.37
N ASN N 77 8.05 -35.88 49.27
CA ASN N 77 7.01 -34.84 49.21
C ASN N 77 7.53 -33.53 49.78
N THR N 78 8.64 -33.06 49.22
CA THR N 78 9.29 -31.84 49.69
C THR N 78 9.79 -31.03 48.51
N LEU N 79 9.37 -29.78 48.45
CA LEU N 79 9.83 -28.81 47.46
C LEU N 79 11.19 -28.28 47.88
N TYR N 80 12.12 -28.22 46.93
CA TYR N 80 13.45 -27.70 47.18
C TYR N 80 13.68 -26.41 46.42
N LEU N 81 14.58 -25.60 46.96
CA LEU N 81 15.10 -24.43 46.27
C LEU N 81 16.55 -24.25 46.68
N GLN N 82 17.46 -24.54 45.76
CA GLN N 82 18.89 -24.36 45.98
C GLN N 82 19.24 -22.93 45.58
N MET N 83 19.83 -22.19 46.51
CA MET N 83 20.30 -20.85 46.21
C MET N 83 21.81 -20.83 46.12
N ASN N 84 22.33 -20.00 45.22
CA ASN N 84 23.76 -19.90 44.99
C ASN N 84 24.09 -18.47 44.61
N SER N 85 25.29 -18.04 45.03
CA SER N 85 25.88 -16.73 44.72
C SER N 85 24.97 -15.59 45.15
N LEU N 86 24.76 -15.50 46.47
CA LEU N 86 23.73 -14.63 47.00
C LEU N 86 24.19 -13.18 46.99
N ARG N 87 23.23 -12.26 46.85
CA ARG N 87 23.50 -10.83 46.80
C ARG N 87 22.60 -10.11 47.78
N ALA N 88 22.94 -8.84 48.03
CA ALA N 88 22.33 -8.10 49.13
C ALA N 88 20.86 -7.80 48.90
N GLU N 89 20.42 -7.78 47.64
CA GLU N 89 19.01 -7.58 47.34
C GLU N 89 18.17 -8.80 47.69
N ASP N 90 18.78 -9.97 47.86
CA ASP N 90 18.05 -11.19 48.17
C ASP N 90 17.64 -11.27 49.63
N THR N 91 18.06 -10.31 50.46
CA THR N 91 17.54 -10.23 51.82
C THR N 91 16.07 -9.85 51.75
N ALA N 92 15.20 -10.84 51.97
CA ALA N 92 13.79 -10.67 51.63
C ALA N 92 12.96 -11.74 52.32
N LEU N 93 11.67 -11.70 52.04
CA LEU N 93 10.72 -12.69 52.54
C LEU N 93 10.39 -13.66 51.41
N TYR N 94 10.36 -14.95 51.73
CA TYR N 94 10.26 -16.02 50.76
C TYR N 94 9.03 -16.87 51.05
N TYR N 95 8.22 -17.11 50.01
CA TYR N 95 7.06 -17.98 50.12
C TYR N 95 7.21 -19.13 49.12
N CYS N 96 6.71 -20.29 49.52
CA CYS N 96 6.43 -21.38 48.60
C CYS N 96 4.93 -21.59 48.54
N ALA N 97 4.40 -21.73 47.33
CA ALA N 97 2.94 -21.70 47.15
C ALA N 97 2.49 -22.83 46.22
N LYS N 98 1.29 -23.32 46.49
CA LYS N 98 0.69 -24.38 45.68
C LYS N 98 -0.16 -23.73 44.60
N GLU N 99 -0.25 -24.40 43.46
CA GLU N 99 -1.02 -23.88 42.33
C GLU N 99 -2.46 -24.36 42.40
N LEU N 100 -3.35 -23.60 41.74
CA LEU N 100 -4.79 -23.89 41.74
C LEU N 100 -5.07 -24.85 40.59
N LEU N 101 -5.46 -26.07 40.93
CA LEU N 101 -5.37 -27.17 39.99
C LEU N 101 -6.34 -28.28 40.35
N GLN N 102 -7.07 -28.77 39.35
CA GLN N 102 -7.99 -29.88 39.51
C GLN N 102 -7.71 -30.92 38.44
N VAL N 103 -7.76 -32.19 38.81
CA VAL N 103 -7.34 -33.28 37.94
C VAL N 103 -8.51 -34.21 37.72
N TYR N 104 -8.90 -34.41 36.46
CA TYR N 104 -9.95 -35.36 36.11
C TYR N 104 -9.36 -36.49 35.28
N THR N 105 -9.91 -37.70 35.45
CA THR N 105 -9.37 -38.84 34.71
C THR N 105 -10.46 -39.57 33.93
N SER N 106 -11.68 -39.07 33.95
CA SER N 106 -12.84 -39.91 33.64
C SER N 106 -13.10 -40.12 32.15
N ALA N 107 -12.16 -39.74 31.27
CA ALA N 107 -12.42 -39.91 29.85
C ALA N 107 -11.87 -41.23 29.31
N TRP N 108 -10.63 -41.55 29.63
CA TRP N 108 -10.02 -42.84 29.33
C TRP N 108 -8.94 -43.04 30.36
N GLY N 109 -8.02 -43.95 30.06
CA GLY N 109 -6.87 -44.16 30.92
C GLY N 109 -5.77 -43.12 30.84
N GLU N 110 -6.12 -41.83 30.96
CA GLU N 110 -5.13 -40.79 31.25
C GLU N 110 -5.83 -39.57 31.85
N GLY N 111 -5.15 -38.96 32.83
CA GLY N 111 -5.68 -37.82 33.54
C GLY N 111 -5.54 -36.50 32.80
N HIS N 112 -5.29 -35.44 33.58
CA HIS N 112 -5.55 -34.09 33.16
C HIS N 112 -4.97 -33.10 34.17
N SER N 113 -4.99 -31.82 33.84
CA SER N 113 -4.78 -30.75 34.80
C SER N 113 -5.60 -29.52 34.42
N TYR N 114 -6.37 -28.99 35.37
CA TYR N 114 -7.13 -27.74 35.22
C TYR N 114 -6.27 -26.56 35.64
N TYR N 115 -5.50 -26.00 34.72
CA TYR N 115 -4.60 -24.90 35.04
C TYR N 115 -5.37 -23.60 35.25
N TYR N 116 -5.33 -23.08 36.47
CA TYR N 116 -5.91 -21.77 36.75
C TYR N 116 -4.89 -20.74 37.23
N ALA N 117 -4.31 -21.01 38.40
CA ALA N 117 -3.68 -19.99 39.24
C ALA N 117 -2.93 -20.61 40.42
N LEU N 118 -2.59 -19.81 41.43
CA LEU N 118 -1.98 -20.28 42.67
C LEU N 118 -2.93 -20.03 43.84
N ASP N 119 -3.05 -21.03 44.73
CA ASP N 119 -4.07 -20.92 45.77
C ASP N 119 -3.57 -21.03 47.21
N VAL N 120 -2.69 -21.96 47.54
CA VAL N 120 -2.39 -22.29 48.93
C VAL N 120 -0.93 -21.99 49.19
N TRP N 121 -0.68 -21.23 50.25
CA TRP N 121 0.62 -20.64 50.52
C TRP N 121 1.30 -21.33 51.69
N GLY N 122 2.55 -20.94 51.92
CA GLY N 122 3.24 -21.30 53.14
C GLY N 122 3.30 -20.11 54.06
N LEU N 123 3.89 -20.33 55.24
CA LEU N 123 4.03 -19.27 56.23
C LEU N 123 5.01 -18.21 55.79
N GLY N 124 6.25 -18.59 55.53
CA GLY N 124 7.20 -17.67 54.97
C GLY N 124 8.41 -17.46 55.86
N THR N 125 9.52 -18.04 55.44
CA THR N 125 10.79 -17.81 56.09
C THR N 125 11.49 -16.67 55.36
N ALA N 126 12.38 -16.00 56.08
CA ALA N 126 13.14 -14.90 55.52
C ALA N 126 14.62 -15.21 55.65
N VAL N 127 15.36 -14.86 54.61
CA VAL N 127 16.80 -15.09 54.55
C VAL N 127 17.46 -13.72 54.41
N THR N 128 18.54 -13.51 55.17
CA THR N 128 19.33 -12.29 55.08
C THR N 128 20.68 -12.62 54.47
N VAL N 129 21.06 -11.89 53.44
CA VAL N 129 22.34 -12.11 52.77
C VAL N 129 23.35 -11.16 53.39
N SER N 130 24.17 -11.68 54.30
CA SER N 130 25.13 -10.85 55.01
C SER N 130 26.25 -11.74 55.53
N SER N 131 27.47 -11.20 55.50
CA SER N 131 28.64 -11.95 55.94
C SER N 131 28.68 -12.14 57.45
N ALA N 132 27.95 -11.30 58.20
CA ALA N 132 27.82 -11.35 59.66
C ALA N 132 29.17 -11.30 60.39
N ILE O 2 6.30 -8.20 30.96
CA ILE O 2 4.91 -7.97 31.35
C ILE O 2 4.82 -6.99 32.51
N GLN O 3 3.93 -6.00 32.36
CA GLN O 3 3.82 -4.90 33.30
C GLN O 3 2.37 -4.73 33.72
N MET O 4 2.16 -4.73 35.03
CA MET O 4 0.85 -4.58 35.62
C MET O 4 0.89 -3.40 36.58
N THR O 5 -0.21 -2.66 36.63
CA THR O 5 -0.28 -1.44 37.42
C THR O 5 -1.66 -1.32 38.06
N GLN O 6 -1.71 -1.33 39.39
CA GLN O 6 -2.93 -1.18 40.13
C GLN O 6 -3.27 0.30 40.24
N SER O 7 -4.55 0.61 40.08
CA SER O 7 -5.00 1.97 40.15
C SER O 7 -6.39 1.98 40.76
N PRO O 8 -6.61 2.71 41.85
CA PRO O 8 -5.70 3.61 42.58
C PRO O 8 -4.76 2.90 43.55
N SER O 9 -3.91 3.69 44.21
CA SER O 9 -2.82 3.12 45.01
C SER O 9 -3.19 2.84 46.46
N SER O 10 -4.03 3.68 47.07
CA SER O 10 -4.38 3.49 48.47
C SER O 10 -5.76 4.06 48.74
N VAL O 11 -6.66 3.20 49.21
CA VAL O 11 -8.05 3.55 49.45
C VAL O 11 -8.35 3.38 50.93
N SER O 12 -9.02 4.36 51.52
CA SER O 12 -9.48 4.28 52.90
C SER O 12 -10.98 4.57 52.93
N ALA O 13 -11.76 3.64 53.50
CA ALA O 13 -13.19 3.79 53.56
C ALA O 13 -13.73 3.02 54.77
N SER O 14 -14.95 3.36 55.16
CA SER O 14 -15.57 2.79 56.35
C SER O 14 -16.20 1.44 56.04
N VAL O 15 -16.83 0.85 57.07
CA VAL O 15 -17.41 -0.47 56.91
C VAL O 15 -18.69 -0.39 56.10
N GLY O 16 -18.82 -1.25 55.09
CA GLY O 16 -19.98 -1.30 54.25
C GLY O 16 -19.88 -0.50 52.98
N ASP O 17 -18.74 0.13 52.73
CA ASP O 17 -18.58 0.98 51.56
C ASP O 17 -18.21 0.12 50.35
N ARG O 18 -18.13 0.74 49.17
CA ARG O 18 -17.94 0.01 47.93
C ARG O 18 -16.58 0.34 47.32
N VAL O 19 -15.72 -0.68 47.23
CA VAL O 19 -14.34 -0.52 46.76
C VAL O 19 -14.20 -1.17 45.40
N THR O 20 -13.76 -0.38 44.42
CA THR O 20 -13.45 -0.86 43.08
C THR O 20 -11.99 -0.56 42.77
N ILE O 21 -11.20 -1.61 42.55
CA ILE O 21 -9.81 -1.47 42.14
C ILE O 21 -9.67 -2.11 40.77
N THR O 22 -9.11 -1.36 39.84
CA THR O 22 -8.86 -1.83 38.48
C THR O 22 -7.37 -2.09 38.31
N CYS O 23 -7.03 -3.29 37.86
CA CYS O 23 -5.68 -3.58 37.41
C CYS O 23 -5.61 -3.39 35.90
N ARG O 24 -4.42 -3.05 35.43
CA ARG O 24 -4.14 -2.83 34.02
C ARG O 24 -3.02 -3.76 33.59
N ALA O 25 -2.94 -4.00 32.29
CA ALA O 25 -1.90 -4.85 31.74
C ALA O 25 -1.30 -4.18 30.50
N SER O 26 0.00 -4.36 30.33
CA SER O 26 0.68 -3.80 29.16
C SER O 26 0.31 -4.55 27.88
N GLN O 27 -0.12 -5.80 27.99
CA GLN O 27 -0.51 -6.58 26.84
C GLN O 27 -1.70 -7.47 27.19
N ASP O 28 -2.23 -8.14 26.18
CA ASP O 28 -3.52 -8.81 26.31
C ASP O 28 -3.39 -10.13 27.05
N ILE O 29 -4.23 -10.33 28.06
CA ILE O 29 -4.34 -11.62 28.74
C ILE O 29 -5.78 -12.11 28.87
N SER O 30 -6.75 -11.21 28.88
CA SER O 30 -8.17 -11.41 28.55
C SER O 30 -9.05 -12.17 29.53
N ASN O 31 -8.50 -13.01 30.41
CA ASN O 31 -9.13 -13.26 31.72
C ASN O 31 -8.11 -13.69 32.78
N TRP O 32 -6.84 -13.80 32.40
CA TRP O 32 -5.89 -14.55 33.22
C TRP O 32 -5.33 -13.67 34.33
N LEU O 33 -6.09 -13.57 35.42
CA LEU O 33 -5.69 -12.84 36.60
C LEU O 33 -6.36 -13.46 37.81
N ALA O 34 -5.65 -13.48 38.93
CA ALA O 34 -6.20 -13.95 40.19
C ALA O 34 -6.13 -12.84 41.23
N TRP O 35 -7.15 -12.76 42.07
CA TRP O 35 -7.28 -11.70 43.06
C TRP O 35 -6.86 -12.18 44.44
N TYR O 36 -5.96 -11.43 45.05
CA TYR O 36 -5.43 -11.80 46.36
C TYR O 36 -5.85 -10.78 47.40
N GLN O 37 -5.85 -11.21 48.66
CA GLN O 37 -6.07 -10.34 49.80
C GLN O 37 -5.06 -10.68 50.88
N GLN O 38 -4.11 -9.79 51.12
CA GLN O 38 -3.16 -9.99 52.20
C GLN O 38 -3.49 -9.02 53.30
N LYS O 39 -4.24 -9.51 54.29
CA LYS O 39 -4.25 -8.90 55.61
C LYS O 39 -2.81 -8.83 56.13
N PRO O 40 -2.42 -7.69 56.72
CA PRO O 40 -1.01 -7.51 57.11
C PRO O 40 -0.58 -8.48 58.20
N GLY O 41 0.58 -9.11 57.96
CA GLY O 41 1.04 -10.21 58.78
C GLY O 41 0.58 -11.58 58.35
N LYS O 42 -0.43 -11.65 57.48
CA LYS O 42 -0.97 -12.90 57.02
C LYS O 42 -0.45 -13.23 55.62
N ALA O 43 -0.91 -14.36 55.11
CA ALA O 43 -0.63 -14.70 53.73
C ALA O 43 -1.69 -14.05 52.83
N PRO O 44 -1.35 -13.80 51.57
CA PRO O 44 -2.36 -13.33 50.62
C PRO O 44 -3.39 -14.42 50.34
N GLU O 45 -4.64 -14.13 50.71
CA GLU O 45 -5.73 -15.07 50.48
C GLU O 45 -6.30 -14.85 49.09
N LEU O 46 -6.41 -15.92 48.33
CA LEU O 46 -6.98 -15.85 46.99
C LEU O 46 -8.46 -15.53 47.05
N LEU O 47 -8.88 -14.52 46.30
CA LEU O 47 -10.27 -14.07 46.32
C LEU O 47 -11.02 -14.48 45.07
N ILE O 48 -10.56 -14.01 43.92
CA ILE O 48 -11.19 -14.32 42.65
C ILE O 48 -10.11 -14.72 41.68
N TYR O 49 -10.17 -15.95 41.21
CA TYR O 49 -9.26 -16.47 40.21
C TYR O 49 -9.95 -16.41 38.85
N THR O 50 -9.13 -16.31 37.80
CA THR O 50 -9.54 -16.11 36.40
C THR O 50 -10.40 -14.87 36.21
N ALA O 51 -10.21 -13.88 37.09
CA ALA O 51 -10.76 -12.52 37.03
C ALA O 51 -12.28 -12.43 37.16
N SER O 52 -13.00 -13.55 37.26
CA SER O 52 -14.44 -13.45 37.49
C SER O 52 -15.01 -14.57 38.35
N ILE O 53 -14.18 -15.47 38.86
CA ILE O 53 -14.66 -16.64 39.58
C ILE O 53 -14.17 -16.58 41.02
N LEU O 54 -15.13 -16.54 41.94
CA LEU O 54 -14.83 -16.36 43.36
C LEU O 54 -14.24 -17.62 43.98
N GLN O 55 -13.25 -17.44 44.84
CA GLN O 55 -12.69 -18.57 45.58
C GLN O 55 -13.69 -19.07 46.62
N SER O 56 -13.75 -20.39 46.79
CA SER O 56 -14.53 -20.96 47.88
C SER O 56 -13.88 -20.63 49.22
N GLY O 57 -14.71 -20.42 50.24
CA GLY O 57 -14.26 -19.94 51.53
C GLY O 57 -14.27 -18.44 51.65
N VAL O 58 -14.60 -17.72 50.59
CA VAL O 58 -14.65 -16.27 50.58
C VAL O 58 -16.08 -15.86 50.24
N SER O 59 -16.61 -14.89 50.99
CA SER O 59 -17.99 -14.46 50.84
C SER O 59 -18.20 -13.71 49.53
N SER O 60 -19.47 -13.58 49.15
CA SER O 60 -19.82 -13.04 47.85
C SER O 60 -19.79 -11.52 47.79
N ARG O 61 -19.27 -10.85 48.81
CA ARG O 61 -19.17 -9.39 48.75
C ARG O 61 -18.11 -8.94 47.77
N PHE O 62 -17.19 -9.81 47.39
CA PHE O 62 -16.11 -9.48 46.48
C PHE O 62 -16.52 -9.86 45.06
N SER O 63 -16.52 -8.89 44.16
CA SER O 63 -16.96 -9.10 42.79
C SER O 63 -16.04 -8.32 41.86
N GLY O 64 -16.46 -8.14 40.62
CA GLY O 64 -15.66 -7.42 39.65
C GLY O 64 -15.27 -8.28 38.47
N SER O 65 -15.01 -7.66 37.33
CA SER O 65 -14.65 -8.41 36.13
C SER O 65 -13.82 -7.52 35.22
N GLY O 66 -13.55 -8.03 34.03
CA GLY O 66 -12.78 -7.27 33.06
C GLY O 66 -12.54 -8.10 31.82
N SER O 67 -11.96 -7.44 30.82
CA SER O 67 -11.73 -8.06 29.52
C SER O 67 -10.49 -7.45 28.90
N GLY O 68 -9.71 -8.29 28.24
CA GLY O 68 -8.54 -7.78 27.53
C GLY O 68 -7.39 -7.51 28.48
N THR O 69 -7.10 -6.23 28.71
CA THR O 69 -6.05 -5.81 29.63
C THR O 69 -6.60 -5.03 30.81
N ASP O 70 -7.91 -5.03 31.02
CA ASP O 70 -8.55 -4.02 31.84
C ASP O 70 -9.43 -4.71 32.87
N PHE O 71 -8.82 -5.10 33.99
CA PHE O 71 -9.45 -6.02 34.92
C PHE O 71 -9.72 -5.32 36.24
N THR O 72 -10.90 -5.58 36.81
CA THR O 72 -11.38 -4.84 37.97
C THR O 72 -11.84 -5.80 39.06
N LEU O 73 -11.48 -5.50 40.30
CA LEU O 73 -12.12 -6.08 41.48
C LEU O 73 -13.14 -5.08 41.99
N THR O 74 -14.25 -5.58 42.54
CA THR O 74 -15.25 -4.74 43.17
C THR O 74 -15.67 -5.35 44.49
N ILE O 75 -15.56 -4.58 45.56
CA ILE O 75 -16.08 -4.98 46.86
C ILE O 75 -17.44 -4.32 47.00
N SER O 76 -18.50 -5.14 47.09
CA SER O 76 -19.84 -4.59 47.18
C SER O 76 -20.13 -4.00 48.56
N SER O 77 -19.48 -4.51 49.60
CA SER O 77 -19.67 -3.99 50.96
C SER O 77 -18.44 -4.31 51.78
N LEU O 78 -17.92 -3.32 52.50
CA LEU O 78 -16.69 -3.50 53.26
C LEU O 78 -16.95 -4.13 54.62
N GLN O 79 -15.96 -4.88 55.09
CA GLN O 79 -15.91 -5.46 56.41
C GLN O 79 -14.77 -4.85 57.21
N PRO O 80 -14.82 -4.90 58.54
CA PRO O 80 -13.65 -4.48 59.33
C PRO O 80 -12.44 -5.39 59.17
N GLU O 81 -12.63 -6.62 58.70
CA GLU O 81 -11.53 -7.51 58.41
C GLU O 81 -10.93 -7.29 57.02
N ASP O 82 -11.43 -6.30 56.29
CA ASP O 82 -10.94 -6.01 54.95
C ASP O 82 -9.78 -5.03 54.92
N SER O 83 -9.21 -4.71 56.07
CA SER O 83 -8.03 -3.85 56.11
C SER O 83 -6.84 -4.67 55.62
N ALA O 84 -6.48 -4.49 54.36
CA ALA O 84 -5.53 -5.39 53.72
C ALA O 84 -4.89 -4.70 52.52
N THR O 85 -3.79 -5.28 52.06
CA THR O 85 -3.13 -4.84 50.84
C THR O 85 -3.58 -5.77 49.71
N TYR O 86 -4.04 -5.17 48.61
CA TYR O 86 -4.70 -5.94 47.56
C TYR O 86 -3.79 -6.14 46.37
N TYR O 87 -3.87 -7.33 45.78
CA TYR O 87 -2.87 -7.80 44.84
C TYR O 87 -3.52 -8.30 43.55
N CYS O 88 -2.77 -8.12 42.47
CA CYS O 88 -3.05 -8.75 41.19
C CYS O 88 -1.96 -9.76 40.86
N GLN O 89 -2.31 -10.71 40.01
CA GLN O 89 -1.42 -11.77 39.58
C GLN O 89 -1.53 -11.89 38.06
N GLN O 90 -0.39 -11.95 37.38
CA GLN O 90 -0.40 -12.24 35.94
C GLN O 90 -0.84 -13.69 35.78
N GLY O 91 -1.46 -14.04 34.66
CA GLY O 91 -1.94 -15.41 34.58
C GLY O 91 -1.58 -16.16 33.32
N LYS O 92 -1.10 -15.46 32.30
CA LYS O 92 -1.00 -16.06 30.99
C LYS O 92 0.42 -16.43 30.62
N SER O 93 1.34 -15.45 30.72
CA SER O 93 2.72 -15.71 30.23
C SER O 93 3.74 -15.66 31.37
N PHE O 94 4.70 -16.59 31.30
CA PHE O 94 5.82 -16.65 32.28
C PHE O 94 7.00 -15.91 31.66
N PRO O 95 7.56 -14.89 32.34
CA PRO O 95 7.39 -14.71 33.78
C PRO O 95 6.08 -14.11 34.25
N TYR O 96 5.71 -14.43 35.47
CA TYR O 96 4.63 -13.73 36.14
C TYR O 96 5.08 -12.35 36.57
N THR O 97 4.12 -11.50 36.87
CA THR O 97 4.34 -10.29 37.64
C THR O 97 3.07 -9.96 38.39
N PHE O 98 3.21 -9.11 39.40
CA PHE O 98 2.12 -8.79 40.32
C PHE O 98 1.78 -7.32 40.22
N GLY O 99 0.60 -6.98 40.73
CA GLY O 99 0.28 -5.59 40.99
C GLY O 99 1.11 -5.06 42.13
N GLN O 100 1.23 -3.73 42.19
CA GLN O 100 2.13 -3.12 43.17
C GLN O 100 1.57 -3.17 44.58
N GLY O 101 0.28 -3.40 44.74
CA GLY O 101 -0.27 -3.51 46.08
C GLY O 101 -1.05 -2.31 46.54
N THR O 102 -2.37 -2.44 46.62
CA THR O 102 -3.23 -1.37 47.08
C THR O 102 -3.64 -1.66 48.51
N LYS O 103 -3.10 -0.88 49.44
CA LYS O 103 -3.35 -1.07 50.86
C LYS O 103 -4.69 -0.43 51.22
N LEU O 104 -5.73 -1.24 51.24
CA LEU O 104 -7.06 -0.80 51.63
C LEU O 104 -7.09 -0.66 53.15
N GLU O 105 -7.42 0.54 53.62
CA GLU O 105 -7.63 0.77 55.03
C GLU O 105 -9.11 0.82 55.33
N ILE O 106 -9.54 0.12 56.37
CA ILE O 106 -10.92 0.15 56.84
C ILE O 106 -11.03 1.10 58.01
N LYS O 107 -11.87 2.11 57.87
CA LYS O 107 -12.18 3.00 58.97
C LYS O 107 -13.10 2.28 59.96
N ARG O 108 -12.57 1.95 61.13
CA ARG O 108 -13.28 1.14 62.11
C ARG O 108 -13.66 2.01 63.30
N THR O 109 -14.45 1.43 64.20
CA THR O 109 -14.90 2.13 65.40
C THR O 109 -13.77 2.25 66.42
N GLU P 42 19.62 -33.77 -22.40
CA GLU P 42 19.79 -35.10 -21.82
C GLU P 42 18.63 -35.46 -20.92
N VAL P 43 18.45 -36.76 -20.68
CA VAL P 43 17.42 -37.21 -19.78
C VAL P 43 17.92 -37.07 -18.34
N ILE P 44 17.14 -36.39 -17.52
CA ILE P 44 17.51 -36.17 -16.13
C ILE P 44 17.19 -37.44 -15.34
N VAL P 45 18.12 -37.84 -14.48
CA VAL P 45 17.92 -39.01 -13.63
C VAL P 45 17.55 -38.51 -12.25
N ASN P 46 16.50 -39.10 -11.67
CA ASN P 46 16.06 -38.73 -10.34
C ASN P 46 17.14 -39.08 -9.31
N ALA P 47 17.26 -38.23 -8.29
CA ALA P 47 18.21 -38.47 -7.21
C ALA P 47 17.51 -38.49 -5.85
N GLN P 48 16.29 -38.41 -5.85
CA GLN P 48 15.54 -38.28 -4.61
C GLN P 48 15.27 -39.66 -4.02
N PRO P 49 15.07 -39.75 -2.70
CA PRO P 49 14.71 -41.05 -2.12
C PRO P 49 13.35 -41.54 -2.55
N LYS P 50 12.32 -40.70 -2.43
CA LYS P 50 10.99 -41.10 -2.81
C LYS P 50 10.44 -40.13 -3.84
N CYS P 51 9.58 -40.63 -4.71
CA CYS P 51 9.06 -39.83 -5.80
C CYS P 51 7.69 -40.38 -6.19
N ASN P 52 6.67 -39.54 -6.08
CA ASN P 52 5.32 -39.93 -6.45
C ASN P 52 5.19 -39.98 -7.96
N PRO P 53 4.91 -41.13 -8.55
CA PRO P 53 4.79 -41.21 -10.01
C PRO P 53 3.43 -40.84 -10.52
N ASN P 54 2.61 -40.14 -9.76
CA ASN P 54 1.35 -39.64 -10.27
C ASN P 54 1.08 -38.23 -9.75
N LEU P 55 0.81 -37.33 -10.69
CA LEU P 55 0.43 -35.97 -10.36
C LEU P 55 -1.07 -35.93 -10.17
N HIS P 56 -1.54 -34.77 -9.75
CA HIS P 56 -2.96 -34.44 -9.74
C HIS P 56 -3.01 -32.95 -9.98
N PHE P 57 -3.25 -32.54 -11.22
CA PHE P 57 -3.06 -31.10 -11.56
C PHE P 57 -4.30 -30.21 -11.39
N TRP P 58 -4.10 -29.06 -10.75
CA TRP P 58 -5.12 -28.04 -10.68
C TRP P 58 -4.60 -26.86 -11.47
N THR P 59 -5.45 -26.34 -12.34
CA THR P 59 -5.08 -25.17 -13.11
C THR P 59 -6.34 -24.41 -13.44
N THR P 60 -6.14 -23.20 -13.92
CA THR P 60 -7.19 -22.35 -14.41
C THR P 60 -7.81 -22.98 -15.64
N GLN P 61 -9.08 -22.67 -15.87
CA GLN P 61 -9.70 -23.06 -17.12
C GLN P 61 -9.07 -22.26 -18.23
N ASP P 62 -8.15 -22.92 -18.96
CA ASP P 62 -7.26 -22.27 -19.91
C ASP P 62 -8.02 -21.61 -21.05
N GLU P 63 -8.95 -22.34 -21.65
CA GLU P 63 -9.98 -21.73 -22.47
C GLU P 63 -11.30 -22.36 -22.08
N GLY P 64 -12.36 -21.60 -22.22
CA GLY P 64 -13.67 -22.11 -21.86
C GLY P 64 -14.71 -21.47 -22.75
N ALA P 65 -15.68 -22.29 -23.16
CA ALA P 65 -16.79 -21.79 -23.94
C ALA P 65 -17.65 -20.89 -23.08
N ALA P 66 -17.88 -19.67 -23.57
CA ALA P 66 -18.68 -18.70 -22.83
C ALA P 66 -20.15 -19.14 -22.91
N ILE P 67 -20.51 -20.03 -22.01
CA ILE P 67 -21.86 -20.58 -22.00
C ILE P 67 -22.81 -19.54 -21.42
N GLY P 68 -23.45 -18.79 -22.29
CA GLY P 68 -24.36 -17.76 -21.84
C GLY P 68 -23.62 -16.63 -21.15
N LEU P 69 -23.79 -16.56 -19.84
CA LEU P 69 -23.41 -15.38 -19.08
C LEU P 69 -22.36 -15.67 -18.03
N ALA P 70 -21.69 -16.83 -18.11
CA ALA P 70 -20.75 -17.21 -17.06
C ALA P 70 -19.48 -16.38 -17.12
N TRP P 71 -19.15 -15.86 -18.29
CA TRP P 71 -17.91 -15.14 -18.48
C TRP P 71 -17.93 -13.76 -17.86
N ILE P 72 -19.08 -13.11 -17.77
CA ILE P 72 -19.25 -11.85 -17.06
C ILE P 72 -18.91 -12.09 -15.59
N PRO P 73 -18.09 -11.25 -14.96
CA PRO P 73 -17.73 -11.51 -13.57
C PRO P 73 -18.89 -11.37 -12.61
N TYR P 74 -19.89 -10.54 -12.92
CA TYR P 74 -20.99 -10.36 -11.98
C TYR P 74 -21.85 -11.61 -11.88
N PHE P 75 -21.90 -12.39 -12.95
CA PHE P 75 -22.52 -13.69 -12.90
C PHE P 75 -21.48 -14.80 -12.76
N GLY P 76 -20.23 -14.43 -12.60
CA GLY P 76 -19.17 -15.40 -12.60
C GLY P 76 -19.12 -16.19 -11.31
N PRO P 77 -18.49 -17.35 -11.35
CA PRO P 77 -18.31 -18.13 -10.14
C PRO P 77 -17.28 -17.49 -9.24
N ALA P 78 -17.22 -17.99 -8.00
CA ALA P 78 -16.28 -17.43 -7.05
C ALA P 78 -14.87 -17.91 -7.34
N ALA P 79 -13.95 -17.54 -6.45
CA ALA P 79 -12.55 -17.88 -6.65
C ALA P 79 -12.30 -19.38 -6.50
N GLU P 80 -13.14 -20.07 -5.74
CA GLU P 80 -12.91 -21.49 -5.54
C GLU P 80 -13.36 -22.31 -6.73
N GLY P 81 -14.10 -21.72 -7.65
CA GLY P 81 -14.68 -22.45 -8.75
C GLY P 81 -14.14 -22.17 -10.12
N ILE P 82 -13.04 -21.40 -10.24
CA ILE P 82 -12.52 -21.07 -11.55
C ILE P 82 -11.47 -22.05 -12.02
N TYR P 83 -11.36 -23.20 -11.40
CA TYR P 83 -10.25 -24.10 -11.68
C TYR P 83 -10.71 -25.33 -12.43
N THR P 84 -9.75 -26.06 -12.95
CA THR P 84 -9.99 -27.41 -13.44
C THR P 84 -8.86 -28.30 -12.97
N GLU P 85 -9.10 -29.60 -13.02
CA GLU P 85 -8.13 -30.55 -12.49
C GLU P 85 -8.03 -31.74 -13.42
N GLY P 86 -6.99 -32.53 -13.22
CA GLY P 86 -6.76 -33.71 -14.01
C GLY P 86 -5.63 -34.51 -13.41
N LEU P 87 -5.49 -35.74 -13.89
CA LEU P 87 -4.38 -36.56 -13.48
C LEU P 87 -3.31 -36.54 -14.54
N MET P 88 -2.32 -37.40 -14.34
CA MET P 88 -1.26 -37.61 -15.31
C MET P 88 -0.63 -38.95 -15.01
N HIS P 89 -1.01 -39.98 -15.77
CA HIS P 89 -0.43 -41.29 -15.58
C HIS P 89 1.01 -41.27 -16.05
N ASN P 90 1.84 -42.12 -15.45
CA ASN P 90 3.27 -42.04 -15.70
C ASN P 90 3.59 -42.50 -17.10
N GLN P 91 4.39 -41.70 -17.77
CA GLN P 91 4.78 -41.93 -19.15
C GLN P 91 6.30 -41.96 -19.15
N ASP P 92 6.84 -43.13 -18.76
CA ASP P 92 8.28 -43.38 -18.67
C ASP P 92 9.00 -42.36 -17.81
N GLY P 93 8.48 -42.12 -16.61
CA GLY P 93 9.18 -41.31 -15.65
C GLY P 93 9.23 -39.83 -15.96
N LEU P 94 8.21 -39.27 -16.60
CA LEU P 94 8.16 -37.82 -16.77
C LEU P 94 8.04 -37.13 -15.43
N ILE P 95 7.38 -37.77 -14.48
CA ILE P 95 7.08 -37.10 -13.25
C ILE P 95 8.29 -37.05 -12.34
N CYS P 96 9.03 -38.16 -12.23
CA CYS P 96 10.19 -38.16 -11.36
C CYS P 96 11.33 -37.33 -11.94
N GLY P 97 11.52 -37.42 -13.25
CA GLY P 97 12.42 -36.50 -13.91
C GLY P 97 11.97 -35.06 -13.79
N LEU P 98 10.66 -34.86 -13.74
CA LEU P 98 10.13 -33.50 -13.63
C LEU P 98 10.44 -32.91 -12.27
N ARG P 99 10.26 -33.69 -11.22
CA ARG P 99 10.57 -33.18 -9.88
C ARG P 99 12.06 -32.98 -9.71
N GLN P 100 12.86 -33.86 -10.33
CA GLN P 100 14.31 -33.66 -10.28
C GLN P 100 14.70 -32.39 -11.02
N LEU P 101 13.99 -32.09 -12.10
CA LEU P 101 14.19 -30.84 -12.82
C LEU P 101 13.86 -29.64 -11.94
N ALA P 102 12.79 -29.74 -11.15
CA ALA P 102 12.42 -28.67 -10.25
C ALA P 102 13.51 -28.40 -9.22
N ASN P 103 14.03 -29.47 -8.63
CA ASN P 103 15.10 -29.31 -7.65
C ASN P 103 16.38 -28.79 -8.29
N GLU P 104 16.59 -29.08 -9.57
CA GLU P 104 17.74 -28.48 -10.22
C GLU P 104 17.51 -27.00 -10.54
N THR P 105 16.27 -26.60 -10.76
CA THR P 105 16.01 -25.21 -11.09
C THR P 105 16.06 -24.29 -9.89
N THR P 106 15.88 -24.85 -8.69
CA THR P 106 15.68 -24.03 -7.48
C THR P 106 16.83 -23.05 -7.22
N GLN P 107 18.08 -23.50 -7.35
CA GLN P 107 19.24 -22.66 -7.04
C GLN P 107 19.34 -21.48 -7.98
N ALA P 108 19.21 -21.73 -9.27
CA ALA P 108 19.31 -20.65 -10.24
C ALA P 108 18.14 -19.69 -10.11
N LEU P 109 16.98 -20.20 -9.72
CA LEU P 109 15.84 -19.30 -9.58
C LEU P 109 16.01 -18.41 -8.36
N GLN P 110 16.55 -18.95 -7.28
CA GLN P 110 16.87 -18.14 -6.12
C GLN P 110 17.91 -17.08 -6.45
N LEU P 111 18.92 -17.45 -7.22
CA LEU P 111 19.95 -16.47 -7.53
C LEU P 111 19.44 -15.44 -8.52
N PHE P 112 18.42 -15.79 -9.27
CA PHE P 112 17.80 -14.79 -10.12
C PHE P 112 16.96 -13.84 -9.29
N LEU P 113 16.21 -14.37 -8.34
CA LEU P 113 15.30 -13.53 -7.56
C LEU P 113 16.04 -12.66 -6.57
N ARG P 114 17.25 -13.06 -6.18
CA ARG P 114 18.05 -12.14 -5.40
C ARG P 114 18.49 -10.96 -6.26
N ALA P 115 18.70 -11.20 -7.53
CA ALA P 115 19.29 -10.19 -8.40
C ALA P 115 18.31 -9.10 -8.82
N THR P 116 17.01 -9.29 -8.67
CA THR P 116 16.07 -8.29 -9.13
C THR P 116 15.66 -7.36 -8.00
N THR P 117 14.89 -6.35 -8.35
CA THR P 117 14.27 -5.45 -7.39
C THR P 117 12.76 -5.43 -7.49
N GLU P 118 12.18 -6.34 -8.25
CA GLU P 118 10.74 -6.38 -8.38
C GLU P 118 10.14 -7.14 -7.21
N LEU P 119 8.96 -6.74 -6.80
CA LEU P 119 8.27 -7.57 -5.83
C LEU P 119 7.71 -8.83 -6.45
N ARG P 120 7.11 -8.73 -7.63
CA ARG P 120 6.36 -9.83 -8.21
C ARG P 120 6.81 -10.05 -9.65
N THR P 121 7.82 -10.88 -9.82
CA THR P 121 8.39 -11.14 -11.14
C THR P 121 7.42 -11.96 -11.97
N PHE P 122 6.93 -11.36 -13.04
CA PHE P 122 5.93 -11.98 -13.88
C PHE P 122 6.44 -12.30 -15.27
N SER P 123 7.70 -12.00 -15.56
CA SER P 123 8.19 -11.95 -16.92
C SER P 123 9.34 -12.90 -17.20
N ILE P 124 9.35 -14.07 -16.58
CA ILE P 124 10.42 -15.02 -16.86
C ILE P 124 10.18 -15.70 -18.20
N LEU P 125 8.93 -16.08 -18.45
CA LEU P 125 8.61 -16.82 -19.65
C LEU P 125 8.77 -15.96 -20.90
N ASN P 126 8.36 -14.69 -20.82
CA ASN P 126 8.53 -13.78 -21.93
C ASN P 126 10.00 -13.56 -22.23
N ARG P 127 10.80 -13.42 -21.17
CA ARG P 127 12.22 -13.22 -21.34
C ARG P 127 12.88 -14.44 -21.97
N LYS P 128 12.42 -15.63 -21.61
CA LYS P 128 13.07 -16.81 -22.18
C LYS P 128 12.60 -17.06 -23.60
N ALA P 129 11.39 -16.61 -23.94
CA ALA P 129 10.97 -16.67 -25.33
C ALA P 129 11.79 -15.73 -26.20
N ILE P 130 12.10 -14.55 -25.67
CA ILE P 130 12.97 -13.61 -26.38
C ILE P 130 14.39 -14.17 -26.50
N ASP P 131 14.84 -14.91 -25.48
CA ASP P 131 16.12 -15.60 -25.56
C ASP P 131 16.13 -16.63 -26.68
N PHE P 132 15.05 -17.40 -26.81
CA PHE P 132 14.95 -18.40 -27.85
C PHE P 132 15.00 -17.76 -29.23
N LEU P 133 14.22 -16.69 -29.43
CA LEU P 133 14.18 -16.04 -30.73
C LEU P 133 15.49 -15.35 -31.07
N LEU P 134 16.16 -14.77 -30.08
CA LEU P 134 17.45 -14.14 -30.35
C LEU P 134 18.51 -15.17 -30.70
N GLN P 135 18.52 -16.31 -30.01
CA GLN P 135 19.55 -17.29 -30.30
C GLN P 135 19.30 -17.98 -31.63
N ARG P 136 18.04 -18.14 -32.02
CA ARG P 136 17.78 -18.75 -33.31
C ARG P 136 17.87 -17.75 -34.46
N TRP P 137 17.72 -16.46 -34.19
CA TRP P 137 17.76 -15.48 -35.28
C TRP P 137 19.17 -15.25 -35.78
N GLY P 138 20.04 -14.72 -34.93
CA GLY P 138 21.37 -14.31 -35.35
C GLY P 138 21.56 -12.82 -35.35
N GLU Q 1 3.10 -59.07 -17.08
CA GLU Q 1 4.51 -58.84 -17.31
C GLU Q 1 5.31 -59.26 -16.11
N ILE Q 2 5.28 -58.42 -15.08
CA ILE Q 2 6.02 -58.66 -13.85
C ILE Q 2 5.36 -59.82 -13.14
N VAL Q 3 6.16 -60.80 -12.76
CA VAL Q 3 5.66 -61.98 -12.05
C VAL Q 3 6.42 -62.08 -10.74
N LEU Q 4 5.69 -62.14 -9.64
CA LEU Q 4 6.30 -62.23 -8.32
C LEU Q 4 6.35 -63.69 -7.90
N THR Q 5 7.56 -64.24 -7.86
CA THR Q 5 7.80 -65.61 -7.43
C THR Q 5 8.32 -65.61 -6.01
N GLN Q 6 7.54 -66.19 -5.10
CA GLN Q 6 7.93 -66.30 -3.71
C GLN Q 6 8.82 -67.51 -3.50
N SER Q 7 9.65 -67.43 -2.47
CA SER Q 7 10.48 -68.54 -2.09
C SER Q 7 10.71 -68.45 -0.59
N PRO Q 8 10.51 -69.55 0.15
CA PRO Q 8 10.03 -70.84 -0.34
C PRO Q 8 8.51 -70.87 -0.42
N GLY Q 9 7.96 -72.04 -0.72
CA GLY Q 9 6.52 -72.14 -0.80
C GLY Q 9 5.85 -72.09 0.56
N THR Q 10 6.49 -72.67 1.58
CA THR Q 10 5.96 -72.71 2.93
C THR Q 10 7.08 -72.47 3.94
N LEU Q 11 6.70 -72.09 5.15
CA LEU Q 11 7.59 -72.08 6.29
C LEU Q 11 6.91 -72.75 7.47
N SER Q 12 7.71 -73.39 8.31
CA SER Q 12 7.24 -73.98 9.57
C SER Q 12 8.36 -73.81 10.59
N LEU Q 13 8.25 -72.80 11.43
CA LEU Q 13 9.32 -72.43 12.34
C LEU Q 13 8.81 -72.30 13.77
N SER Q 14 9.74 -72.34 14.71
CA SER Q 14 9.42 -72.33 16.13
C SER Q 14 9.26 -70.90 16.64
N PRO Q 15 8.51 -70.70 17.73
CA PRO Q 15 8.43 -69.37 18.34
C PRO Q 15 9.79 -68.89 18.83
N GLY Q 16 10.00 -67.59 18.72
CA GLY Q 16 11.27 -67.01 19.08
C GLY Q 16 12.30 -67.05 17.98
N GLU Q 17 12.07 -67.79 16.91
CA GLU Q 17 13.02 -67.88 15.82
C GLU Q 17 12.89 -66.68 14.90
N ARG Q 18 13.53 -66.77 13.74
CA ARG Q 18 13.56 -65.68 12.77
C ARG Q 18 13.20 -66.21 11.40
N ALA Q 19 12.03 -65.83 10.90
CA ALA Q 19 11.55 -66.25 9.60
C ALA Q 19 11.92 -65.22 8.56
N THR Q 20 12.48 -65.68 7.43
CA THR Q 20 12.90 -64.81 6.35
C THR Q 20 12.21 -65.26 5.07
N LEU Q 21 11.19 -64.51 4.66
CA LEU Q 21 10.51 -64.74 3.39
C LEU Q 21 10.98 -63.71 2.38
N SER Q 22 11.40 -64.19 1.21
CA SER Q 22 11.76 -63.30 0.11
C SER Q 22 10.94 -63.68 -1.12
N CYS Q 23 10.77 -62.70 -1.98
CA CYS Q 23 10.12 -62.89 -3.27
C CYS Q 23 11.05 -62.34 -4.34
N ARG Q 24 11.04 -62.97 -5.51
CA ARG Q 24 11.89 -62.54 -6.61
C ARG Q 24 11.03 -61.94 -7.71
N ALA Q 25 11.42 -60.76 -8.16
CA ALA Q 25 10.79 -60.16 -9.32
C ALA Q 25 11.21 -60.92 -10.58
N SER Q 26 10.24 -61.09 -11.48
CA SER Q 26 10.55 -61.73 -12.77
C SER Q 26 11.44 -60.86 -13.63
N GLN Q 27 11.39 -59.56 -13.46
CA GLN Q 27 12.18 -58.65 -14.28
C GLN Q 27 13.08 -57.84 -13.37
N SER Q 28 13.95 -57.05 -13.99
CA SER Q 28 14.62 -55.98 -13.27
C SER Q 28 13.62 -54.89 -12.96
N VAL Q 29 13.62 -54.42 -11.72
CA VAL Q 29 12.66 -53.45 -11.23
C VAL Q 29 13.35 -52.15 -10.81
N SER Q 30 14.16 -52.21 -9.74
CA SER Q 30 14.79 -51.05 -9.09
C SER Q 30 13.78 -49.95 -8.76
N SER Q 31 12.62 -50.36 -8.26
CA SER Q 31 11.57 -49.42 -7.90
C SER Q 31 10.96 -49.86 -6.59
N SER Q 32 11.47 -49.32 -5.49
CA SER Q 32 11.11 -49.77 -4.14
C SER Q 32 9.69 -49.33 -3.77
N TYR Q 33 8.72 -50.01 -4.38
CA TYR Q 33 7.31 -49.69 -4.24
C TYR Q 33 6.54 -50.90 -3.74
N PHE Q 34 7.02 -51.57 -2.71
CA PHE Q 34 6.49 -52.90 -2.41
C PHE Q 34 5.58 -52.89 -1.22
N ALA Q 35 5.01 -54.06 -0.93
CA ALA Q 35 4.06 -54.20 0.17
C ALA Q 35 3.98 -55.66 0.59
N TRP Q 36 4.02 -55.88 1.90
CA TRP Q 36 3.83 -57.20 2.48
C TRP Q 36 2.54 -57.24 3.26
N TYR Q 37 1.70 -58.22 2.96
CA TYR Q 37 0.38 -58.32 3.57
C TYR Q 37 0.28 -59.54 4.46
N GLN Q 38 -0.66 -59.48 5.39
CA GLN Q 38 -1.03 -60.62 6.22
C GLN Q 38 -2.49 -60.91 5.98
N GLN Q 39 -2.77 -62.01 5.30
CA GLN Q 39 -4.14 -62.44 5.13
C GLN Q 39 -4.45 -63.44 6.23
N LYS Q 40 -5.11 -62.97 7.26
CA LYS Q 40 -5.71 -63.93 8.16
C LYS Q 40 -6.84 -64.65 7.43
N PRO Q 41 -7.05 -65.94 7.71
CA PRO Q 41 -8.09 -66.70 7.01
C PRO Q 41 -9.48 -66.16 7.35
N GLY Q 42 -10.30 -66.01 6.32
CA GLY Q 42 -11.58 -65.35 6.47
C GLY Q 42 -11.50 -63.85 6.60
N GLN Q 43 -10.34 -63.26 6.37
CA GLN Q 43 -10.15 -61.83 6.58
C GLN Q 43 -9.53 -61.19 5.34
N ALA Q 44 -9.74 -59.88 5.25
CA ALA Q 44 -9.05 -59.09 4.26
C ALA Q 44 -7.55 -59.07 4.56
N PRO Q 45 -6.71 -58.90 3.55
CA PRO Q 45 -5.28 -58.72 3.81
C PRO Q 45 -5.02 -57.42 4.53
N ARG Q 46 -3.93 -57.40 5.29
CA ARG Q 46 -3.58 -56.25 6.12
C ARG Q 46 -2.13 -55.87 5.89
N LEU Q 47 -1.88 -54.57 5.69
CA LEU Q 47 -0.56 -54.08 5.33
C LEU Q 47 0.39 -54.18 6.53
N LEU Q 48 1.63 -54.58 6.25
CA LEU Q 48 2.69 -54.63 7.25
C LEU Q 48 3.78 -53.62 6.95
N ILE Q 49 4.43 -53.76 5.79
CA ILE Q 49 5.53 -52.90 5.41
C ILE Q 49 5.34 -52.51 3.96
N SER Q 50 5.17 -51.22 3.73
CA SER Q 50 5.08 -50.71 2.38
C SER Q 50 6.37 -49.97 2.07
N GLY Q 51 6.62 -49.75 0.78
CA GLY Q 51 7.78 -49.00 0.36
C GLY Q 51 9.10 -49.64 0.70
N THR Q 52 9.10 -50.96 0.83
CA THR Q 52 10.24 -51.88 0.90
C THR Q 52 10.97 -51.83 2.24
N SER Q 53 10.76 -50.78 3.04
CA SER Q 53 11.30 -50.79 4.40
C SER Q 53 10.41 -50.09 5.40
N THR Q 54 9.32 -49.46 4.99
CA THR Q 54 8.59 -48.57 5.87
C THR Q 54 7.46 -49.31 6.55
N ARG Q 55 7.51 -49.37 7.87
CA ARG Q 55 6.51 -50.05 8.66
C ARG Q 55 5.19 -49.30 8.64
N ALA Q 56 4.09 -50.04 8.49
CA ALA Q 56 2.78 -49.43 8.58
C ALA Q 56 2.46 -49.11 10.05
N PRO Q 57 1.54 -48.19 10.30
CA PRO Q 57 1.10 -47.96 11.69
C PRO Q 57 0.30 -49.14 12.21
N GLY Q 58 0.26 -49.26 13.54
CA GLY Q 58 -0.36 -50.39 14.19
C GLY Q 58 0.46 -51.66 14.17
N ILE Q 59 1.59 -51.66 13.48
CA ILE Q 59 2.40 -52.86 13.30
C ILE Q 59 3.45 -52.93 14.41
N PRO Q 60 3.48 -54.02 15.17
CA PRO Q 60 4.52 -54.18 16.18
C PRO Q 60 5.88 -54.38 15.53
N ASP Q 61 6.90 -53.89 16.21
CA ASP Q 61 8.21 -53.64 15.62
C ASP Q 61 9.00 -54.89 15.25
N ARG Q 62 8.48 -56.09 15.50
CA ARG Q 62 9.27 -57.27 15.19
C ARG Q 62 9.23 -57.66 13.72
N PHE Q 63 8.76 -56.79 12.83
CA PHE Q 63 8.75 -57.08 11.42
C PHE Q 63 9.78 -56.19 10.73
N SER Q 64 10.47 -56.71 9.72
CA SER Q 64 11.39 -55.91 8.92
C SER Q 64 11.48 -56.54 7.53
N GLY Q 65 12.07 -55.81 6.60
CA GLY Q 65 12.27 -56.32 5.25
C GLY Q 65 13.06 -55.32 4.45
N SER Q 66 13.72 -55.83 3.42
CA SER Q 66 14.60 -55.02 2.59
C SER Q 66 14.84 -55.75 1.26
N GLY Q 67 15.84 -55.28 0.54
CA GLY Q 67 16.18 -55.82 -0.77
C GLY Q 67 16.45 -54.68 -1.72
N SER Q 68 17.29 -54.96 -2.72
CA SER Q 68 17.63 -53.92 -3.67
C SER Q 68 17.26 -54.19 -5.12
N GLY Q 69 17.80 -55.27 -5.70
CA GLY Q 69 17.63 -55.46 -7.13
C GLY Q 69 16.40 -56.18 -7.63
N THR Q 70 16.33 -57.48 -7.34
CA THR Q 70 15.20 -58.34 -7.70
C THR Q 70 14.78 -59.25 -6.57
N ASP Q 71 15.68 -59.55 -5.63
CA ASP Q 71 15.36 -60.32 -4.45
C ASP Q 71 15.04 -59.35 -3.32
N PHE Q 72 13.90 -59.56 -2.67
CA PHE Q 72 13.39 -58.62 -1.69
C PHE Q 72 12.79 -59.39 -0.53
N THR Q 73 13.32 -59.18 0.65
CA THR Q 73 13.04 -60.06 1.77
C THR Q 73 12.01 -59.45 2.69
N LEU Q 74 11.48 -60.30 3.56
CA LEU Q 74 10.66 -59.92 4.70
C LEU Q 74 11.13 -60.75 5.89
N THR Q 75 11.41 -60.09 7.01
CA THR Q 75 12.09 -60.73 8.13
C THR Q 75 11.33 -60.48 9.41
N ILE Q 76 10.98 -61.57 10.10
CA ILE Q 76 10.27 -61.50 11.37
C ILE Q 76 11.14 -62.14 12.43
N SER Q 77 11.68 -61.33 13.32
CA SER Q 77 12.39 -61.87 14.48
C SER Q 77 11.44 -62.07 15.63
N ARG Q 78 11.79 -63.01 16.51
CA ARG Q 78 11.05 -63.36 17.73
C ARG Q 78 9.61 -63.76 17.39
N LEU Q 79 9.52 -64.91 16.71
CA LEU Q 79 8.27 -65.38 16.12
C LEU Q 79 7.20 -65.61 17.17
N GLU Q 80 6.01 -65.12 16.89
CA GLU Q 80 4.86 -65.20 17.76
C GLU Q 80 3.77 -65.98 17.06
N PRO Q 81 2.94 -66.73 17.81
CA PRO Q 81 1.92 -67.56 17.16
C PRO Q 81 0.82 -66.78 16.48
N GLU Q 82 0.68 -65.50 16.80
CA GLU Q 82 -0.33 -64.64 16.20
C GLU Q 82 0.02 -64.26 14.78
N ASP Q 83 1.25 -64.52 14.34
CA ASP Q 83 1.69 -64.23 12.98
C ASP Q 83 1.35 -65.36 12.01
N PHE Q 84 0.53 -66.32 12.44
CA PHE Q 84 0.19 -67.46 11.60
C PHE Q 84 -0.76 -67.05 10.48
N ALA Q 85 -0.23 -66.93 9.25
CA ALA Q 85 -1.01 -66.55 8.09
C ALA Q 85 -0.24 -66.87 6.82
N VAL Q 86 -0.75 -66.38 5.70
CA VAL Q 86 -0.06 -66.42 4.41
C VAL Q 86 0.32 -64.99 4.04
N TYR Q 87 1.56 -64.81 3.59
CA TYR Q 87 2.10 -63.48 3.34
C TYR Q 87 2.26 -63.24 1.85
N PHE Q 88 2.13 -61.99 1.43
CA PHE Q 88 1.99 -61.62 0.03
C PHE Q 88 3.01 -60.58 -0.40
N CYS Q 89 3.65 -60.83 -1.54
CA CYS Q 89 4.55 -59.89 -2.17
C CYS Q 89 3.76 -59.07 -3.18
N GLN Q 90 4.07 -57.78 -3.26
CA GLN Q 90 3.35 -56.82 -4.08
C GLN Q 90 4.32 -55.84 -4.73
N GLN Q 91 4.11 -55.56 -6.01
CA GLN Q 91 4.84 -54.50 -6.69
C GLN Q 91 3.87 -53.55 -7.37
N TYR Q 92 4.07 -52.25 -7.15
CA TYR Q 92 3.43 -51.23 -7.95
C TYR Q 92 4.49 -50.55 -8.81
N GLY Q 93 4.11 -50.18 -10.02
CA GLY Q 93 5.03 -49.50 -10.90
C GLY Q 93 4.45 -49.46 -12.29
N ASN Q 94 4.70 -48.32 -12.96
CA ASN Q 94 4.18 -48.00 -14.29
C ASN Q 94 2.68 -48.17 -14.34
N SER Q 95 2.00 -47.50 -13.41
CA SER Q 95 0.56 -47.37 -13.30
C SER Q 95 -0.16 -48.70 -13.10
N LEU Q 96 0.50 -49.72 -12.57
CA LEU Q 96 -0.12 -51.04 -12.41
C LEU Q 96 0.32 -51.71 -11.13
N TYR Q 97 -0.62 -52.36 -10.45
CA TYR Q 97 -0.33 -53.27 -9.37
C TYR Q 97 -0.01 -54.64 -9.94
N THR Q 98 0.83 -55.39 -9.24
CA THR Q 98 1.02 -56.78 -9.55
C THR Q 98 1.36 -57.54 -8.29
N PHE Q 99 1.01 -58.82 -8.30
CA PHE Q 99 1.02 -59.65 -7.13
C PHE Q 99 1.82 -60.91 -7.38
N GLY Q 100 1.99 -61.68 -6.30
CA GLY Q 100 2.45 -63.04 -6.40
C GLY Q 100 1.49 -63.99 -5.71
N GLN Q 101 1.89 -65.25 -5.66
CA GLN Q 101 1.05 -66.27 -5.07
C GLN Q 101 1.00 -66.19 -3.56
N GLY Q 102 2.13 -66.12 -2.90
CA GLY Q 102 2.10 -66.09 -1.46
C GLY Q 102 2.78 -67.29 -0.84
N THR Q 103 2.96 -67.23 0.47
CA THR Q 103 3.69 -68.24 1.22
C THR Q 103 3.03 -68.45 2.57
N LYS Q 104 2.60 -69.69 2.82
CA LYS Q 104 2.00 -70.03 4.10
C LYS Q 104 3.09 -70.11 5.15
N LEU Q 105 2.96 -69.32 6.21
CA LEU Q 105 3.91 -69.33 7.31
C LEU Q 105 3.24 -70.00 8.50
N GLU Q 106 3.95 -70.93 9.12
CA GLU Q 106 3.44 -71.70 10.25
C GLU Q 106 4.36 -71.53 11.46
N ILE Q 107 3.77 -71.16 12.58
CA ILE Q 107 4.47 -71.08 13.86
C ILE Q 107 4.32 -72.43 14.54
N LYS Q 108 5.44 -72.98 15.02
CA LYS Q 108 5.39 -74.25 15.73
C LYS Q 108 4.90 -74.07 17.17
N GLN R 1 -11.86 -43.30 11.55
CA GLN R 1 -12.18 -44.70 11.30
C GLN R 1 -13.03 -44.80 10.07
N VAL R 2 -12.41 -45.10 8.94
CA VAL R 2 -13.09 -45.20 7.66
C VAL R 2 -13.50 -46.66 7.46
N GLN R 3 -14.67 -46.86 6.86
CA GLN R 3 -15.17 -48.19 6.58
C GLN R 3 -15.61 -48.28 5.13
N LEU R 4 -15.41 -49.45 4.55
CA LEU R 4 -15.78 -49.71 3.17
C LEU R 4 -16.75 -50.87 3.15
N GLN R 5 -17.83 -50.73 2.42
CA GLN R 5 -18.85 -51.77 2.36
C GLN R 5 -19.01 -52.23 0.92
N GLU R 6 -18.59 -53.47 0.65
CA GLU R 6 -18.93 -54.08 -0.63
C GLU R 6 -20.40 -54.45 -0.65
N SER R 7 -20.92 -54.60 -1.86
CA SER R 7 -22.27 -55.11 -2.08
C SER R 7 -22.38 -55.60 -3.52
N GLY R 8 -23.32 -56.50 -3.74
CA GLY R 8 -23.56 -57.02 -5.05
C GLY R 8 -24.36 -58.31 -5.03
N PRO R 9 -24.79 -58.79 -6.19
CA PRO R 9 -25.51 -60.06 -6.24
C PRO R 9 -24.59 -61.23 -6.02
N GLY R 10 -25.05 -62.18 -5.21
CA GLY R 10 -24.25 -63.37 -4.95
C GLY R 10 -24.20 -64.31 -6.13
N LEU R 11 -25.28 -64.37 -6.92
CA LEU R 11 -25.41 -65.31 -8.01
C LEU R 11 -25.38 -64.57 -9.34
N GLY R 12 -24.81 -65.21 -10.36
CA GLY R 12 -24.69 -64.61 -11.67
C GLY R 12 -25.50 -65.34 -12.73
N LYS R 13 -25.13 -65.05 -13.98
CA LYS R 13 -25.67 -65.68 -15.17
C LYS R 13 -24.63 -65.41 -16.24
N PRO R 14 -24.12 -66.44 -16.91
CA PRO R 14 -22.98 -66.24 -17.81
C PRO R 14 -23.33 -65.41 -19.03
N SER R 15 -22.33 -64.72 -19.55
CA SER R 15 -22.38 -63.72 -20.61
C SER R 15 -23.29 -62.55 -20.30
N GLU R 16 -23.55 -62.26 -19.02
CA GLU R 16 -24.31 -61.09 -18.63
C GLU R 16 -23.39 -60.06 -18.01
N THR R 17 -23.98 -58.96 -17.56
CA THR R 17 -23.23 -57.89 -16.92
C THR R 17 -23.40 -57.99 -15.42
N LEU R 18 -22.28 -58.09 -14.72
CA LEU R 18 -22.25 -58.24 -13.28
C LEU R 18 -21.84 -56.92 -12.65
N SER R 19 -22.73 -56.31 -11.89
CA SER R 19 -22.48 -55.03 -11.25
C SER R 19 -22.17 -55.25 -9.77
N LEU R 20 -21.24 -54.46 -9.23
CA LEU R 20 -20.97 -54.47 -7.81
C LEU R 20 -20.90 -53.03 -7.31
N SER R 21 -20.76 -52.88 -6.00
CA SER R 21 -20.72 -51.57 -5.39
C SER R 21 -19.91 -51.58 -4.11
N CYS R 22 -18.94 -50.67 -4.02
CA CYS R 22 -18.20 -50.40 -2.80
C CYS R 22 -18.67 -49.05 -2.30
N THR R 23 -19.11 -48.99 -1.04
CA THR R 23 -19.65 -47.77 -0.48
C THR R 23 -18.81 -47.29 0.69
N VAL R 24 -18.43 -46.01 0.63
CA VAL R 24 -17.46 -45.42 1.54
C VAL R 24 -18.17 -44.93 2.77
N SER R 25 -17.66 -45.30 3.94
CA SER R 25 -18.17 -44.80 5.20
C SER R 25 -17.00 -44.27 6.03
N GLY R 26 -17.01 -42.98 6.33
CA GLY R 26 -16.02 -42.39 7.20
C GLY R 26 -15.10 -41.40 6.56
N ALA R 27 -15.00 -41.37 5.24
CA ALA R 27 -14.13 -40.40 4.58
C ALA R 27 -14.76 -40.04 3.25
N SER R 28 -13.97 -39.39 2.41
CA SER R 28 -14.42 -39.03 1.07
C SER R 28 -13.69 -39.85 0.03
N ILE R 29 -14.35 -40.03 -1.11
CA ILE R 29 -13.67 -40.60 -2.28
C ILE R 29 -12.65 -39.62 -2.82
N ARG R 30 -12.97 -38.32 -2.71
CA ARG R 30 -12.38 -37.30 -3.56
C ARG R 30 -10.89 -37.10 -3.31
N GLY R 31 -10.09 -37.63 -4.22
CA GLY R 31 -8.67 -37.42 -4.21
C GLY R 31 -7.82 -38.67 -4.08
N TYR R 32 -8.42 -39.84 -3.93
CA TYR R 32 -7.67 -41.06 -3.66
C TYR R 32 -7.83 -42.06 -4.79
N PHE R 33 -7.04 -43.12 -4.70
CA PHE R 33 -7.10 -44.23 -5.63
C PHE R 33 -7.95 -45.33 -5.03
N TRP R 34 -8.98 -45.75 -5.75
CA TRP R 34 -9.90 -46.77 -5.27
C TRP R 34 -9.79 -48.00 -6.17
N ASN R 35 -9.57 -49.16 -5.56
CA ASN R 35 -9.18 -50.37 -6.26
C ASN R 35 -10.33 -51.38 -6.35
N TRP R 36 -10.10 -52.41 -7.14
CA TRP R 36 -10.87 -53.64 -7.06
C TRP R 36 -9.91 -54.82 -7.13
N ILE R 37 -10.15 -55.84 -6.33
CA ILE R 37 -9.29 -57.00 -6.27
C ILE R 37 -10.12 -58.27 -6.33
N ARG R 38 -9.76 -59.14 -7.26
CA ARG R 38 -10.31 -60.47 -7.40
C ARG R 38 -9.51 -61.46 -6.56
N GLN R 39 -10.21 -62.30 -5.81
CA GLN R 39 -9.57 -63.45 -5.17
C GLN R 39 -10.41 -64.70 -5.40
N PRO R 40 -10.00 -65.55 -6.33
CA PRO R 40 -10.57 -66.89 -6.37
C PRO R 40 -10.15 -67.66 -5.13
N PRO R 41 -11.05 -68.45 -4.56
CA PRO R 41 -10.76 -69.10 -3.28
C PRO R 41 -9.69 -70.18 -3.43
N GLY R 42 -8.69 -70.13 -2.54
CA GLY R 42 -7.53 -70.99 -2.62
C GLY R 42 -6.43 -70.50 -3.53
N LYS R 43 -6.72 -69.55 -4.42
CA LYS R 43 -5.75 -68.98 -5.32
C LYS R 43 -5.05 -67.81 -4.66
N GLY R 44 -4.26 -67.11 -5.46
CA GLY R 44 -3.72 -65.84 -5.04
C GLY R 44 -4.72 -64.73 -5.28
N LEU R 45 -4.26 -63.51 -5.10
CA LEU R 45 -5.07 -62.33 -5.36
C LEU R 45 -4.86 -61.93 -6.81
N GLU R 46 -5.92 -61.52 -7.49
CA GLU R 46 -5.79 -60.94 -8.81
C GLU R 46 -6.29 -59.50 -8.74
N TRP R 47 -5.44 -58.56 -9.13
CA TRP R 47 -5.86 -57.17 -9.15
C TRP R 47 -6.65 -56.88 -10.41
N ILE R 48 -7.70 -56.08 -10.26
CA ILE R 48 -8.61 -55.78 -11.34
C ILE R 48 -8.32 -54.41 -11.96
N GLY R 49 -8.34 -53.36 -11.15
CA GLY R 49 -8.16 -52.04 -11.69
C GLY R 49 -8.33 -50.98 -10.62
N TYR R 50 -8.15 -49.72 -11.04
CA TYR R 50 -8.39 -48.62 -10.13
C TYR R 50 -8.95 -47.43 -10.87
N ILE R 51 -9.84 -46.73 -10.19
CA ILE R 51 -10.33 -45.44 -10.65
C ILE R 51 -9.95 -44.39 -9.63
N HIS R 52 -9.55 -43.22 -10.10
CA HIS R 52 -9.33 -42.05 -9.28
C HIS R 52 -10.49 -41.09 -9.45
N SER R 53 -10.75 -40.28 -8.42
CA SER R 53 -11.98 -39.49 -8.33
C SER R 53 -12.12 -38.45 -9.42
N THR R 54 -11.06 -38.15 -10.17
CA THR R 54 -11.21 -37.37 -11.39
C THR R 54 -11.96 -38.12 -12.47
N GLY R 55 -12.06 -39.43 -12.38
CA GLY R 55 -12.67 -40.23 -13.42
C GLY R 55 -11.70 -40.93 -14.31
N SER R 56 -10.41 -40.65 -14.18
CA SER R 56 -9.41 -41.39 -14.94
C SER R 56 -9.27 -42.78 -14.36
N THR R 57 -9.06 -43.76 -15.23
CA THR R 57 -9.19 -45.16 -14.86
C THR R 57 -8.12 -45.96 -15.58
N ASN R 58 -7.58 -46.96 -14.90
CA ASN R 58 -6.65 -47.89 -15.49
C ASN R 58 -7.07 -49.31 -15.16
N TYR R 59 -6.64 -50.26 -15.99
CA TYR R 59 -7.14 -51.62 -15.98
C TYR R 59 -6.01 -52.62 -15.95
N ASN R 60 -6.30 -53.79 -15.43
CA ASN R 60 -5.41 -54.93 -15.56
C ASN R 60 -5.49 -55.39 -17.02
N PRO R 61 -4.37 -55.59 -17.71
CA PRO R 61 -4.44 -56.05 -19.10
C PRO R 61 -5.06 -57.43 -19.29
N SER R 62 -5.11 -58.25 -18.25
CA SER R 62 -5.81 -59.53 -18.38
C SER R 62 -7.30 -59.34 -18.49
N LEU R 63 -7.83 -58.29 -17.91
CA LEU R 63 -9.27 -58.02 -17.96
C LEU R 63 -9.58 -56.74 -18.70
N LYS R 64 -8.76 -56.34 -19.66
CA LYS R 64 -8.97 -55.05 -20.31
C LYS R 64 -10.19 -55.09 -21.21
N SER R 65 -10.40 -56.19 -21.91
CA SER R 65 -11.52 -56.32 -22.82
C SER R 65 -12.85 -56.50 -22.10
N ARG R 66 -12.84 -56.97 -20.86
CA ARG R 66 -14.02 -57.53 -20.23
C ARG R 66 -14.76 -56.55 -19.32
N VAL R 67 -14.06 -55.78 -18.50
CA VAL R 67 -14.69 -55.08 -17.39
C VAL R 67 -14.73 -53.60 -17.64
N THR R 68 -15.42 -52.89 -16.75
CA THR R 68 -15.42 -51.43 -16.70
C THR R 68 -15.74 -50.97 -15.29
N ILE R 69 -15.18 -49.82 -14.91
CA ILE R 69 -15.23 -49.31 -13.54
C ILE R 69 -15.77 -47.89 -13.57
N SER R 70 -16.73 -47.59 -12.69
CA SER R 70 -17.24 -46.23 -12.56
C SER R 70 -17.30 -45.86 -11.08
N VAL R 71 -17.44 -44.56 -10.82
CA VAL R 71 -17.49 -44.04 -9.46
C VAL R 71 -18.54 -42.94 -9.39
N ASP R 72 -19.16 -42.78 -8.21
CA ASP R 72 -20.14 -41.74 -7.96
C ASP R 72 -19.73 -40.99 -6.71
N THR R 73 -19.34 -39.73 -6.87
CA THR R 73 -19.09 -38.86 -5.73
C THR R 73 -20.36 -38.34 -5.10
N SER R 74 -21.49 -38.37 -5.81
CA SER R 74 -22.73 -37.86 -5.25
C SER R 74 -23.31 -38.80 -4.22
N LYS R 75 -23.45 -40.08 -4.57
CA LYS R 75 -23.88 -41.07 -3.60
C LYS R 75 -22.73 -41.66 -2.82
N ASN R 76 -21.50 -41.19 -3.06
CA ASN R 76 -20.29 -41.62 -2.35
C ASN R 76 -20.04 -43.11 -2.56
N GLN R 77 -20.13 -43.56 -3.81
CA GLN R 77 -20.10 -44.98 -4.14
C GLN R 77 -19.10 -45.28 -5.24
N VAL R 78 -18.59 -46.51 -5.21
CA VAL R 78 -17.60 -47.01 -6.17
C VAL R 78 -18.15 -48.28 -6.79
N SER R 79 -18.25 -48.30 -8.12
CA SER R 79 -18.96 -49.34 -8.83
C SER R 79 -18.04 -50.12 -9.76
N LEU R 80 -18.29 -51.42 -9.83
CA LEU R 80 -17.58 -52.32 -10.73
C LEU R 80 -18.57 -53.03 -11.63
N ASN R 81 -18.25 -53.10 -12.92
CA ASN R 81 -19.10 -53.79 -13.89
C ASN R 81 -18.24 -54.74 -14.71
N VAL R 82 -18.67 -55.98 -14.82
CA VAL R 82 -17.98 -57.00 -15.61
C VAL R 82 -18.90 -57.40 -16.75
N ASN R 83 -18.47 -57.12 -17.99
CA ASN R 83 -19.30 -57.41 -19.14
C ASN R 83 -18.96 -58.78 -19.71
N SER R 84 -20.02 -59.53 -20.05
CA SER R 84 -19.94 -60.88 -20.61
C SER R 84 -19.19 -61.82 -19.66
N VAL R 85 -19.81 -62.07 -18.51
CA VAL R 85 -19.14 -62.86 -17.48
C VAL R 85 -19.11 -64.33 -17.84
N THR R 86 -18.26 -65.08 -17.16
CA THR R 86 -18.19 -66.52 -17.30
C THR R 86 -17.93 -67.12 -15.93
N ALA R 87 -17.90 -68.45 -15.88
CA ALA R 87 -17.78 -69.15 -14.62
C ALA R 87 -16.38 -69.03 -14.03
N ALA R 88 -15.40 -68.65 -14.84
CA ALA R 88 -14.06 -68.38 -14.34
C ALA R 88 -14.00 -67.14 -13.45
N ASP R 89 -14.98 -66.25 -13.57
CA ASP R 89 -15.02 -65.01 -12.82
C ASP R 89 -15.56 -65.18 -11.41
N THR R 90 -15.97 -66.40 -11.04
CA THR R 90 -16.40 -66.67 -9.68
C THR R 90 -15.23 -66.54 -8.72
N ALA R 91 -15.33 -65.60 -7.79
CA ALA R 91 -14.22 -65.28 -6.90
C ALA R 91 -14.74 -64.46 -5.73
N VAL R 92 -13.82 -64.09 -4.85
CA VAL R 92 -14.08 -63.11 -3.79
C VAL R 92 -13.56 -61.77 -4.27
N TYR R 93 -14.35 -60.72 -4.09
CA TYR R 93 -14.05 -59.40 -4.61
C TYR R 93 -13.85 -58.38 -3.49
N PHE R 94 -12.93 -57.44 -3.73
CA PHE R 94 -12.45 -56.50 -2.74
C PHE R 94 -12.43 -55.08 -3.30
N CYS R 95 -12.47 -54.08 -2.43
CA CYS R 95 -12.16 -52.70 -2.78
C CYS R 95 -11.18 -52.13 -1.76
N ALA R 96 -10.19 -51.36 -2.24
CA ALA R 96 -9.11 -50.91 -1.37
C ALA R 96 -8.61 -49.55 -1.82
N ARG R 97 -7.99 -48.85 -0.88
CA ARG R 97 -7.67 -47.44 -1.04
C ARG R 97 -6.17 -47.25 -1.18
N GLY R 98 -5.71 -47.04 -2.41
CA GLY R 98 -4.28 -46.89 -2.65
C GLY R 98 -3.72 -45.49 -2.81
N ALA R 99 -3.80 -44.66 -1.78
CA ALA R 99 -3.25 -43.32 -1.90
C ALA R 99 -1.75 -43.33 -1.70
N TRP R 100 -1.11 -42.25 -2.16
CA TRP R 100 0.31 -42.05 -1.81
C TRP R 100 0.47 -41.83 -0.33
N ASN R 101 -0.35 -40.95 0.23
CA ASN R 101 -0.31 -40.66 1.66
C ASN R 101 -1.61 -39.99 2.07
N VAL R 102 -2.00 -40.27 3.30
CA VAL R 102 -2.89 -39.41 4.05
C VAL R 102 -1.96 -38.59 4.91
N ALA R 103 -2.54 -37.64 5.64
CA ALA R 103 -1.94 -36.40 6.12
C ALA R 103 -0.49 -36.45 6.58
N THR R 104 -0.20 -37.25 7.58
CA THR R 104 1.16 -37.38 8.05
C THR R 104 1.78 -38.69 7.65
N VAL R 105 0.98 -39.66 7.26
CA VAL R 105 1.43 -41.04 7.14
C VAL R 105 1.68 -41.36 5.68
N TYR R 106 2.92 -41.67 5.36
CA TYR R 106 3.27 -42.16 4.03
C TYR R 106 2.80 -43.60 3.88
N TYR R 107 2.20 -43.89 2.73
CA TYR R 107 1.78 -45.24 2.41
C TYR R 107 2.49 -45.82 1.21
N TYR R 108 3.07 -44.97 0.38
CA TYR R 108 3.90 -45.37 -0.75
C TYR R 108 3.14 -46.25 -1.72
N TYR R 109 1.88 -45.88 -1.96
CA TYR R 109 0.91 -46.61 -2.77
C TYR R 109 0.64 -48.00 -2.25
N GLY R 110 0.75 -48.22 -0.96
CA GLY R 110 0.18 -49.42 -0.39
C GLY R 110 -1.32 -49.28 -0.26
N MET R 111 -1.98 -50.40 0.03
CA MET R 111 -3.41 -50.40 0.25
C MET R 111 -3.66 -50.47 1.74
N ASP R 112 -4.18 -49.39 2.30
CA ASP R 112 -4.29 -49.31 3.74
C ASP R 112 -5.51 -50.02 4.29
N VAL R 113 -6.69 -49.70 3.78
CA VAL R 113 -7.94 -50.05 4.41
C VAL R 113 -8.78 -50.78 3.36
N TRP R 114 -9.62 -51.68 3.83
CA TRP R 114 -10.25 -52.68 2.98
C TRP R 114 -11.69 -52.85 3.39
N GLY R 115 -12.53 -53.26 2.45
CA GLY R 115 -13.86 -53.71 2.76
C GLY R 115 -13.82 -55.17 3.16
N GLN R 116 -14.97 -55.68 3.60
CA GLN R 116 -15.03 -57.05 4.09
C GLN R 116 -14.98 -58.09 2.98
N GLY R 117 -15.42 -57.72 1.80
CA GLY R 117 -15.28 -58.61 0.67
C GLY R 117 -16.45 -59.56 0.52
N THR R 118 -16.87 -59.73 -0.73
CA THR R 118 -18.01 -60.55 -1.06
C THR R 118 -17.58 -61.64 -2.02
N LEU R 119 -18.12 -62.84 -1.80
CA LEU R 119 -18.02 -63.95 -2.72
C LEU R 119 -19.15 -63.85 -3.73
N VAL R 120 -18.80 -63.76 -5.01
CA VAL R 120 -19.78 -63.63 -6.09
C VAL R 120 -19.54 -64.76 -7.08
N THR R 121 -20.61 -65.44 -7.45
CA THR R 121 -20.55 -66.63 -8.28
C THR R 121 -21.35 -66.45 -9.56
N VAL R 122 -20.70 -66.72 -10.69
CA VAL R 122 -21.35 -66.78 -11.99
C VAL R 122 -21.71 -68.23 -12.27
N SER R 123 -23.00 -68.50 -12.43
CA SER R 123 -23.47 -69.83 -12.77
C SER R 123 -24.79 -69.72 -13.51
N SER R 124 -25.26 -70.85 -14.01
CA SER R 124 -26.53 -70.89 -14.72
C SER R 124 -27.69 -70.85 -13.75
#